data_4Y4H
#
_entry.id   4Y4H
#
_cell.length_a   79.417
_cell.length_b   150.379
_cell.length_c   102.490
_cell.angle_alpha   90.000
_cell.angle_beta   96.380
_cell.angle_gamma   90.000
#
_symmetry.space_group_name_H-M   'P 1 21 1'
#
loop_
_entity.id
_entity.type
_entity.pdbx_description
1 polymer 'Antigen-presenting glycoprotein CD1d1'
2 polymer Beta-2-microglobulin
3 polymer 'Chimeric TCR Valpha14/Jalpha18 chain (mouse variable domain/ human constant domain)'
4 polymer 'Chimeric TCR Vbeta8.2 chain (mouse variable domain/ human constant domain)'
5 branched 2-acetamido-2-deoxy-beta-D-glucopyranose-(1-4)-2-acetamido-2-deoxy-beta-D-glucopyranose
6 non-polymer 2-acetamido-2-deoxy-beta-D-glucopyranose
7 non-polymer (1R)-1,5-anhydro-1-{(1E,3S,4S,5R)-4,5-dihydroxy-3-[(8-phenyloctanoyl)amino]nonadec-1-en-1-yl}-D-galactitol
#
loop_
_entity_poly.entity_id
_entity_poly.type
_entity_poly.pdbx_seq_one_letter_code
_entity_poly.pdbx_strand_id
1 'polypeptide(L)'
;SEAQQKNYTFRCLQMSSFANRSWSRTDSVVWLGDLQTHRWSNDSATISFTKPWSQGKLSNQQWEKLQHMFQVYRVSFTRD
IQELVKMMSPKEDYPIEIQLSAGCEMYPGNASESFLHVAFQGKYVVRFWGTSWQTVPGAPSWLDLPIKVLNADQGTSATV
QMLLNDTCPLFVRGLLEAGKSDLEKQEKPVAWLSSVPSSAHGHRQLVCHVSGFYPKPVWVMWMRGDQEQQGTHRGDFLPN
ADETWYLQATLDVEAGEEAGLACRVKHSSLGGQDIILYWHHHHHH
;
A,E
2 'polypeptide(L)'
;IQKTPQIQVYSRHPPENGKPNILNCYVTQFHPPHIEIQMLKNGKKIPKVEMSDMSFSKDWSFYILAHTEFTPTETDTYAC
RVKHASMAEPKTVYWDRDM
;
B,F
3 'polypeptide(L)'
;MKTQVEQSPQSLVVRQGENCVLQCNYSVTPDNHLRWFKQDTGKGLVSLTVLVDQKDKTSNGRYSATLDKDAKHSTLHITA
TLLDDTATYICVVGDRGSALGRLHFGAGTQLIVIPDIQNPDPAVYQLRDSKSSDKSVCLFTDFDSQTNVSQSKDSDVYIT
DKCVLDMRSMDFKSNSAVAWSNKSDFACANAFNNSIIPEDTFFPSPESS
;
C,G
4 'polypeptide(L)'
;MEAAVTQSPRNKVAVTGGKVTLSCNQTNNHNNMYWYRQDTGHGLRLIHYSYGAGSTEKGDIPDGYKASRPSQENFSLILE
LATPSQTSVYFCASGDEGYTQYFGPGTRLLVLEDLRNVTPPKVSLFEPSKAEISHTQKATLVCLATGFYPDHVELSWWVN
GKEVHSGVCTDPQPLKEQPALNDSRYSLSSRLRVSATFWQNPRNHFRCQVQFYGLSENDEWTQDRAKPVTQIVSAEAWGR
A
;
D,H
#
loop_
_chem_comp.id
_chem_comp.type
_chem_comp.name
_chem_comp.formula
49X non-polymer (1R)-1,5-anhydro-1-{(1E,3S,4S,5R)-4,5-dihydroxy-3-[(8-phenyloctanoyl)amino]nonadec-1-en-1-yl}-D-galactitol 'C39 H67 N O8'
NAG D-saccharide, beta linking 2-acetamido-2-deoxy-beta-D-glucopyranose 'C8 H15 N O6'
#
# COMPACT_ATOMS: atom_id res chain seq x y z
N ASN A 7 -9.67 -43.76 -5.75
CA ASN A 7 -8.32 -43.26 -6.15
C ASN A 7 -8.30 -41.79 -6.52
N TYR A 8 -8.07 -40.93 -5.53
CA TYR A 8 -8.08 -39.47 -5.72
C TYR A 8 -6.69 -38.88 -6.03
N THR A 9 -6.66 -37.83 -6.85
CA THR A 9 -5.42 -37.08 -7.15
C THR A 9 -5.55 -35.64 -6.70
N PHE A 10 -4.61 -35.23 -5.84
CA PHE A 10 -4.54 -33.88 -5.30
C PHE A 10 -3.51 -33.07 -6.10
N ARG A 11 -3.92 -31.87 -6.51
CA ARG A 11 -3.10 -31.00 -7.37
C ARG A 11 -2.98 -29.61 -6.81
N CYS A 12 -1.75 -29.12 -6.70
CA CYS A 12 -1.50 -27.67 -6.58
C CYS A 12 -0.97 -27.18 -7.90
N LEU A 13 -1.60 -26.12 -8.39
CA LEU A 13 -1.28 -25.60 -9.69
C LEU A 13 -0.77 -24.14 -9.60
N GLN A 14 0.47 -23.92 -10.04
CA GLN A 14 1.04 -22.57 -10.09
C GLN A 14 1.25 -22.07 -11.52
N MET A 15 0.99 -20.77 -11.75
CA MET A 15 1.28 -20.14 -13.04
C MET A 15 1.86 -18.73 -12.89
N SER A 16 3.10 -18.59 -13.34
CA SER A 16 3.80 -17.32 -13.29
C SER A 16 4.17 -16.87 -14.69
N SER A 17 3.99 -15.58 -14.95
CA SER A 17 4.35 -14.96 -16.23
C SER A 17 5.28 -13.84 -15.93
N PHE A 18 6.41 -13.83 -16.63
CA PHE A 18 7.38 -12.73 -16.58
C PHE A 18 7.39 -12.00 -17.90
N ALA A 19 6.87 -10.79 -17.90
CA ALA A 19 6.67 -10.06 -19.16
C ALA A 19 7.99 -9.54 -19.70
N ASN A 20 8.72 -8.85 -18.83
CA ASN A 20 9.99 -8.23 -19.15
C ASN A 20 10.78 -8.19 -17.86
N ARG A 21 11.99 -7.63 -17.92
CA ARG A 21 12.95 -7.67 -16.81
C ARG A 21 12.43 -7.14 -15.46
N SER A 22 11.25 -6.51 -15.43
CA SER A 22 10.75 -5.94 -14.18
C SER A 22 9.27 -6.21 -13.84
N TRP A 23 8.48 -6.63 -14.82
CA TRP A 23 7.06 -6.90 -14.59
C TRP A 23 6.74 -8.37 -14.59
N SER A 24 6.02 -8.84 -13.55
CA SER A 24 5.57 -10.26 -13.44
C SER A 24 4.42 -10.54 -12.48
N ARG A 25 3.78 -11.69 -12.62
CA ARG A 25 2.80 -12.14 -11.60
C ARG A 25 2.72 -13.66 -11.43
N THR A 26 2.08 -14.10 -10.34
CA THR A 26 2.03 -15.50 -9.96
C THR A 26 0.71 -15.85 -9.27
N ASP A 27 -0.05 -16.72 -9.90
CA ASP A 27 -1.34 -17.14 -9.34
C ASP A 27 -1.38 -18.66 -9.20
N SER A 28 -2.17 -19.15 -8.24
CA SER A 28 -2.28 -20.59 -7.97
C SER A 28 -3.70 -21.06 -7.64
N VAL A 29 -3.92 -22.37 -7.73
CA VAL A 29 -5.22 -23.03 -7.43
C VAL A 29 -5.01 -24.49 -7.04
N VAL A 30 -5.90 -25.03 -6.21
CA VAL A 30 -5.72 -26.39 -5.68
C VAL A 30 -6.95 -27.29 -5.82
N TRP A 31 -6.76 -28.51 -6.33
CA TRP A 31 -7.86 -29.47 -6.55
C TRP A 31 -7.66 -30.76 -5.82
N LEU A 32 -8.75 -31.27 -5.25
CA LEU A 32 -8.85 -32.69 -4.93
C LEU A 32 -9.80 -33.23 -5.97
N GLY A 33 -9.34 -34.24 -6.72
CA GLY A 33 -10.09 -34.78 -7.86
C GLY A 33 -10.58 -33.66 -8.78
N ASP A 34 -11.89 -33.45 -8.79
CA ASP A 34 -12.50 -32.41 -9.63
C ASP A 34 -13.24 -31.31 -8.85
N LEU A 35 -12.90 -31.14 -7.58
CA LEU A 35 -13.50 -30.11 -6.76
C LEU A 35 -12.38 -29.21 -6.19
N GLN A 36 -12.55 -27.88 -6.34
CA GLN A 36 -11.49 -26.92 -6.01
C GLN A 36 -11.45 -26.58 -4.54
N THR A 37 -10.26 -26.69 -3.96
CA THR A 37 -10.07 -26.54 -2.52
C THR A 37 -9.42 -25.20 -2.11
N HIS A 38 -8.52 -24.68 -2.93
CA HIS A 38 -7.81 -23.41 -2.62
C HIS A 38 -7.59 -22.52 -3.80
N ARG A 39 -7.46 -21.23 -3.52
CA ARG A 39 -7.10 -20.21 -4.52
C ARG A 39 -6.07 -19.31 -3.88
N TRP A 40 -5.02 -18.95 -4.62
CA TRP A 40 -4.09 -17.91 -4.17
C TRP A 40 -3.79 -16.95 -5.27
N SER A 41 -4.38 -15.77 -5.17
CA SER A 41 -4.20 -14.74 -6.18
C SER A 41 -2.86 -14.08 -5.99
N ASN A 42 -2.35 -13.42 -7.04
CA ASN A 42 -1.12 -12.61 -6.95
C ASN A 42 -1.31 -11.43 -6.03
N ASP A 43 -2.49 -10.81 -6.11
CA ASP A 43 -2.86 -9.63 -5.31
C ASP A 43 -2.97 -9.98 -3.85
N SER A 44 -3.50 -11.18 -3.57
CA SER A 44 -3.71 -11.64 -2.20
C SER A 44 -2.41 -12.00 -1.48
N ALA A 45 -2.29 -11.58 -0.22
CA ALA A 45 -1.09 -11.86 0.55
C ALA A 45 -1.20 -13.23 1.22
N THR A 46 -2.41 -13.78 1.27
CA THR A 46 -2.61 -15.09 1.88
C THR A 46 -3.44 -16.02 1.00
N ILE A 47 -3.19 -17.32 1.12
CA ILE A 47 -4.01 -18.32 0.45
C ILE A 47 -5.45 -18.37 1.01
N SER A 48 -6.40 -18.74 0.16
CA SER A 48 -7.80 -18.76 0.52
C SER A 48 -8.38 -20.17 0.40
N PHE A 49 -9.32 -20.49 1.29
CA PHE A 49 -10.09 -21.74 1.19
C PHE A 49 -11.30 -21.54 0.26
N THR A 50 -11.56 -22.53 -0.60
CA THR A 50 -12.76 -22.49 -1.44
C THR A 50 -13.81 -23.59 -1.08
N LYS A 51 -13.55 -24.25 0.04
CA LYS A 51 -14.49 -25.15 0.68
C LYS A 51 -14.42 -24.88 2.17
N PRO A 52 -15.40 -25.38 2.93
CA PRO A 52 -15.38 -25.23 4.39
C PRO A 52 -14.35 -26.13 5.03
N TRP A 53 -14.03 -27.22 4.35
CA TRP A 53 -13.14 -28.25 4.89
C TRP A 53 -11.75 -28.24 4.32
N SER A 54 -11.38 -27.13 3.67
CA SER A 54 -10.08 -26.99 3.01
C SER A 54 -8.88 -27.17 3.95
N GLN A 55 -9.02 -26.78 5.22
CA GLN A 55 -7.91 -26.89 6.19
C GLN A 55 -7.64 -28.34 6.64
N GLY A 56 -8.34 -29.31 6.04
CA GLY A 56 -8.23 -30.73 6.38
C GLY A 56 -8.20 -30.94 7.88
N LYS A 57 -7.43 -31.91 8.34
CA LYS A 57 -7.27 -32.15 9.79
C LYS A 57 -6.09 -31.38 10.42
N LEU A 58 -5.65 -30.31 9.75
CA LEU A 58 -4.56 -29.50 10.27
C LEU A 58 -5.07 -28.48 11.30
N SER A 59 -4.25 -28.24 12.31
CA SER A 59 -4.52 -27.22 13.33
C SER A 59 -4.34 -25.83 12.74
N ASN A 60 -4.78 -24.82 13.47
CA ASN A 60 -4.55 -23.46 13.06
C ASN A 60 -3.09 -23.09 13.04
N GLN A 61 -2.34 -23.56 14.03
CA GLN A 61 -0.91 -23.27 14.11
C GLN A 61 -0.18 -23.96 12.95
N GLN A 62 -0.38 -25.27 12.84
CA GLN A 62 0.12 -26.07 11.72
C GLN A 62 -0.07 -25.38 10.36
N TRP A 63 -1.32 -25.01 10.05
CA TRP A 63 -1.62 -24.31 8.81
C TRP A 63 -0.90 -22.98 8.67
N GLU A 64 -0.92 -22.13 9.70
CA GLU A 64 -0.31 -20.81 9.58
C GLU A 64 1.19 -20.92 9.31
N LYS A 65 1.83 -21.95 9.85
CA LYS A 65 3.26 -22.23 9.55
C LYS A 65 3.39 -22.49 8.06
N LEU A 66 2.65 -23.49 7.57
CA LEU A 66 2.65 -23.88 6.16
C LEU A 66 2.41 -22.73 5.18
N GLN A 67 1.46 -21.86 5.49
CA GLN A 67 1.22 -20.69 4.65
C GLN A 67 2.41 -19.74 4.59
N HIS A 68 3.07 -19.55 5.72
CA HIS A 68 4.14 -18.56 5.78
C HIS A 68 5.33 -18.97 4.95
N MET A 69 5.60 -20.27 4.99
CA MET A 69 6.62 -20.89 4.16
C MET A 69 6.39 -20.51 2.69
N PHE A 70 5.17 -20.79 2.18
CA PHE A 70 4.78 -20.47 0.81
C PHE A 70 4.86 -18.99 0.48
N GLN A 71 4.45 -18.14 1.43
CA GLN A 71 4.49 -16.69 1.27
C GLN A 71 5.89 -16.21 0.94
N VAL A 72 6.86 -16.76 1.67
CA VAL A 72 8.30 -16.51 1.45
C VAL A 72 8.67 -17.05 0.07
N TYR A 73 8.27 -18.30 -0.18
CA TYR A 73 8.55 -18.97 -1.45
C TYR A 73 8.19 -18.12 -2.67
N ARG A 74 6.97 -17.62 -2.69
CA ARG A 74 6.53 -16.82 -3.82
C ARG A 74 7.50 -15.69 -4.15
N VAL A 75 7.89 -14.93 -3.12
CA VAL A 75 8.80 -13.80 -3.32
C VAL A 75 10.17 -14.27 -3.81
N SER A 76 10.70 -15.30 -3.15
CA SER A 76 11.99 -15.88 -3.51
C SER A 76 11.95 -16.31 -4.95
N PHE A 77 10.98 -17.18 -5.26
CA PHE A 77 10.79 -17.71 -6.61
C PHE A 77 10.79 -16.60 -7.69
N THR A 78 10.14 -15.48 -7.43
CA THR A 78 10.16 -14.43 -8.45
C THR A 78 11.57 -13.95 -8.77
N ARG A 79 12.34 -13.56 -7.76
CA ARG A 79 13.68 -13.00 -8.01
C ARG A 79 14.58 -14.06 -8.66
N ASP A 80 14.39 -15.30 -8.23
CA ASP A 80 15.20 -16.39 -8.71
C ASP A 80 15.06 -16.63 -10.22
N ILE A 81 13.82 -16.67 -10.70
CA ILE A 81 13.59 -16.85 -12.11
C ILE A 81 14.28 -15.72 -12.84
N GLN A 82 13.96 -14.49 -12.43
CA GLN A 82 14.63 -13.31 -13.00
C GLN A 82 16.15 -13.41 -13.03
N GLU A 83 16.77 -13.94 -11.97
CA GLU A 83 18.22 -14.08 -11.97
C GLU A 83 18.62 -15.12 -13.00
N LEU A 84 17.98 -16.28 -12.93
CA LEU A 84 18.21 -17.35 -13.89
C LEU A 84 18.08 -16.91 -15.35
N VAL A 85 17.39 -15.81 -15.62
CA VAL A 85 17.37 -15.28 -16.97
C VAL A 85 18.71 -14.61 -17.28
N LYS A 86 19.10 -13.67 -16.44
CA LYS A 86 20.39 -13.02 -16.55
C LYS A 86 21.46 -14.09 -16.74
N MET A 87 21.25 -15.24 -16.15
CA MET A 87 22.25 -16.28 -16.10
C MET A 87 22.30 -17.00 -17.44
N MET A 88 21.27 -16.82 -18.26
CA MET A 88 21.24 -17.44 -19.59
C MET A 88 21.59 -16.43 -20.65
N SER A 89 20.93 -15.27 -20.58
CA SER A 89 20.95 -14.26 -21.64
C SER A 89 22.35 -14.01 -22.23
N PRO A 90 22.43 -13.81 -23.57
CA PRO A 90 21.28 -13.61 -24.48
C PRO A 90 20.55 -14.89 -24.91
N LYS A 91 21.08 -16.06 -24.51
CA LYS A 91 20.47 -17.36 -24.81
C LYS A 91 18.96 -17.44 -24.50
N GLU A 92 18.49 -16.79 -23.43
CA GLU A 92 17.05 -16.79 -23.09
C GLU A 92 16.42 -15.41 -23.13
N ASP A 93 15.11 -15.35 -23.37
CA ASP A 93 14.42 -14.07 -23.49
C ASP A 93 12.90 -14.05 -23.25
N TYR A 94 12.43 -12.94 -22.69
CA TYR A 94 11.03 -12.67 -22.34
C TYR A 94 10.11 -12.62 -23.56
N PRO A 95 8.77 -12.75 -23.37
CA PRO A 95 8.07 -13.04 -22.12
C PRO A 95 8.26 -14.50 -21.74
N ILE A 96 8.23 -14.78 -20.44
CA ILE A 96 8.49 -16.13 -19.98
C ILE A 96 7.28 -16.61 -19.20
N GLU A 97 6.95 -17.86 -19.43
CA GLU A 97 5.79 -18.46 -18.85
C GLU A 97 6.20 -19.72 -18.11
N ILE A 98 5.94 -19.76 -16.80
CA ILE A 98 6.24 -20.98 -16.01
C ILE A 98 5.03 -21.53 -15.27
N GLN A 99 4.89 -22.86 -15.32
CA GLN A 99 3.82 -23.56 -14.62
C GLN A 99 4.42 -24.69 -13.82
N LEU A 100 3.90 -24.87 -12.61
CA LEU A 100 4.22 -26.05 -11.79
C LEU A 100 2.94 -26.78 -11.37
N SER A 101 2.95 -28.09 -11.51
CA SER A 101 1.88 -28.96 -11.03
C SER A 101 2.47 -29.92 -10.02
N ALA A 102 1.97 -29.87 -8.81
CA ALA A 102 2.48 -30.75 -7.75
C ALA A 102 1.37 -31.29 -6.86
N GLY A 103 1.53 -32.52 -6.40
CA GLY A 103 0.58 -33.12 -5.48
C GLY A 103 0.90 -34.56 -5.20
N CYS A 104 -0.07 -35.27 -4.60
CA CYS A 104 0.05 -36.71 -4.32
C CYS A 104 -1.25 -37.42 -4.64
N GLU A 105 -1.13 -38.61 -5.22
CA GLU A 105 -2.29 -39.41 -5.63
C GLU A 105 -2.49 -40.58 -4.67
N MET A 106 -3.70 -40.71 -4.13
CA MET A 106 -3.98 -41.68 -3.04
C MET A 106 -4.45 -43.05 -3.50
N TYR A 107 -3.97 -44.09 -2.80
CA TYR A 107 -4.31 -45.50 -3.11
C TYR A 107 -4.89 -46.23 -1.89
N PRO A 108 -5.40 -47.47 -2.09
CA PRO A 108 -5.88 -48.30 -0.96
C PRO A 108 -4.82 -48.54 0.14
N GLY A 109 -5.24 -48.41 1.39
CA GLY A 109 -4.34 -48.60 2.53
C GLY A 109 -3.70 -47.31 2.99
N ASN A 110 -2.38 -47.21 2.81
CA ASN A 110 -1.64 -46.00 3.11
C ASN A 110 -0.81 -45.49 1.93
N ALA A 111 -0.83 -46.25 0.84
CA ALA A 111 0.01 -45.99 -0.34
C ALA A 111 -0.33 -44.71 -1.11
N SER A 112 0.70 -43.91 -1.42
CA SER A 112 0.57 -42.72 -2.26
C SER A 112 1.85 -42.46 -3.07
N GLU A 113 1.74 -41.68 -4.13
CA GLU A 113 2.90 -41.29 -4.92
C GLU A 113 2.80 -39.81 -5.23
N SER A 114 3.81 -39.04 -4.81
CA SER A 114 3.85 -37.59 -5.02
C SER A 114 4.59 -37.19 -6.28
N PHE A 115 4.40 -35.95 -6.72
CA PHE A 115 5.04 -35.46 -7.94
C PHE A 115 5.26 -33.95 -7.87
N LEU A 116 6.29 -33.49 -8.58
CA LEU A 116 6.46 -32.05 -8.81
C LEU A 116 6.95 -31.86 -10.24
N HIS A 117 6.10 -31.25 -11.05
CA HIS A 117 6.32 -31.18 -12.48
C HIS A 117 6.33 -29.75 -12.93
N VAL A 118 7.39 -29.36 -13.63
CA VAL A 118 7.53 -27.97 -14.07
C VAL A 118 7.48 -27.84 -15.61
N ALA A 119 6.79 -26.80 -16.08
CA ALA A 119 6.74 -26.52 -17.50
C ALA A 119 7.25 -25.11 -17.85
N PHE A 120 8.19 -25.07 -18.77
CA PHE A 120 8.75 -23.82 -19.24
C PHE A 120 8.15 -23.53 -20.59
N GLN A 121 7.58 -22.33 -20.73
CA GLN A 121 7.02 -21.90 -22.01
C GLN A 121 6.13 -22.99 -22.62
N GLY A 122 5.23 -23.55 -21.81
CA GLY A 122 4.20 -24.47 -22.29
C GLY A 122 4.57 -25.94 -22.44
N LYS A 123 5.84 -26.26 -22.25
CA LYS A 123 6.26 -27.61 -22.42
C LYS A 123 6.93 -28.12 -21.14
N TYR A 124 6.66 -29.38 -20.79
CA TYR A 124 7.14 -30.03 -19.57
C TYR A 124 8.64 -30.31 -19.65
N VAL A 125 9.42 -29.78 -18.70
CA VAL A 125 10.90 -29.81 -18.80
C VAL A 125 11.65 -30.29 -17.57
N VAL A 126 11.11 -30.00 -16.39
CA VAL A 126 11.81 -30.29 -15.13
C VAL A 126 10.87 -30.94 -14.13
N ARG A 127 11.37 -31.94 -13.42
CA ARG A 127 10.61 -32.54 -12.33
C ARG A 127 11.48 -32.66 -11.11
N PHE A 128 10.87 -32.82 -9.95
CA PHE A 128 11.64 -33.14 -8.75
C PHE A 128 11.52 -34.64 -8.49
N TRP A 129 12.64 -35.33 -8.41
CA TRP A 129 12.59 -36.77 -8.34
C TRP A 129 13.63 -37.27 -7.41
N GLY A 130 13.17 -37.94 -6.36
CA GLY A 130 14.08 -38.55 -5.38
C GLY A 130 14.53 -37.54 -4.36
N THR A 131 15.73 -36.98 -4.59
CA THR A 131 16.30 -35.99 -3.67
C THR A 131 16.86 -34.73 -4.36
N SER A 132 16.50 -34.53 -5.63
CA SER A 132 17.01 -33.42 -6.42
C SER A 132 16.18 -33.15 -7.67
N TRP A 133 16.41 -31.99 -8.28
CA TRP A 133 15.78 -31.61 -9.53
C TRP A 133 16.48 -32.28 -10.65
N GLN A 134 15.71 -32.74 -11.61
CA GLN A 134 16.28 -33.30 -12.81
C GLN A 134 15.52 -32.78 -14.01
N THR A 135 16.11 -32.89 -15.19
CA THR A 135 15.40 -32.58 -16.44
C THR A 135 14.79 -33.87 -16.99
N VAL A 136 13.69 -33.74 -17.71
CA VAL A 136 13.02 -34.87 -18.35
C VAL A 136 13.46 -34.98 -19.81
N PRO A 137 13.14 -36.11 -20.48
CA PRO A 137 13.53 -36.23 -21.89
C PRO A 137 12.87 -35.17 -22.78
N GLY A 138 13.61 -34.64 -23.74
CA GLY A 138 13.10 -33.58 -24.61
C GLY A 138 13.54 -32.18 -24.18
N ALA A 139 14.04 -32.06 -22.95
CA ALA A 139 14.38 -30.76 -22.39
C ALA A 139 15.59 -30.12 -23.07
N PRO A 140 15.54 -28.79 -23.30
CA PRO A 140 16.70 -28.11 -23.89
C PRO A 140 17.90 -28.18 -22.94
N SER A 141 19.09 -28.40 -23.51
CA SER A 141 20.29 -28.65 -22.73
C SER A 141 20.70 -27.54 -21.77
N TRP A 142 20.41 -26.30 -22.14
CA TRP A 142 20.92 -25.19 -21.37
C TRP A 142 20.40 -25.24 -19.98
N LEU A 143 19.26 -25.91 -19.82
CA LEU A 143 18.63 -26.07 -18.50
C LEU A 143 19.46 -26.79 -17.45
N ASP A 144 20.51 -27.47 -17.89
CA ASP A 144 21.41 -28.15 -16.97
C ASP A 144 22.03 -27.18 -15.95
N LEU A 145 22.38 -25.98 -16.39
CA LEU A 145 23.01 -25.00 -15.52
C LEU A 145 22.06 -24.55 -14.40
N PRO A 146 20.86 -24.07 -14.75
CA PRO A 146 19.87 -23.82 -13.70
C PRO A 146 19.70 -25.04 -12.77
N ILE A 147 19.35 -26.20 -13.31
CA ILE A 147 19.24 -27.40 -12.46
C ILE A 147 20.37 -27.55 -11.45
N LYS A 148 21.59 -27.22 -11.90
CA LYS A 148 22.79 -27.36 -11.07
C LYS A 148 22.76 -26.36 -9.89
N VAL A 149 22.32 -25.15 -10.18
CA VAL A 149 22.15 -24.13 -9.16
C VAL A 149 21.05 -24.51 -8.19
N LEU A 150 19.85 -24.83 -8.71
CA LEU A 150 18.78 -25.34 -7.87
C LEU A 150 19.24 -26.51 -6.97
N ASN A 151 19.97 -27.45 -7.53
CA ASN A 151 20.46 -28.55 -6.73
C ASN A 151 21.58 -28.13 -5.76
N ALA A 152 22.20 -26.99 -5.99
CA ALA A 152 23.21 -26.49 -5.06
C ALA A 152 22.59 -26.20 -3.68
N ASP A 153 21.31 -25.82 -3.66
CA ASP A 153 20.61 -25.32 -2.49
C ASP A 153 19.99 -26.46 -1.66
N GLN A 154 20.74 -26.90 -0.65
CA GLN A 154 20.35 -28.05 0.17
C GLN A 154 19.15 -27.80 1.05
N GLY A 155 19.04 -26.60 1.61
CA GLY A 155 17.83 -26.16 2.31
C GLY A 155 16.54 -26.50 1.56
N THR A 156 16.37 -25.87 0.41
CA THR A 156 15.25 -26.15 -0.49
C THR A 156 14.98 -27.63 -0.72
N SER A 157 16.03 -28.39 -1.04
CA SER A 157 15.87 -29.81 -1.30
C SER A 157 15.20 -30.54 -0.14
N ALA A 158 15.79 -30.38 1.04
CA ALA A 158 15.24 -30.88 2.28
C ALA A 158 13.74 -30.58 2.35
N THR A 159 13.41 -29.29 2.38
CA THR A 159 12.02 -28.83 2.44
C THR A 159 11.10 -29.51 1.43
N VAL A 160 11.58 -29.64 0.20
CA VAL A 160 10.76 -30.20 -0.86
C VAL A 160 10.54 -31.70 -0.65
N GLN A 161 11.59 -32.42 -0.22
CA GLN A 161 11.42 -33.85 0.07
C GLN A 161 10.36 -34.09 1.13
N MET A 162 10.38 -33.22 2.14
CA MET A 162 9.47 -33.26 3.28
C MET A 162 8.01 -33.09 2.81
N LEU A 163 7.73 -32.01 2.09
CA LEU A 163 6.39 -31.76 1.60
C LEU A 163 5.93 -32.93 0.76
N LEU A 164 6.78 -33.38 -0.14
CA LEU A 164 6.37 -34.41 -1.08
C LEU A 164 6.21 -35.78 -0.42
N ASN A 165 7.15 -36.13 0.46
CA ASN A 165 7.11 -37.45 1.10
C ASN A 165 6.04 -37.53 2.18
N ASP A 166 6.06 -36.54 3.08
CA ASP A 166 5.30 -36.60 4.33
C ASP A 166 4.06 -35.72 4.35
N THR A 167 4.26 -34.41 4.30
CA THR A 167 3.19 -33.42 4.41
C THR A 167 2.03 -33.63 3.43
N CYS A 168 2.31 -33.79 2.15
CA CYS A 168 1.24 -33.97 1.17
C CYS A 168 0.31 -35.10 1.58
N PRO A 169 0.82 -36.36 1.64
CA PRO A 169 -0.07 -37.49 1.94
C PRO A 169 -0.85 -37.30 3.24
N LEU A 170 -0.12 -36.99 4.31
CA LEU A 170 -0.74 -36.75 5.59
C LEU A 170 -1.90 -35.77 5.45
N PHE A 171 -1.68 -34.69 4.73
CA PHE A 171 -2.71 -33.67 4.56
C PHE A 171 -3.94 -34.14 3.74
N VAL A 172 -3.69 -34.96 2.72
CA VAL A 172 -4.76 -35.45 1.87
C VAL A 172 -5.61 -36.50 2.62
N ARG A 173 -4.94 -37.42 3.31
CA ARG A 173 -5.64 -38.38 4.19
C ARG A 173 -6.60 -37.65 5.13
N GLY A 174 -6.15 -36.50 5.65
CA GLY A 174 -6.98 -35.61 6.47
C GLY A 174 -8.02 -34.84 5.68
N LEU A 175 -7.65 -34.38 4.48
CA LEU A 175 -8.59 -33.67 3.62
C LEU A 175 -9.74 -34.58 3.18
N LEU A 176 -9.43 -35.85 2.94
CA LEU A 176 -10.42 -36.86 2.52
C LEU A 176 -11.52 -37.18 3.55
N GLU A 177 -11.15 -37.16 4.84
CA GLU A 177 -12.13 -37.32 5.90
C GLU A 177 -13.03 -36.10 5.97
N ALA A 178 -12.42 -34.92 6.10
CA ALA A 178 -13.16 -33.70 6.40
C ALA A 178 -14.08 -33.25 5.28
N GLY A 179 -13.88 -33.79 4.07
CA GLY A 179 -14.70 -33.40 2.94
C GLY A 179 -15.42 -34.54 2.25
N LYS A 180 -15.58 -35.66 2.96
CA LYS A 180 -16.22 -36.90 2.44
C LYS A 180 -17.67 -36.69 1.98
N SER A 181 -18.42 -35.90 2.75
CA SER A 181 -19.81 -35.54 2.41
C SER A 181 -19.92 -34.97 0.99
N ASP A 182 -19.06 -34.00 0.67
CA ASP A 182 -19.07 -33.32 -0.64
C ASP A 182 -18.50 -34.20 -1.74
N LEU A 183 -17.50 -35.02 -1.41
CA LEU A 183 -16.86 -35.88 -2.39
C LEU A 183 -17.77 -37.02 -2.82
N GLU A 184 -18.53 -37.57 -1.88
CA GLU A 184 -19.46 -38.66 -2.14
C GLU A 184 -20.88 -38.15 -2.42
N LYS A 185 -21.06 -36.83 -2.46
CA LYS A 185 -22.35 -36.22 -2.81
C LYS A 185 -22.85 -36.71 -4.15
N GLN A 186 -24.16 -36.98 -4.22
CA GLN A 186 -24.77 -37.46 -5.45
C GLN A 186 -25.70 -36.42 -6.04
N GLU A 187 -25.46 -36.08 -7.31
CA GLU A 187 -26.30 -35.13 -8.03
C GLU A 187 -26.90 -35.76 -9.27
N LYS A 188 -28.21 -35.57 -9.44
CA LYS A 188 -28.97 -36.21 -10.52
C LYS A 188 -28.95 -35.41 -11.81
N PRO A 189 -28.57 -36.06 -12.93
CA PRO A 189 -28.53 -35.48 -14.27
C PRO A 189 -29.90 -35.02 -14.79
N VAL A 190 -29.92 -33.91 -15.51
CA VAL A 190 -31.12 -33.44 -16.19
C VAL A 190 -30.84 -33.51 -17.70
N ALA A 191 -31.68 -34.23 -18.43
CA ALA A 191 -31.47 -34.44 -19.88
C ALA A 191 -32.55 -33.79 -20.75
N TRP A 192 -32.11 -33.23 -21.87
CA TRP A 192 -33.01 -32.75 -22.92
C TRP A 192 -32.44 -33.00 -24.28
N LEU A 193 -33.32 -32.97 -25.28
CA LEU A 193 -32.96 -33.30 -26.64
C LEU A 193 -33.16 -32.11 -27.58
N SER A 194 -32.50 -32.17 -28.73
CA SER A 194 -32.69 -31.25 -29.86
C SER A 194 -31.91 -31.82 -31.04
N SER A 195 -31.97 -31.12 -32.18
CA SER A 195 -31.23 -31.54 -33.38
C SER A 195 -30.86 -30.33 -34.25
N VAL A 196 -29.79 -30.49 -35.01
CA VAL A 196 -29.29 -29.41 -35.86
C VAL A 196 -29.05 -29.89 -37.31
N PRO A 197 -29.40 -29.05 -38.31
CA PRO A 197 -29.32 -29.44 -39.72
C PRO A 197 -27.90 -29.71 -40.21
N ARG A 204 -29.77 -35.25 -40.06
CA ARG A 204 -29.87 -34.32 -38.95
C ARG A 204 -29.22 -34.92 -37.69
N GLN A 205 -28.26 -34.20 -37.12
CA GLN A 205 -27.60 -34.64 -35.89
C GLN A 205 -28.45 -34.32 -34.66
N LEU A 206 -28.87 -35.36 -33.94
CA LEU A 206 -29.66 -35.20 -32.73
C LEU A 206 -28.74 -35.10 -31.53
N VAL A 207 -29.09 -34.23 -30.58
CA VAL A 207 -28.26 -34.00 -29.39
C VAL A 207 -29.00 -34.37 -28.11
N CYS A 208 -28.32 -35.13 -27.27
CA CYS A 208 -28.80 -35.48 -25.95
C CYS A 208 -27.96 -34.69 -24.94
N HIS A 209 -28.48 -33.54 -24.52
CA HIS A 209 -27.79 -32.68 -23.55
C HIS A 209 -27.98 -33.22 -22.16
N VAL A 210 -26.88 -33.55 -21.49
CA VAL A 210 -26.94 -33.98 -20.09
C VAL A 210 -26.21 -32.95 -19.21
N SER A 211 -26.87 -32.49 -18.17
CA SER A 211 -26.31 -31.43 -17.34
C SER A 211 -26.71 -31.49 -15.89
N GLY A 212 -25.72 -31.41 -15.00
CA GLY A 212 -25.93 -31.26 -13.55
C GLY A 212 -25.51 -32.45 -12.72
N PHE A 213 -24.83 -33.40 -13.36
CA PHE A 213 -24.53 -34.66 -12.69
C PHE A 213 -23.18 -34.71 -12.02
N TYR A 214 -23.14 -35.37 -10.87
CA TYR A 214 -21.90 -35.58 -10.11
C TYR A 214 -22.02 -36.88 -9.32
N PRO A 215 -20.94 -37.69 -9.24
CA PRO A 215 -19.61 -37.56 -9.87
C PRO A 215 -19.62 -37.66 -11.38
N LYS A 216 -18.43 -37.60 -11.99
CA LYS A 216 -18.27 -37.58 -13.45
C LYS A 216 -18.48 -38.91 -14.18
N PRO A 217 -18.25 -40.07 -13.51
CA PRO A 217 -18.55 -41.31 -14.24
C PRO A 217 -20.02 -41.37 -14.62
N VAL A 218 -20.28 -41.49 -15.91
CA VAL A 218 -21.64 -41.46 -16.44
C VAL A 218 -21.74 -42.33 -17.69
N TRP A 219 -22.93 -42.87 -17.93
CA TRP A 219 -23.16 -43.70 -19.10
C TRP A 219 -24.34 -43.15 -19.87
N VAL A 220 -24.05 -42.59 -21.04
CA VAL A 220 -25.08 -42.00 -21.89
C VAL A 220 -25.06 -42.66 -23.27
N MET A 221 -26.18 -43.31 -23.62
CA MET A 221 -26.30 -44.02 -24.89
C MET A 221 -27.67 -43.81 -25.54
N TRP A 222 -27.66 -43.75 -26.87
CA TRP A 222 -28.87 -43.71 -27.68
C TRP A 222 -29.41 -45.10 -27.88
N MET A 223 -30.74 -45.23 -27.81
CA MET A 223 -31.40 -46.53 -27.89
C MET A 223 -32.56 -46.53 -28.88
N ARG A 224 -32.65 -47.59 -29.68
CA ARG A 224 -33.88 -47.92 -30.40
C ARG A 224 -34.50 -49.10 -29.67
N GLY A 225 -35.20 -48.79 -28.58
CA GLY A 225 -35.73 -49.80 -27.67
C GLY A 225 -34.63 -50.45 -26.85
N ASP A 226 -34.00 -51.47 -27.42
CA ASP A 226 -32.92 -52.22 -26.78
C ASP A 226 -31.66 -52.28 -27.63
N GLN A 227 -31.80 -51.92 -28.91
CA GLN A 227 -30.68 -51.88 -29.85
C GLN A 227 -29.75 -50.70 -29.53
N GLU A 228 -28.60 -51.00 -28.92
CA GLU A 228 -27.62 -49.98 -28.55
C GLU A 228 -27.01 -49.32 -29.79
N GLN A 229 -27.38 -48.05 -29.98
CA GLN A 229 -26.95 -47.29 -31.15
C GLN A 229 -25.44 -47.03 -31.09
N GLN A 230 -24.74 -47.50 -32.12
CA GLN A 230 -23.28 -47.40 -32.20
C GLN A 230 -22.79 -46.10 -32.85
N GLY A 231 -23.70 -45.42 -33.55
CA GLY A 231 -23.41 -44.13 -34.16
C GLY A 231 -23.38 -42.98 -33.17
N THR A 232 -23.57 -43.30 -31.89
CA THR A 232 -23.56 -42.30 -30.81
C THR A 232 -22.15 -41.71 -30.66
N HIS A 233 -22.06 -40.38 -30.67
CA HIS A 233 -20.79 -39.66 -30.55
C HIS A 233 -20.78 -38.82 -29.29
N ARG A 234 -20.01 -39.28 -28.29
CA ARG A 234 -19.90 -38.61 -26.99
C ARG A 234 -18.94 -37.43 -27.04
N GLY A 235 -19.30 -36.35 -26.34
CA GLY A 235 -18.49 -35.14 -26.30
C GLY A 235 -17.51 -35.12 -25.14
N ASP A 236 -16.99 -33.93 -24.83
CA ASP A 236 -16.09 -33.74 -23.69
C ASP A 236 -16.88 -33.27 -22.49
N PHE A 237 -16.40 -33.63 -21.31
CA PHE A 237 -17.04 -33.21 -20.08
C PHE A 237 -16.78 -31.73 -19.85
N LEU A 238 -17.84 -30.92 -19.80
CA LEU A 238 -17.67 -29.49 -19.57
C LEU A 238 -18.25 -29.16 -18.21
N PRO A 239 -17.69 -28.17 -17.51
CA PRO A 239 -18.13 -27.82 -16.16
C PRO A 239 -19.26 -26.80 -16.07
N ASN A 240 -19.99 -26.81 -14.96
CA ASN A 240 -20.98 -25.79 -14.64
C ASN A 240 -20.52 -25.06 -13.37
N ALA A 241 -20.79 -23.75 -13.30
CA ALA A 241 -20.37 -22.93 -12.14
C ALA A 241 -20.63 -23.53 -10.74
N ASP A 242 -21.72 -24.28 -10.58
CA ASP A 242 -22.06 -24.90 -9.27
C ASP A 242 -21.29 -26.20 -9.03
N GLU A 243 -20.25 -26.41 -9.83
CA GLU A 243 -19.38 -27.59 -9.75
C GLU A 243 -20.03 -28.93 -10.10
N THR A 244 -20.95 -28.88 -11.07
CA THR A 244 -21.56 -30.09 -11.62
C THR A 244 -21.07 -30.29 -13.04
N TRP A 245 -21.30 -31.47 -13.61
CA TRP A 245 -20.82 -31.78 -14.94
C TRP A 245 -21.88 -31.71 -16.01
N TYR A 246 -21.48 -31.19 -17.17
CA TYR A 246 -22.31 -31.19 -18.37
C TYR A 246 -21.60 -32.02 -19.46
N LEU A 247 -22.38 -32.84 -20.18
CA LEU A 247 -21.87 -33.58 -21.33
C LEU A 247 -22.97 -33.66 -22.38
N GLN A 248 -22.61 -33.96 -23.62
CA GLN A 248 -23.61 -34.21 -24.64
C GLN A 248 -23.22 -35.30 -25.63
N ALA A 249 -24.23 -35.94 -26.21
CA ALA A 249 -24.06 -37.04 -27.17
C ALA A 249 -24.86 -36.77 -28.43
N THR A 250 -24.15 -36.79 -29.57
CA THR A 250 -24.75 -36.52 -30.88
C THR A 250 -24.91 -37.80 -31.69
N LEU A 251 -26.03 -37.91 -32.40
CA LEU A 251 -26.27 -39.03 -33.30
C LEU A 251 -26.58 -38.52 -34.71
N ASP A 252 -25.81 -38.99 -35.69
CA ASP A 252 -26.04 -38.66 -37.10
C ASP A 252 -27.11 -39.57 -37.72
N VAL A 253 -28.28 -39.01 -38.01
CA VAL A 253 -29.42 -39.80 -38.53
C VAL A 253 -30.08 -39.23 -39.80
N GLU A 254 -30.74 -40.11 -40.55
CA GLU A 254 -31.49 -39.74 -41.77
C GLU A 254 -32.88 -39.22 -41.42
N ALA A 255 -33.35 -38.26 -42.23
CA ALA A 255 -34.62 -37.57 -42.00
C ALA A 255 -35.81 -38.54 -41.94
N GLY A 256 -36.56 -38.45 -40.84
CA GLY A 256 -37.75 -39.29 -40.65
C GLY A 256 -37.68 -40.16 -39.40
N GLU A 257 -36.48 -40.65 -39.10
CA GLU A 257 -36.26 -41.61 -38.00
C GLU A 257 -36.16 -40.96 -36.62
N GLU A 258 -36.74 -39.76 -36.49
CA GLU A 258 -36.75 -38.99 -35.24
C GLU A 258 -37.61 -39.64 -34.15
N ALA A 259 -38.84 -40.01 -34.52
CA ALA A 259 -39.77 -40.66 -33.62
C ALA A 259 -39.33 -42.09 -33.32
N GLY A 260 -39.35 -42.44 -32.04
CA GLY A 260 -38.96 -43.77 -31.60
C GLY A 260 -37.68 -43.82 -30.79
N LEU A 261 -36.61 -43.25 -31.35
CA LEU A 261 -35.30 -43.21 -30.67
C LEU A 261 -35.36 -42.44 -29.36
N ALA A 262 -34.65 -42.96 -28.36
CA ALA A 262 -34.65 -42.41 -27.01
C ALA A 262 -33.25 -42.41 -26.40
N CYS A 263 -33.03 -41.50 -25.47
CA CYS A 263 -31.76 -41.41 -24.78
C CYS A 263 -31.86 -42.12 -23.43
N ARG A 264 -30.90 -42.99 -23.15
CA ARG A 264 -30.84 -43.68 -21.85
C ARG A 264 -29.60 -43.24 -21.06
N VAL A 265 -29.78 -43.03 -19.76
CA VAL A 265 -28.73 -42.51 -18.89
C VAL A 265 -28.54 -43.39 -17.66
N LYS A 266 -27.31 -43.86 -17.46
CA LYS A 266 -26.95 -44.57 -16.23
C LYS A 266 -26.09 -43.68 -15.34
N HIS A 267 -26.51 -43.52 -14.09
CA HIS A 267 -25.77 -42.72 -13.10
C HIS A 267 -26.07 -43.19 -11.71
N SER A 268 -25.07 -43.07 -10.83
CA SER A 268 -25.17 -43.50 -9.43
C SER A 268 -26.18 -42.71 -8.58
N SER A 269 -26.53 -41.51 -9.03
CA SER A 269 -27.45 -40.62 -8.33
C SER A 269 -28.90 -41.06 -8.48
N LEU A 270 -29.16 -41.90 -9.49
CA LEU A 270 -30.49 -42.38 -9.82
C LEU A 270 -30.88 -43.61 -9.00
N GLY A 271 -29.98 -44.58 -8.94
CA GLY A 271 -30.14 -45.77 -8.10
C GLY A 271 -31.10 -46.80 -8.66
N GLY A 272 -30.92 -47.15 -9.94
CA GLY A 272 -31.78 -48.11 -10.60
C GLY A 272 -32.79 -47.48 -11.54
N GLN A 273 -33.27 -46.28 -11.19
CA GLN A 273 -34.22 -45.55 -12.03
C GLN A 273 -33.51 -44.74 -13.12
N ASP A 274 -33.27 -45.36 -14.28
CA ASP A 274 -32.58 -44.73 -15.40
C ASP A 274 -33.43 -43.68 -16.09
N ILE A 275 -32.81 -42.54 -16.39
CA ILE A 275 -33.48 -41.51 -17.19
C ILE A 275 -33.66 -42.04 -18.61
N ILE A 276 -34.88 -41.92 -19.12
CA ILE A 276 -35.22 -42.34 -20.46
C ILE A 276 -36.23 -41.36 -21.05
N LEU A 277 -35.80 -40.63 -22.08
CA LEU A 277 -36.61 -39.58 -22.71
C LEU A 277 -36.73 -39.83 -24.20
N TYR A 278 -37.96 -39.87 -24.69
CA TYR A 278 -38.26 -40.18 -26.10
C TYR A 278 -38.43 -38.92 -26.95
N TRP A 279 -38.10 -39.01 -28.23
CA TRP A 279 -38.43 -37.91 -29.14
C TRP A 279 -39.86 -38.01 -29.60
N GLN B 2 2.54 -20.93 -29.32
CA GLN B 2 1.20 -20.35 -28.97
C GLN B 2 0.06 -21.31 -29.31
N LYS B 3 -0.70 -21.70 -28.29
CA LYS B 3 -1.90 -22.51 -28.47
C LYS B 3 -3.08 -21.58 -28.78
N THR B 4 -3.97 -22.03 -29.67
CA THR B 4 -5.10 -21.20 -30.12
C THR B 4 -6.46 -21.65 -29.51
N PRO B 5 -7.21 -20.71 -28.88
CA PRO B 5 -8.34 -21.03 -27.97
C PRO B 5 -9.53 -21.71 -28.61
N GLN B 6 -10.16 -22.63 -27.88
CA GLN B 6 -11.46 -23.22 -28.28
C GLN B 6 -12.56 -22.71 -27.34
N ILE B 7 -13.62 -22.15 -27.93
CA ILE B 7 -14.74 -21.60 -27.17
C ILE B 7 -15.96 -22.53 -27.22
N GLN B 8 -16.64 -22.69 -26.09
CA GLN B 8 -17.87 -23.49 -26.02
C GLN B 8 -18.95 -22.81 -25.16
N VAL B 9 -19.99 -22.33 -25.84
CA VAL B 9 -21.14 -21.73 -25.16
C VAL B 9 -22.26 -22.75 -24.96
N TYR B 10 -22.91 -22.68 -23.79
CA TYR B 10 -23.98 -23.60 -23.43
C TYR B 10 -24.73 -23.12 -22.18
N SER B 11 -25.87 -23.74 -21.89
CA SER B 11 -26.68 -23.33 -20.75
C SER B 11 -26.73 -24.37 -19.61
N ARG B 12 -26.99 -23.87 -18.41
CA ARG B 12 -27.05 -24.69 -17.19
C ARG B 12 -28.27 -25.62 -17.17
N HIS B 13 -29.46 -25.04 -17.36
CA HIS B 13 -30.74 -25.75 -17.37
C HIS B 13 -31.25 -25.83 -18.80
N PRO B 14 -32.28 -26.66 -19.05
CA PRO B 14 -32.92 -26.65 -20.38
C PRO B 14 -33.40 -25.26 -20.80
N PRO B 15 -33.23 -24.90 -22.08
CA PRO B 15 -33.60 -23.57 -22.52
C PRO B 15 -35.11 -23.43 -22.82
N GLU B 16 -35.78 -22.62 -22.01
CA GLU B 16 -37.19 -22.30 -22.23
C GLU B 16 -37.32 -20.79 -22.36
N ASN B 17 -37.83 -20.34 -23.51
CA ASN B 17 -38.00 -18.92 -23.77
C ASN B 17 -38.74 -18.19 -22.64
N GLY B 18 -38.13 -17.13 -22.12
CA GLY B 18 -38.75 -16.28 -21.12
C GLY B 18 -38.42 -16.66 -19.69
N LYS B 19 -37.85 -17.86 -19.51
CA LYS B 19 -37.47 -18.35 -18.17
C LYS B 19 -35.98 -18.09 -17.85
N PRO B 20 -35.70 -17.48 -16.67
CA PRO B 20 -34.31 -17.19 -16.27
C PRO B 20 -33.45 -18.46 -16.21
N ASN B 21 -32.16 -18.30 -16.43
CA ASN B 21 -31.23 -19.41 -16.58
C ASN B 21 -29.79 -18.93 -16.42
N ILE B 22 -28.82 -19.81 -16.69
CA ILE B 22 -27.41 -19.45 -16.68
C ILE B 22 -26.74 -19.89 -18.00
N LEU B 23 -26.03 -18.95 -18.61
CA LEU B 23 -25.24 -19.18 -19.83
C LEU B 23 -23.77 -19.38 -19.49
N ASN B 24 -23.14 -20.32 -20.18
CA ASN B 24 -21.76 -20.71 -19.93
C ASN B 24 -20.86 -20.46 -21.12
N CYS B 25 -19.91 -19.53 -20.97
CA CYS B 25 -18.78 -19.44 -21.89
C CYS B 25 -17.56 -20.13 -21.27
N TYR B 26 -17.00 -21.08 -22.00
CA TYR B 26 -15.93 -21.90 -21.49
C TYR B 26 -14.78 -22.08 -22.51
N VAL B 27 -13.73 -21.28 -22.28
CA VAL B 27 -12.55 -21.24 -23.14
C VAL B 27 -11.43 -22.15 -22.64
N THR B 28 -10.77 -22.82 -23.59
CA THR B 28 -9.77 -23.84 -23.28
C THR B 28 -8.68 -23.91 -24.35
N GLN B 29 -7.71 -24.79 -24.10
CA GLN B 29 -6.60 -25.08 -25.01
C GLN B 29 -5.88 -23.83 -25.54
N PHE B 30 -5.68 -22.84 -24.67
CA PHE B 30 -4.91 -21.65 -25.03
C PHE B 30 -3.59 -21.48 -24.28
N HIS B 31 -2.65 -20.77 -24.92
CA HIS B 31 -1.35 -20.39 -24.36
C HIS B 31 -0.80 -19.27 -25.19
N PRO B 32 -0.27 -18.22 -24.56
CA PRO B 32 -0.08 -17.86 -23.15
C PRO B 32 -1.38 -17.46 -22.43
N PRO B 33 -1.39 -17.55 -21.08
CA PRO B 33 -2.57 -17.32 -20.23
C PRO B 33 -3.13 -15.92 -20.19
N HIS B 34 -2.64 -14.99 -20.98
CA HIS B 34 -3.34 -13.70 -21.03
C HIS B 34 -4.47 -13.69 -22.06
N ILE B 35 -5.69 -13.44 -21.59
CA ILE B 35 -6.88 -13.48 -22.45
C ILE B 35 -7.94 -12.46 -22.03
N GLU B 36 -8.63 -11.88 -23.01
CA GLU B 36 -9.79 -11.02 -22.73
C GLU B 36 -11.07 -11.74 -23.18
N ILE B 37 -12.04 -11.83 -22.27
CA ILE B 37 -13.29 -12.54 -22.53
C ILE B 37 -14.52 -11.68 -22.20
N GLN B 38 -15.40 -11.50 -23.20
CA GLN B 38 -16.69 -10.83 -23.00
C GLN B 38 -17.88 -11.71 -23.40
N MET B 39 -18.96 -11.58 -22.62
CA MET B 39 -20.21 -12.20 -22.97
C MET B 39 -21.20 -11.12 -23.44
N LEU B 40 -21.84 -11.37 -24.59
CA LEU B 40 -22.61 -10.33 -25.28
C LEU B 40 -24.09 -10.66 -25.45
N LYS B 41 -24.96 -9.71 -25.10
CA LYS B 41 -26.39 -9.79 -25.39
C LYS B 41 -26.73 -8.82 -26.51
N ASN B 42 -26.96 -9.37 -27.70
CA ASN B 42 -27.19 -8.58 -28.92
C ASN B 42 -25.97 -7.77 -29.36
N GLY B 43 -24.78 -8.34 -29.19
CA GLY B 43 -23.54 -7.66 -29.54
C GLY B 43 -23.14 -6.52 -28.61
N LYS B 44 -23.87 -6.39 -27.50
CA LYS B 44 -23.53 -5.43 -26.44
C LYS B 44 -23.00 -6.17 -25.19
N LYS B 45 -21.98 -5.59 -24.55
CA LYS B 45 -21.28 -6.22 -23.41
C LYS B 45 -22.10 -6.20 -22.09
N ILE B 46 -22.53 -7.38 -21.64
CA ILE B 46 -23.16 -7.55 -20.33
C ILE B 46 -22.19 -7.18 -19.21
N PRO B 47 -22.61 -6.32 -18.25
CA PRO B 47 -21.71 -5.75 -17.22
C PRO B 47 -21.13 -6.71 -16.18
N LYS B 48 -21.97 -7.27 -15.31
CA LYS B 48 -21.48 -8.08 -14.20
C LYS B 48 -21.37 -9.58 -14.56
N VAL B 49 -20.35 -9.92 -15.35
CA VAL B 49 -20.09 -11.31 -15.75
C VAL B 49 -19.10 -11.98 -14.78
N GLU B 50 -19.44 -13.19 -14.34
CA GLU B 50 -18.62 -13.94 -13.38
C GLU B 50 -17.59 -14.84 -14.07
N MET B 51 -16.38 -14.83 -13.52
CA MET B 51 -15.23 -15.56 -14.06
C MET B 51 -14.68 -16.47 -12.99
N SER B 52 -14.53 -17.74 -13.31
CA SER B 52 -13.84 -18.67 -12.43
C SER B 52 -12.35 -18.42 -12.48
N ASP B 53 -11.61 -19.00 -11.54
CA ASP B 53 -10.15 -18.89 -11.50
C ASP B 53 -9.52 -19.66 -12.65
N MET B 54 -8.44 -19.12 -13.21
CA MET B 54 -7.75 -19.83 -14.29
C MET B 54 -7.05 -21.07 -13.74
N SER B 55 -6.88 -22.07 -14.57
CA SER B 55 -6.26 -23.32 -14.17
C SER B 55 -5.80 -24.00 -15.45
N PHE B 56 -5.25 -25.20 -15.37
CA PHE B 56 -4.80 -25.87 -16.59
C PHE B 56 -4.90 -27.41 -16.50
N SER B 57 -5.03 -28.05 -17.65
CA SER B 57 -5.19 -29.50 -17.70
C SER B 57 -3.86 -30.23 -17.59
N LYS B 58 -3.93 -31.55 -17.48
CA LYS B 58 -2.74 -32.41 -17.44
C LYS B 58 -1.79 -32.21 -18.63
N ASP B 59 -2.30 -31.65 -19.73
CA ASP B 59 -1.48 -31.38 -20.92
C ASP B 59 -0.97 -29.93 -20.92
N TRP B 60 -1.18 -29.26 -19.80
CA TRP B 60 -0.67 -27.91 -19.56
C TRP B 60 -1.47 -26.80 -20.14
N SER B 61 -2.59 -27.12 -20.78
CA SER B 61 -3.38 -26.07 -21.47
C SER B 61 -4.33 -25.35 -20.54
N PHE B 62 -4.37 -24.03 -20.63
CA PHE B 62 -5.19 -23.20 -19.76
C PHE B 62 -6.67 -23.31 -20.11
N TYR B 63 -7.52 -23.20 -19.11
CA TYR B 63 -8.97 -23.16 -19.33
C TYR B 63 -9.64 -22.20 -18.32
N ILE B 64 -10.72 -21.56 -18.73
CA ILE B 64 -11.43 -20.65 -17.82
C ILE B 64 -12.95 -20.60 -18.13
N LEU B 65 -13.76 -20.55 -17.08
CA LEU B 65 -15.20 -20.51 -17.26
C LEU B 65 -15.78 -19.12 -16.94
N ALA B 66 -16.43 -18.54 -17.94
CA ALA B 66 -17.17 -17.31 -17.76
C ALA B 66 -18.66 -17.62 -17.81
N HIS B 67 -19.42 -17.02 -16.91
CA HIS B 67 -20.86 -17.28 -16.83
C HIS B 67 -21.67 -16.08 -16.39
N THR B 68 -22.91 -16.03 -16.86
CA THR B 68 -23.86 -14.97 -16.53
C THR B 68 -25.30 -15.48 -16.53
N GLU B 69 -26.15 -14.81 -15.77
CA GLU B 69 -27.59 -15.07 -15.76
C GLU B 69 -28.20 -14.50 -17.02
N PHE B 70 -29.05 -15.28 -17.69
CA PHE B 70 -29.80 -14.77 -18.84
C PHE B 70 -31.23 -15.32 -18.90
N THR B 71 -32.07 -14.66 -19.70
CA THR B 71 -33.45 -15.06 -19.92
C THR B 71 -33.70 -15.17 -21.44
N PRO B 72 -33.48 -16.37 -22.00
CA PRO B 72 -33.56 -16.58 -23.46
C PRO B 72 -34.91 -16.20 -24.07
N THR B 73 -34.89 -15.63 -25.27
CA THR B 73 -36.10 -15.27 -26.04
C THR B 73 -35.81 -15.55 -27.51
N GLU B 74 -36.86 -15.85 -28.29
CA GLU B 74 -36.66 -16.21 -29.71
C GLU B 74 -35.98 -15.08 -30.47
N THR B 75 -36.17 -13.86 -29.96
CA THR B 75 -35.61 -12.64 -30.54
C THR B 75 -34.08 -12.44 -30.28
N ASP B 76 -33.69 -12.40 -29.00
CA ASP B 76 -32.33 -12.05 -28.56
C ASP B 76 -31.22 -13.03 -28.94
N THR B 77 -30.05 -12.49 -29.28
CA THR B 77 -28.84 -13.28 -29.50
C THR B 77 -27.84 -13.11 -28.35
N TYR B 78 -27.13 -14.20 -28.06
CA TYR B 78 -26.13 -14.27 -27.01
C TYR B 78 -24.80 -14.83 -27.53
N ALA B 79 -23.71 -14.11 -27.25
CA ALA B 79 -22.39 -14.47 -27.79
C ALA B 79 -21.23 -14.35 -26.80
N CYS B 80 -20.06 -14.81 -27.24
CA CYS B 80 -18.83 -14.72 -26.46
C CYS B 80 -17.64 -14.28 -27.31
N ARG B 81 -17.15 -13.05 -27.08
CA ARG B 81 -15.95 -12.53 -27.78
C ARG B 81 -14.68 -12.71 -26.94
N VAL B 82 -13.64 -13.24 -27.59
CA VAL B 82 -12.39 -13.54 -26.93
C VAL B 82 -11.22 -12.98 -27.73
N LYS B 83 -10.49 -12.05 -27.12
CA LYS B 83 -9.26 -11.51 -27.71
C LYS B 83 -8.05 -12.25 -27.13
N HIS B 84 -7.17 -12.71 -28.02
CA HIS B 84 -6.00 -13.47 -27.61
C HIS B 84 -4.87 -13.30 -28.60
N ALA B 85 -3.65 -13.29 -28.06
CA ALA B 85 -2.42 -13.16 -28.82
C ALA B 85 -2.32 -14.05 -30.05
N SER B 86 -2.85 -15.27 -29.97
CA SER B 86 -2.72 -16.25 -31.06
C SER B 86 -3.70 -16.03 -32.22
N MET B 87 -4.48 -14.95 -32.14
CA MET B 87 -5.41 -14.57 -33.20
C MET B 87 -5.29 -13.08 -33.51
N ALA B 88 -5.20 -12.75 -34.80
CA ALA B 88 -5.21 -11.35 -35.22
C ALA B 88 -6.61 -10.75 -35.06
N GLU B 89 -7.61 -11.55 -35.40
CA GLU B 89 -8.99 -11.13 -35.31
C GLU B 89 -9.63 -11.76 -34.08
N PRO B 90 -10.32 -10.94 -33.24
CA PRO B 90 -11.15 -11.46 -32.14
C PRO B 90 -12.13 -12.54 -32.61
N LYS B 91 -12.28 -13.59 -31.81
CA LYS B 91 -13.17 -14.69 -32.19
C LYS B 91 -14.48 -14.58 -31.43
N THR B 92 -15.60 -14.69 -32.16
CA THR B 92 -16.94 -14.66 -31.56
C THR B 92 -17.70 -15.95 -31.81
N VAL B 93 -18.32 -16.47 -30.75
CA VAL B 93 -19.11 -17.68 -30.83
C VAL B 93 -20.50 -17.36 -30.25
N TYR B 94 -21.54 -17.67 -31.02
CA TYR B 94 -22.94 -17.40 -30.63
C TYR B 94 -23.61 -18.63 -30.04
N TRP B 95 -24.43 -18.41 -29.02
CA TRP B 95 -25.21 -19.45 -28.41
C TRP B 95 -26.21 -20.01 -29.39
N ASP B 96 -26.39 -21.34 -29.36
CA ASP B 96 -27.26 -22.04 -30.26
C ASP B 96 -27.99 -23.11 -29.45
N ARG B 97 -29.31 -23.13 -29.48
CA ARG B 97 -30.08 -24.05 -28.63
C ARG B 97 -30.10 -25.54 -29.04
N THR C 3 20.06 -1.32 4.92
CA THR C 3 20.80 -1.83 6.10
C THR C 3 19.95 -2.74 6.98
N GLN C 4 19.84 -3.98 6.53
CA GLN C 4 19.12 -5.01 7.25
C GLN C 4 20.07 -5.81 8.13
N VAL C 5 21.35 -5.43 8.13
CA VAL C 5 22.35 -6.06 8.99
C VAL C 5 22.95 -5.02 9.95
N GLU C 6 22.79 -5.25 11.25
CA GLU C 6 23.24 -4.27 12.23
C GLU C 6 24.19 -4.91 13.22
N GLN C 7 25.39 -4.35 13.35
CA GLN C 7 26.40 -4.86 14.29
C GLN C 7 26.57 -4.01 15.56
N SER C 8 26.89 -4.65 16.68
CA SER C 8 27.12 -3.91 17.92
C SER C 8 28.09 -4.68 18.80
N PRO C 9 28.95 -3.99 19.56
CA PRO C 9 29.17 -2.56 19.59
C PRO C 9 29.79 -2.07 18.31
N GLN C 10 29.83 -0.76 18.15
CA GLN C 10 30.42 -0.13 16.98
C GLN C 10 31.92 -0.37 17.04
N SER C 11 32.49 -0.07 18.21
CA SER C 11 33.89 -0.34 18.46
C SER C 11 34.07 -0.60 19.94
N LEU C 12 35.17 -1.27 20.28
CA LEU C 12 35.49 -1.59 21.65
C LEU C 12 37.00 -1.82 21.86
N VAL C 13 37.48 -1.60 23.09
CA VAL C 13 38.89 -1.72 23.40
C VAL C 13 39.08 -2.73 24.50
N VAL C 14 39.92 -3.74 24.27
CA VAL C 14 40.22 -4.71 25.34
C VAL C 14 41.72 -4.97 25.64
N ARG C 15 41.98 -5.46 26.85
CA ARG C 15 43.31 -5.82 27.24
C ARG C 15 43.57 -7.26 26.83
N GLN C 16 44.76 -7.47 26.30
CA GLN C 16 45.20 -8.76 25.85
C GLN C 16 44.87 -9.83 26.86
N GLY C 17 44.26 -10.91 26.42
CA GLY C 17 44.03 -12.04 27.30
C GLY C 17 42.61 -12.05 27.83
N GLU C 18 41.92 -10.93 27.66
CA GLU C 18 40.50 -10.87 27.98
C GLU C 18 39.66 -11.46 26.85
N ASN C 19 38.39 -11.72 27.15
CA ASN C 19 37.45 -12.21 26.16
C ASN C 19 36.52 -11.13 25.71
N CYS C 20 35.95 -11.29 24.52
CA CYS C 20 34.92 -10.35 24.10
C CYS C 20 33.85 -11.04 23.27
N VAL C 21 32.72 -10.37 23.14
CA VAL C 21 31.60 -10.93 22.43
C VAL C 21 31.11 -9.89 21.45
N LEU C 22 30.83 -10.31 20.23
CA LEU C 22 30.33 -9.38 19.23
C LEU C 22 28.97 -9.83 18.74
N GLN C 23 28.13 -8.85 18.41
CA GLN C 23 26.72 -9.04 18.13
C GLN C 23 26.43 -8.69 16.69
N CYS C 24 25.47 -9.42 16.13
CA CYS C 24 24.93 -9.19 14.80
C CYS C 24 23.44 -9.48 14.84
N ASN C 25 22.66 -8.50 14.43
CA ASN C 25 21.23 -8.69 14.34
C ASN C 25 20.81 -8.22 12.99
N TYR C 26 19.91 -8.97 12.37
CA TYR C 26 19.59 -8.76 10.95
C TYR C 26 18.11 -9.00 10.70
N SER C 27 17.60 -8.44 9.61
CA SER C 27 16.21 -8.66 9.21
C SER C 27 16.06 -9.33 7.83
N VAL C 28 17.17 -9.43 7.09
CA VAL C 28 17.24 -10.10 5.79
C VAL C 28 16.31 -11.30 5.71
N THR C 29 15.44 -11.36 4.68
CA THR C 29 14.62 -12.56 4.47
C THR C 29 14.76 -13.12 3.04
N PRO C 30 14.96 -14.44 2.89
CA PRO C 30 15.28 -15.44 3.90
C PRO C 30 16.74 -15.32 4.34
N ASP C 31 17.15 -16.19 5.25
CA ASP C 31 18.46 -16.12 5.87
C ASP C 31 19.02 -17.53 5.87
N ASN C 32 19.66 -17.85 4.75
CA ASN C 32 20.17 -19.18 4.51
C ASN C 32 21.35 -19.44 5.44
N HIS C 33 22.30 -18.51 5.46
CA HIS C 33 23.49 -18.68 6.28
C HIS C 33 24.01 -17.33 6.66
N LEU C 34 24.81 -17.31 7.73
CA LEU C 34 25.46 -16.11 8.23
C LEU C 34 26.95 -16.39 8.38
N ARG C 35 27.77 -15.42 7.98
CA ARG C 35 29.21 -15.64 7.95
C ARG C 35 29.93 -14.51 8.65
N TRP C 36 31.01 -14.82 9.38
CA TRP C 36 31.86 -13.78 10.01
C TRP C 36 33.19 -13.59 9.31
N PHE C 37 33.54 -12.34 9.01
CA PHE C 37 34.80 -12.02 8.35
C PHE C 37 35.66 -11.19 9.26
N LYS C 38 36.97 -11.43 9.20
CA LYS C 38 37.96 -10.59 9.88
C LYS C 38 38.65 -9.74 8.82
N GLN C 39 38.80 -8.43 9.06
CA GLN C 39 39.51 -7.58 8.10
C GLN C 39 40.56 -6.72 8.78
N ASP C 40 41.85 -7.02 8.54
CA ASP C 40 42.95 -6.20 9.07
C ASP C 40 42.99 -4.86 8.37
N THR C 41 43.43 -3.82 9.08
CA THR C 41 43.45 -2.46 8.52
C THR C 41 44.22 -2.48 7.23
N GLY C 42 43.65 -1.89 6.18
CA GLY C 42 44.25 -1.94 4.85
C GLY C 42 44.09 -3.26 4.09
N LYS C 43 44.21 -4.39 4.79
CA LYS C 43 44.01 -5.70 4.16
C LYS C 43 42.59 -6.04 3.61
N GLY C 44 42.36 -7.32 3.32
CA GLY C 44 41.09 -7.78 2.76
C GLY C 44 40.37 -8.70 3.73
N LEU C 45 39.41 -9.45 3.20
CA LEU C 45 38.43 -10.15 4.05
C LEU C 45 38.74 -11.63 4.26
N VAL C 46 39.19 -12.00 5.46
CA VAL C 46 39.37 -13.42 5.81
C VAL C 46 38.14 -14.01 6.51
N SER C 47 37.56 -15.05 5.93
CA SER C 47 36.45 -15.76 6.57
C SER C 47 36.90 -16.49 7.86
N LEU C 48 36.12 -16.37 8.93
CA LEU C 48 36.44 -17.04 10.20
C LEU C 48 35.51 -18.21 10.47
N THR C 49 34.25 -18.08 10.07
CA THR C 49 33.21 -19.08 10.34
C THR C 49 31.93 -18.81 9.53
N VAL C 50 31.15 -19.87 9.31
CA VAL C 50 29.83 -19.77 8.65
C VAL C 50 28.79 -20.68 9.34
N LEU C 51 27.69 -20.06 9.76
CA LEU C 51 26.64 -20.76 10.51
C LEU C 51 25.43 -20.94 9.60
N VAL C 52 24.81 -22.11 9.69
CA VAL C 52 23.79 -22.48 8.68
C VAL C 52 22.48 -22.99 9.23
N ASP C 53 22.52 -23.67 10.37
CA ASP C 53 21.30 -24.25 10.92
C ASP C 53 20.37 -23.23 11.65
N GLN C 54 19.20 -23.69 12.07
CA GLN C 54 18.20 -22.86 12.73
C GLN C 54 18.71 -22.42 14.12
N LYS C 55 19.33 -23.37 14.82
CA LYS C 55 20.09 -23.08 16.03
C LYS C 55 21.46 -23.71 15.82
N ASP C 56 22.45 -22.86 15.62
CA ASP C 56 23.75 -23.32 15.17
C ASP C 56 24.84 -22.84 16.10
N LYS C 57 25.90 -23.65 16.18
CA LYS C 57 27.12 -23.33 16.91
C LYS C 57 28.33 -23.79 16.08
N THR C 58 29.35 -22.96 16.01
CA THR C 58 30.58 -23.32 15.33
C THR C 58 31.73 -22.88 16.21
N SER C 59 32.92 -23.41 15.94
CA SER C 59 34.13 -22.92 16.57
C SER C 59 35.31 -23.12 15.67
N ASN C 60 36.19 -22.13 15.66
CA ASN C 60 37.39 -22.20 14.85
C ASN C 60 38.54 -21.59 15.66
N GLY C 61 39.27 -22.43 16.39
CA GLY C 61 40.35 -21.97 17.24
C GLY C 61 39.76 -21.23 18.43
N ARG C 62 40.25 -20.02 18.68
CA ARG C 62 39.78 -19.19 19.79
C ARG C 62 38.48 -18.49 19.42
N TYR C 63 38.06 -18.62 18.17
CA TYR C 63 36.81 -18.03 17.70
C TYR C 63 35.71 -19.06 17.86
N SER C 64 34.56 -18.60 18.32
CA SER C 64 33.37 -19.43 18.32
C SER C 64 32.16 -18.53 18.06
N ALA C 65 31.10 -19.12 17.51
CA ALA C 65 29.94 -18.32 17.13
C ALA C 65 28.67 -19.11 17.32
N THR C 66 27.56 -18.37 17.46
CA THR C 66 26.24 -18.99 17.55
C THR C 66 25.30 -18.30 16.56
N LEU C 67 24.35 -19.06 16.04
CA LEU C 67 23.28 -18.48 15.26
C LEU C 67 21.97 -18.99 15.78
N ASP C 68 21.01 -18.07 15.93
CA ASP C 68 19.62 -18.44 16.20
C ASP C 68 18.68 -17.69 15.27
N LYS C 69 18.15 -18.46 14.29
CA LYS C 69 17.38 -17.90 13.20
C LYS C 69 15.99 -17.35 13.60
N ASP C 70 15.38 -17.93 14.65
CA ASP C 70 14.14 -17.35 15.17
C ASP C 70 14.39 -15.94 15.64
N ALA C 71 15.42 -15.76 16.46
CA ALA C 71 15.76 -14.44 16.95
C ALA C 71 16.43 -13.57 15.88
N LYS C 72 16.86 -14.18 14.77
CA LYS C 72 17.62 -13.47 13.74
C LYS C 72 18.79 -12.68 14.33
N HIS C 73 19.60 -13.41 15.10
CA HIS C 73 20.64 -12.83 15.92
C HIS C 73 21.84 -13.75 15.98
N SER C 74 23.04 -13.16 15.93
CA SER C 74 24.28 -13.92 16.00
C SER C 74 25.30 -13.30 16.94
N THR C 75 26.13 -14.15 17.56
CA THR C 75 27.24 -13.64 18.34
C THR C 75 28.55 -14.33 18.02
N LEU C 76 29.61 -13.52 17.96
CA LEU C 76 30.99 -14.01 17.84
C LEU C 76 31.74 -13.79 19.14
N HIS C 77 32.31 -14.86 19.68
CA HIS C 77 33.12 -14.85 20.90
C HIS C 77 34.55 -15.06 20.55
N ILE C 78 35.42 -14.20 21.06
CA ILE C 78 36.85 -14.39 20.95
C ILE C 78 37.37 -14.71 22.33
N THR C 79 38.00 -15.87 22.47
CA THR C 79 38.59 -16.26 23.75
C THR C 79 40.05 -15.84 23.74
N ALA C 80 40.51 -15.25 24.85
CA ALA C 80 41.94 -14.92 25.03
C ALA C 80 42.49 -14.13 23.85
N THR C 81 42.04 -12.88 23.75
CA THR C 81 42.45 -12.04 22.65
C THR C 81 43.96 -11.85 22.65
N LEU C 82 44.51 -11.82 21.46
CA LEU C 82 45.89 -11.44 21.23
C LEU C 82 45.95 -10.11 20.51
N LEU C 83 47.14 -9.52 20.47
CA LEU C 83 47.34 -8.26 19.78
C LEU C 83 46.91 -8.32 18.31
N ASP C 84 47.22 -9.42 17.62
CA ASP C 84 46.82 -9.63 16.21
C ASP C 84 45.32 -9.58 15.97
N ASP C 85 44.50 -9.69 17.02
CA ASP C 85 43.04 -9.66 16.89
C ASP C 85 42.51 -8.29 16.58
N THR C 86 43.41 -7.31 16.65
CA THR C 86 43.07 -5.93 16.33
C THR C 86 42.69 -5.82 14.85
N ALA C 87 41.40 -5.58 14.60
CA ALA C 87 40.81 -5.77 13.30
C ALA C 87 39.37 -5.24 13.31
N THR C 88 38.73 -5.21 12.16
CA THR C 88 37.30 -4.98 12.10
C THR C 88 36.65 -6.31 11.84
N TYR C 89 35.53 -6.58 12.50
CA TYR C 89 34.82 -7.83 12.29
C TYR C 89 33.53 -7.57 11.56
N ILE C 90 33.30 -8.29 10.46
CA ILE C 90 32.15 -8.01 9.60
C ILE C 90 31.18 -9.18 9.51
N CYS C 91 29.88 -8.85 9.63
CA CYS C 91 28.78 -9.82 9.66
C CYS C 91 28.14 -9.89 8.31
N VAL C 92 28.03 -11.09 7.73
CA VAL C 92 27.41 -11.21 6.40
C VAL C 92 26.33 -12.28 6.30
N VAL C 93 25.17 -11.85 5.78
CA VAL C 93 24.01 -12.72 5.67
C VAL C 93 23.64 -12.92 4.22
N GLY C 94 23.60 -14.18 3.80
CA GLY C 94 23.23 -14.56 2.42
C GLY C 94 21.83 -15.11 2.40
N ASP C 95 21.05 -14.66 1.41
CA ASP C 95 19.60 -14.95 1.36
C ASP C 95 19.15 -16.15 0.54
N ARG C 96 20.11 -16.90 -0.02
CA ARG C 96 19.83 -18.20 -0.68
C ARG C 96 21.00 -19.14 -0.37
N GLY C 97 20.81 -20.44 -0.63
CA GLY C 97 21.90 -21.40 -0.54
C GLY C 97 22.48 -21.78 -1.89
N SER C 98 22.52 -20.82 -2.81
CA SER C 98 23.13 -21.00 -4.12
C SER C 98 23.62 -19.65 -4.64
N ALA C 99 24.12 -19.63 -5.88
CA ALA C 99 24.65 -18.39 -6.47
C ALA C 99 23.54 -17.38 -6.78
N LEU C 100 22.28 -17.81 -6.61
CA LEU C 100 21.11 -16.96 -6.80
C LEU C 100 20.92 -15.94 -5.69
N GLY C 101 21.68 -16.07 -4.61
CA GLY C 101 21.56 -15.22 -3.44
C GLY C 101 22.36 -13.94 -3.54
N ARG C 102 22.06 -13.03 -2.62
CA ARG C 102 22.74 -11.75 -2.50
C ARG C 102 23.28 -11.70 -1.09
N LEU C 103 24.41 -11.06 -0.93
CA LEU C 103 25.00 -10.96 0.39
C LEU C 103 24.62 -9.64 0.99
N HIS C 104 24.42 -9.64 2.30
CA HIS C 104 24.00 -8.46 3.04
C HIS C 104 25.01 -8.20 4.09
N PHE C 105 25.70 -7.07 3.92
CA PHE C 105 26.87 -6.72 4.73
C PHE C 105 26.57 -5.78 5.90
N GLY C 106 27.01 -6.13 7.10
CA GLY C 106 27.02 -5.17 8.20
C GLY C 106 28.25 -4.29 8.02
N ALA C 107 28.28 -3.13 8.66
CA ALA C 107 29.42 -2.23 8.56
C ALA C 107 30.55 -2.57 9.55
N GLY C 108 30.40 -3.66 10.30
CA GLY C 108 31.50 -4.17 11.12
C GLY C 108 31.64 -3.59 12.50
N THR C 109 32.45 -4.23 13.33
CA THR C 109 32.73 -3.75 14.67
C THR C 109 34.23 -3.65 14.73
N GLN C 110 34.71 -2.52 15.24
CA GLN C 110 36.13 -2.26 15.35
C GLN C 110 36.71 -2.72 16.70
N LEU C 111 37.65 -3.65 16.67
CA LEU C 111 38.31 -4.10 17.87
C LEU C 111 39.75 -3.58 17.97
N ILE C 112 40.13 -3.14 19.17
CA ILE C 112 41.54 -2.88 19.50
C ILE C 112 41.96 -3.65 20.75
N VAL C 113 42.90 -4.57 20.58
CA VAL C 113 43.46 -5.27 21.73
C VAL C 113 44.68 -4.48 22.20
N ILE C 114 44.78 -4.30 23.52
CA ILE C 114 45.87 -3.54 24.13
C ILE C 114 46.92 -4.54 24.58
N PRO C 115 48.18 -4.35 24.14
CA PRO C 115 49.22 -5.36 24.35
C PRO C 115 49.70 -5.40 25.79
N ASP C 116 49.99 -6.61 26.28
CA ASP C 116 50.45 -6.81 27.64
C ASP C 116 51.96 -6.57 27.77
N ILE C 117 52.36 -5.43 28.33
CA ILE C 117 53.80 -5.15 28.51
C ILE C 117 54.35 -5.70 29.83
N GLN C 118 55.25 -6.68 29.72
CA GLN C 118 55.76 -7.43 30.88
C GLN C 118 56.77 -6.64 31.72
N ASN C 119 57.92 -6.32 31.13
CA ASN C 119 58.97 -5.60 31.87
C ASN C 119 59.27 -4.23 31.24
N PRO C 120 58.43 -3.22 31.54
CA PRO C 120 58.65 -1.87 30.98
C PRO C 120 60.03 -1.33 31.36
N ASP C 121 60.57 -0.41 30.56
CA ASP C 121 61.92 0.11 30.76
C ASP C 121 62.10 1.41 29.97
N PRO C 122 61.19 2.38 30.15
CA PRO C 122 61.14 3.59 29.33
C PRO C 122 62.48 4.29 29.17
N ALA C 123 62.74 4.73 27.94
CA ALA C 123 63.95 5.46 27.61
C ALA C 123 63.74 6.37 26.40
N VAL C 124 64.58 7.38 26.27
CA VAL C 124 64.58 8.21 25.08
C VAL C 124 65.97 8.17 24.44
N TYR C 125 66.06 7.55 23.27
CA TYR C 125 67.32 7.47 22.53
C TYR C 125 67.39 8.44 21.35
N GLN C 126 68.62 8.70 20.89
CA GLN C 126 68.85 9.52 19.71
C GLN C 126 69.51 8.67 18.62
N LEU C 127 69.01 8.81 17.39
CA LEU C 127 69.40 7.97 16.28
C LEU C 127 69.75 8.90 15.12
N ARG C 128 70.88 8.63 14.46
CA ARG C 128 71.41 9.54 13.42
C ARG C 128 71.25 9.05 11.98
N ASP C 129 70.96 9.97 11.06
CA ASP C 129 70.84 9.61 9.65
C ASP C 129 72.10 8.92 9.15
N SER C 130 71.90 7.79 8.46
CA SER C 130 73.00 6.98 7.93
C SER C 130 73.76 7.65 6.79
N LYS C 131 73.05 8.28 5.84
CA LYS C 131 73.69 8.97 4.73
C LYS C 131 74.13 10.40 5.07
N SER C 132 73.44 11.04 6.02
CA SER C 132 73.68 12.44 6.31
C SER C 132 73.67 12.71 7.82
N SER C 133 74.74 12.25 8.48
CA SER C 133 74.83 12.16 9.95
C SER C 133 74.44 13.39 10.79
N ASP C 134 74.29 14.55 10.17
CA ASP C 134 73.87 15.75 10.91
C ASP C 134 72.41 15.66 11.36
N LYS C 135 71.52 15.24 10.46
CA LYS C 135 70.09 15.07 10.75
C LYS C 135 69.85 13.86 11.66
N SER C 136 68.96 14.00 12.65
CA SER C 136 68.61 12.89 13.57
C SER C 136 67.19 12.93 14.18
N VAL C 137 66.83 11.84 14.87
CA VAL C 137 65.51 11.67 15.49
C VAL C 137 65.61 11.18 16.95
N CYS C 138 64.60 11.51 17.75
CA CYS C 138 64.50 11.06 19.16
C CYS C 138 63.38 10.02 19.34
N LEU C 139 63.72 8.91 20.00
CA LEU C 139 62.84 7.73 20.03
C LEU C 139 62.47 7.32 21.45
N PHE C 140 61.24 7.63 21.84
CA PHE C 140 60.70 7.21 23.12
C PHE C 140 60.23 5.77 22.97
N THR C 141 60.71 4.88 23.83
CA THR C 141 60.47 3.46 23.64
C THR C 141 60.44 2.65 24.93
N ASP C 142 59.97 1.42 24.81
CA ASP C 142 59.99 0.41 25.88
C ASP C 142 59.13 0.74 27.11
N PHE C 143 58.17 1.64 26.94
CA PHE C 143 57.24 2.00 28.01
C PHE C 143 55.94 1.15 28.02
N ASP C 144 55.25 1.15 29.16
CA ASP C 144 53.98 0.42 29.32
C ASP C 144 52.78 1.21 28.77
N SER C 145 51.62 0.55 28.79
CA SER C 145 50.43 1.07 28.11
C SER C 145 49.70 2.19 28.86
N GLN C 146 49.92 2.27 30.16
CA GLN C 146 49.39 3.37 30.98
C GLN C 146 49.97 4.75 30.59
N THR C 147 50.85 4.76 29.58
CA THR C 147 51.48 5.97 29.13
C THR C 147 50.87 6.43 27.81
N ASN C 148 50.37 7.66 27.79
CA ASN C 148 49.90 8.30 26.57
C ASN C 148 50.95 9.24 26.01
N VAL C 149 50.87 9.49 24.69
CA VAL C 149 51.79 10.36 23.96
C VAL C 149 51.03 11.46 23.24
N SER C 150 51.31 12.71 23.61
CA SER C 150 50.63 13.87 23.03
C SER C 150 51.35 14.37 21.79
N GLN C 151 50.60 14.93 20.85
CA GLN C 151 51.18 15.65 19.72
C GLN C 151 52.09 16.81 20.20
N SER C 152 52.65 17.58 19.27
CA SER C 152 53.64 18.59 19.66
C SER C 152 53.06 19.98 19.87
N LYS C 153 53.67 20.73 20.79
CA LYS C 153 53.35 22.14 21.02
C LYS C 153 53.69 23.02 19.82
N ASP C 154 54.90 22.83 19.26
CA ASP C 154 55.36 23.57 18.08
C ASP C 154 54.93 22.90 16.76
N SER C 155 54.56 23.72 15.78
CA SER C 155 54.15 23.21 14.47
C SER C 155 55.32 22.79 13.57
N ASP C 156 56.53 23.11 14.01
CA ASP C 156 57.76 22.77 13.28
C ASP C 156 58.43 21.54 13.88
N VAL C 157 57.80 20.97 14.90
CA VAL C 157 58.24 19.71 15.51
C VAL C 157 57.20 18.63 15.24
N TYR C 158 57.67 17.41 14.94
CA TYR C 158 56.78 16.30 14.60
C TYR C 158 56.89 15.12 15.57
N ILE C 159 55.73 14.58 15.94
CA ILE C 159 55.65 13.44 16.85
C ILE C 159 54.55 12.49 16.39
N THR C 160 54.91 11.22 16.26
CA THR C 160 54.02 10.15 15.81
C THR C 160 53.28 9.58 17.00
N ASP C 161 52.23 8.79 16.74
CA ASP C 161 51.50 8.16 17.83
C ASP C 161 52.16 6.86 18.28
N LYS C 162 51.85 6.42 19.50
CA LYS C 162 52.36 5.14 20.02
C LYS C 162 52.12 4.05 18.98
N CYS C 163 53.05 3.11 18.90
CA CYS C 163 52.93 1.99 17.97
C CYS C 163 53.61 0.79 18.63
N VAL C 164 53.01 -0.39 18.50
CA VAL C 164 53.57 -1.59 19.15
C VAL C 164 54.17 -2.57 18.13
N LEU C 165 55.34 -3.10 18.46
CA LEU C 165 56.04 -4.10 17.64
C LEU C 165 56.26 -5.40 18.42
N ASP C 166 56.22 -6.52 17.72
CA ASP C 166 56.31 -7.82 18.33
C ASP C 166 57.51 -8.51 17.72
N MET C 167 58.54 -8.68 18.54
CA MET C 167 59.70 -9.50 18.19
C MET C 167 59.29 -10.95 18.42
N ARG C 168 58.65 -11.48 17.39
CA ARG C 168 57.89 -12.72 17.45
C ARG C 168 58.70 -13.86 18.07
N SER C 169 59.82 -14.20 17.43
CA SER C 169 60.62 -15.36 17.84
C SER C 169 61.25 -15.26 19.24
N MET C 170 61.23 -14.06 19.83
CA MET C 170 61.73 -13.89 21.19
C MET C 170 60.61 -13.69 22.22
N ASP C 171 59.36 -13.72 21.75
CA ASP C 171 58.17 -13.42 22.56
C ASP C 171 58.34 -12.08 23.33
N PHE C 172 58.61 -11.02 22.58
CA PHE C 172 58.89 -9.73 23.20
C PHE C 172 58.20 -8.57 22.48
N LYS C 173 57.43 -7.77 23.23
CA LYS C 173 56.65 -6.65 22.68
C LYS C 173 57.13 -5.32 23.25
N SER C 174 57.07 -4.26 22.46
CA SER C 174 57.48 -2.93 22.95
C SER C 174 56.80 -1.76 22.23
N ASN C 175 56.39 -0.76 23.02
CA ASN C 175 55.82 0.47 22.47
C ASN C 175 56.89 1.46 22.02
N SER C 176 56.52 2.41 21.17
CA SER C 176 57.50 3.33 20.63
C SER C 176 56.86 4.53 19.97
N ALA C 177 57.47 5.70 20.15
CA ALA C 177 57.09 6.89 19.39
C ALA C 177 58.33 7.65 18.93
N VAL C 178 58.18 8.42 17.86
CA VAL C 178 59.32 8.99 17.17
C VAL C 178 59.09 10.48 17.09
N ALA C 179 60.12 11.26 17.42
CA ALA C 179 60.06 12.72 17.29
C ALA C 179 61.20 13.30 16.48
N TRP C 180 60.89 14.26 15.62
CA TRP C 180 61.91 14.98 14.87
C TRP C 180 61.57 16.43 14.59
N SER C 181 62.60 17.24 14.42
CA SER C 181 62.45 18.63 13.98
C SER C 181 63.68 19.09 13.18
N ASN C 182 63.50 20.16 12.41
CA ASN C 182 64.63 20.86 11.79
C ASN C 182 65.04 22.08 12.63
N LYS C 183 64.04 22.81 13.12
CA LYS C 183 64.26 23.95 14.02
C LYS C 183 64.26 23.50 15.47
N ASP C 185 67.75 24.01 17.78
CA ASP C 185 67.11 24.21 19.08
C ASP C 185 66.13 23.09 19.45
N PHE C 186 66.51 21.85 19.12
CA PHE C 186 65.70 20.67 19.40
C PHE C 186 66.58 19.50 19.88
N ALA C 187 66.43 19.11 21.14
CA ALA C 187 67.23 18.02 21.71
C ALA C 187 66.36 17.00 22.46
N CYS C 188 66.89 15.79 22.61
CA CYS C 188 66.11 14.63 23.04
C CYS C 188 65.51 14.75 24.44
N ALA C 189 66.22 15.40 25.36
CA ALA C 189 65.68 15.61 26.72
C ALA C 189 64.53 16.63 26.76
N ASN C 190 64.48 17.52 25.77
CA ASN C 190 63.42 18.53 25.66
C ASN C 190 62.31 18.12 24.67
N ALA C 191 62.45 16.93 24.11
CA ALA C 191 61.62 16.51 22.99
C ALA C 191 60.20 16.11 23.38
N PHE C 192 60.08 15.26 24.40
CA PHE C 192 58.80 14.77 24.87
C PHE C 192 58.38 15.44 26.20
N ASN C 193 58.52 16.76 26.28
CA ASN C 193 58.04 17.50 27.46
C ASN C 193 56.52 17.45 27.56
N ASN C 194 55.86 17.68 26.43
CA ASN C 194 54.41 17.76 26.36
C ASN C 194 53.65 16.45 26.67
N SER C 195 54.39 15.40 27.05
CA SER C 195 53.81 14.08 27.34
C SER C 195 54.07 13.65 28.78
N ILE C 196 53.06 13.07 29.42
CA ILE C 196 53.21 12.62 30.80
C ILE C 196 54.04 11.34 30.84
N ILE C 197 55.35 11.53 30.93
CA ILE C 197 56.32 10.43 30.89
C ILE C 197 56.73 9.99 32.29
N PRO C 198 56.88 8.66 32.54
CA PRO C 198 57.36 8.14 33.82
C PRO C 198 58.60 8.86 34.37
N GLU C 199 58.69 8.94 35.69
CA GLU C 199 59.80 9.66 36.35
C GLU C 199 61.14 8.90 36.26
N ASP C 200 61.07 7.62 35.89
CA ASP C 200 62.27 6.78 35.81
C ASP C 200 62.78 6.56 34.37
N THR C 201 62.32 7.41 33.45
CA THR C 201 62.72 7.30 32.05
C THR C 201 64.23 7.54 31.89
N PHE C 202 64.92 6.55 31.32
CA PHE C 202 66.37 6.61 31.10
C PHE C 202 66.74 7.58 29.96
N PHE C 203 67.61 8.55 30.26
CA PHE C 203 68.17 9.45 29.25
C PHE C 203 69.69 9.39 29.32
N PRO C 204 70.35 8.84 28.28
CA PRO C 204 71.77 8.53 28.33
C PRO C 204 72.73 9.69 27.99
N SER C 205 74.04 9.44 28.14
CA SER C 205 75.12 10.36 27.74
C SER C 205 75.30 11.50 28.74
N ALA D 3 41.38 -21.23 -3.91
CA ALA D 3 40.53 -20.41 -4.83
C ALA D 3 40.97 -18.93 -4.83
N ALA D 4 41.92 -18.59 -5.71
CA ALA D 4 42.58 -17.27 -5.72
C ALA D 4 41.83 -16.20 -6.54
N VAL D 5 41.79 -14.97 -6.01
CA VAL D 5 41.32 -13.79 -6.80
C VAL D 5 42.30 -12.60 -6.72
N THR D 6 42.78 -12.13 -7.87
CA THR D 6 43.78 -11.05 -7.91
C THR D 6 43.22 -9.77 -8.51
N GLN D 7 43.67 -8.62 -8.01
CA GLN D 7 43.28 -7.34 -8.62
C GLN D 7 44.46 -6.49 -9.03
N SER D 8 44.28 -5.69 -10.08
CA SER D 8 45.32 -4.76 -10.50
C SER D 8 44.66 -3.50 -11.00
N PRO D 9 45.20 -2.34 -10.63
CA PRO D 9 46.32 -2.15 -9.71
C PRO D 9 45.86 -2.36 -8.30
N ARG D 10 46.77 -2.27 -7.35
CA ARG D 10 46.37 -2.39 -5.97
C ARG D 10 46.08 -1.02 -5.38
N ASN D 11 46.53 0.01 -6.07
CA ASN D 11 46.43 1.39 -5.60
C ASN D 11 46.55 2.37 -6.76
N LYS D 12 45.65 3.37 -6.84
CA LYS D 12 45.60 4.26 -8.03
C LYS D 12 45.16 5.67 -7.73
N VAL D 13 45.94 6.62 -8.23
CA VAL D 13 45.60 8.05 -8.17
C VAL D 13 45.14 8.52 -9.56
N ALA D 14 43.99 9.17 -9.62
CA ALA D 14 43.44 9.70 -10.87
C ALA D 14 42.85 11.09 -10.67
N VAL D 15 42.47 11.72 -11.78
CA VAL D 15 41.96 13.09 -11.73
C VAL D 15 40.48 13.17 -12.15
N THR D 16 39.71 14.07 -11.52
CA THR D 16 38.33 14.33 -11.93
C THR D 16 38.28 14.39 -13.46
N GLY D 17 37.23 13.83 -14.04
CA GLY D 17 37.08 13.75 -15.50
C GLY D 17 37.94 12.70 -16.20
N GLY D 18 38.94 12.15 -15.51
CA GLY D 18 39.78 11.08 -16.07
C GLY D 18 39.09 9.73 -16.26
N LYS D 19 39.82 8.76 -16.82
CA LYS D 19 39.29 7.42 -17.06
C LYS D 19 40.09 6.32 -16.36
N VAL D 20 39.43 5.61 -15.44
CA VAL D 20 40.05 4.55 -14.66
C VAL D 20 39.52 3.16 -14.99
N THR D 21 40.43 2.17 -15.06
CA THR D 21 40.03 0.77 -15.23
C THR D 21 40.54 -0.09 -14.08
N LEU D 22 39.62 -0.64 -13.31
CA LEU D 22 39.99 -1.62 -12.29
C LEU D 22 39.77 -3.02 -12.84
N SER D 23 40.72 -3.90 -12.59
CA SER D 23 40.72 -5.22 -13.22
C SER D 23 40.78 -6.37 -12.21
N CYS D 24 40.04 -7.44 -12.50
CA CYS D 24 40.00 -8.59 -11.64
C CYS D 24 40.31 -9.86 -12.40
N ASN D 25 41.22 -10.65 -11.86
CA ASN D 25 41.56 -11.92 -12.49
C ASN D 25 41.36 -13.11 -11.57
N GLN D 26 40.71 -14.14 -12.13
CA GLN D 26 40.41 -15.36 -11.43
C GLN D 26 40.69 -16.53 -12.36
N THR D 27 41.43 -17.52 -11.86
CA THR D 27 41.75 -18.73 -12.64
C THR D 27 41.09 -19.97 -12.02
N ASN D 28 39.91 -19.77 -11.42
CA ASN D 28 39.17 -20.84 -10.76
C ASN D 28 38.16 -21.50 -11.67
N ASN D 29 38.07 -20.99 -12.89
CA ASN D 29 36.99 -21.30 -13.82
C ASN D 29 35.61 -21.06 -13.20
N HIS D 30 35.51 -20.03 -12.36
CA HIS D 30 34.23 -19.62 -11.82
C HIS D 30 33.40 -18.88 -12.84
N ASN D 31 32.14 -19.29 -13.00
CA ASN D 31 31.25 -18.58 -13.90
C ASN D 31 30.99 -17.15 -13.50
N ASN D 32 30.96 -16.89 -12.19
CA ASN D 32 30.37 -15.68 -11.61
C ASN D 32 31.36 -14.78 -10.89
N MET D 33 31.23 -13.48 -11.15
CA MET D 33 32.15 -12.47 -10.60
C MET D 33 31.38 -11.23 -10.20
N TYR D 34 31.85 -10.52 -9.17
CA TYR D 34 31.09 -9.44 -8.56
C TYR D 34 32.01 -8.25 -8.17
N TRP D 35 31.56 -7.02 -8.42
CA TRP D 35 32.33 -5.82 -8.00
C TRP D 35 31.65 -5.11 -6.89
N TYR D 36 32.38 -4.90 -5.79
CA TYR D 36 31.85 -4.18 -4.65
C TYR D 36 32.72 -2.99 -4.33
N ARG D 37 32.16 -2.02 -3.59
CA ARG D 37 32.97 -0.96 -2.96
C ARG D 37 32.75 -0.86 -1.45
N GLN D 38 33.85 -0.74 -0.71
CA GLN D 38 33.81 -0.56 0.75
C GLN D 38 34.01 0.91 1.12
N ASP D 39 33.11 1.45 1.96
CA ASP D 39 33.21 2.83 2.50
C ASP D 39 32.85 2.84 3.99
N THR D 40 33.57 3.63 4.80
CA THR D 40 33.27 3.66 6.24
C THR D 40 31.82 4.01 6.54
N GLY D 41 31.30 3.43 7.62
CA GLY D 41 29.88 3.55 7.96
C GLY D 41 28.97 2.84 6.98
N HIS D 42 29.54 1.92 6.20
CA HIS D 42 28.81 1.10 5.24
C HIS D 42 29.44 -0.24 5.11
N GLY D 43 28.61 -1.24 4.84
CA GLY D 43 29.15 -2.52 4.42
C GLY D 43 29.44 -2.49 2.93
N LEU D 44 30.04 -3.56 2.43
CA LEU D 44 30.24 -3.72 1.00
C LEU D 44 28.91 -3.58 0.25
N ARG D 45 28.88 -2.74 -0.79
CA ARG D 45 27.72 -2.61 -1.67
C ARG D 45 28.06 -3.06 -3.08
N LEU D 46 27.13 -3.76 -3.72
CA LEU D 46 27.37 -4.39 -5.02
C LEU D 46 27.18 -3.39 -6.16
N ILE D 47 28.18 -3.25 -7.03
CA ILE D 47 28.09 -2.30 -8.15
C ILE D 47 27.62 -2.99 -9.41
N HIS D 48 28.38 -4.00 -9.85
CA HIS D 48 28.07 -4.82 -11.03
C HIS D 48 28.44 -6.27 -10.80
N TYR D 49 27.79 -7.16 -11.50
CA TYR D 49 28.20 -8.53 -11.44
C TYR D 49 28.07 -9.13 -12.81
N SER D 50 28.48 -10.39 -12.96
CA SER D 50 28.49 -11.06 -14.24
C SER D 50 28.38 -12.56 -14.08
N TYR D 51 27.48 -13.18 -14.85
CA TYR D 51 27.30 -14.65 -14.85
C TYR D 51 28.12 -15.40 -15.90
N GLY D 52 28.90 -14.69 -16.70
CA GLY D 52 29.80 -15.31 -17.66
C GLY D 52 30.35 -14.35 -18.70
N ALA D 53 31.14 -14.88 -19.62
CA ALA D 53 31.78 -14.08 -20.65
C ALA D 53 30.75 -13.28 -21.43
N GLY D 54 31.06 -12.01 -21.69
CA GLY D 54 30.24 -11.13 -22.51
C GLY D 54 28.88 -10.84 -21.92
N SER D 55 28.82 -10.75 -20.60
CA SER D 55 27.60 -10.39 -19.89
C SER D 55 27.98 -9.47 -18.74
N THR D 56 27.16 -8.45 -18.48
CA THR D 56 27.29 -7.68 -17.27
C THR D 56 25.91 -7.31 -16.76
N GLU D 57 25.78 -7.22 -15.44
CA GLU D 57 24.50 -7.00 -14.81
C GLU D 57 24.64 -5.90 -13.77
N LYS D 58 23.67 -4.99 -13.78
CA LYS D 58 23.64 -3.88 -12.84
C LYS D 58 23.40 -4.44 -11.44
N GLY D 59 24.14 -3.91 -10.48
CA GLY D 59 24.00 -4.28 -9.08
C GLY D 59 23.07 -3.32 -8.38
N ASP D 60 23.43 -2.94 -7.15
CA ASP D 60 22.61 -2.09 -6.30
C ASP D 60 22.95 -0.64 -6.49
N ILE D 61 24.23 -0.33 -6.68
CA ILE D 61 24.68 1.06 -6.86
C ILE D 61 25.49 1.24 -8.14
N PRO D 62 24.87 1.02 -9.30
CA PRO D 62 25.61 0.93 -10.56
C PRO D 62 26.01 2.28 -11.20
N ASP D 63 25.36 3.36 -10.76
CA ASP D 63 25.55 4.70 -11.34
C ASP D 63 27.00 5.24 -11.33
N GLY D 64 27.47 5.59 -12.52
CA GLY D 64 28.79 6.15 -12.67
C GLY D 64 29.84 5.09 -12.95
N TYR D 65 29.48 3.83 -12.77
CA TYR D 65 30.37 2.75 -13.18
C TYR D 65 29.80 2.02 -14.39
N LYS D 66 30.70 1.45 -15.19
CA LYS D 66 30.33 0.53 -16.26
C LYS D 66 31.31 -0.65 -16.16
N ALA D 67 30.85 -1.85 -16.50
CA ALA D 67 31.63 -3.05 -16.26
C ALA D 67 31.77 -3.83 -17.55
N SER D 68 32.80 -4.68 -17.62
CA SER D 68 33.04 -5.48 -18.81
C SER D 68 33.61 -6.87 -18.49
N ARG D 69 33.01 -7.90 -19.08
CA ARG D 69 33.49 -9.26 -18.88
C ARG D 69 33.94 -9.83 -20.21
N PRO D 70 35.19 -9.50 -20.60
CA PRO D 70 35.75 -9.95 -21.88
C PRO D 70 35.87 -11.47 -21.98
N SER D 71 36.08 -12.14 -20.84
CA SER D 71 36.27 -13.60 -20.80
C SER D 71 35.97 -14.17 -19.42
N GLN D 72 36.03 -15.49 -19.30
CA GLN D 72 35.74 -16.15 -18.03
C GLN D 72 36.71 -15.69 -16.94
N GLU D 73 37.97 -15.49 -17.33
CA GLU D 73 39.03 -15.20 -16.37
C GLU D 73 39.06 -13.72 -15.89
N ASN D 74 38.54 -12.79 -16.69
CA ASN D 74 38.68 -11.36 -16.34
C ASN D 74 37.40 -10.55 -16.29
N PHE D 75 37.28 -9.75 -15.24
CA PHE D 75 36.14 -8.88 -15.05
C PHE D 75 36.68 -7.46 -14.78
N SER D 76 36.14 -6.48 -15.51
CA SER D 76 36.61 -5.11 -15.36
C SER D 76 35.58 -4.08 -14.93
N LEU D 77 36.02 -3.19 -14.04
CA LEU D 77 35.24 -2.05 -13.63
C LEU D 77 35.84 -0.81 -14.28
N ILE D 78 34.98 -0.05 -14.96
CA ILE D 78 35.39 1.13 -15.71
C ILE D 78 34.65 2.38 -15.24
N LEU D 79 35.41 3.30 -14.64
CA LEU D 79 34.96 4.66 -14.36
C LEU D 79 35.34 5.54 -15.55
N GLU D 80 34.35 5.98 -16.30
CA GLU D 80 34.61 6.74 -17.52
C GLU D 80 34.92 8.22 -17.25
N LEU D 81 34.10 8.84 -16.39
CA LEU D 81 34.32 10.22 -15.98
C LEU D 81 34.45 10.29 -14.48
N ALA D 82 35.67 10.01 -14.02
CA ALA D 82 35.95 9.87 -12.60
C ALA D 82 35.56 11.10 -11.80
N THR D 83 35.06 10.86 -10.59
CA THR D 83 34.62 11.91 -9.69
C THR D 83 35.17 11.65 -8.30
N PRO D 84 35.34 12.71 -7.48
CA PRO D 84 35.89 12.52 -6.15
C PRO D 84 35.11 11.51 -5.29
N SER D 85 33.79 11.42 -5.51
CA SER D 85 32.90 10.51 -4.77
C SER D 85 33.21 9.02 -5.00
N GLN D 86 33.88 8.71 -6.11
CA GLN D 86 34.28 7.34 -6.41
C GLN D 86 35.60 6.97 -5.71
N THR D 87 36.03 7.81 -4.76
CA THR D 87 37.19 7.49 -3.93
C THR D 87 36.74 6.44 -2.93
N SER D 88 37.40 5.29 -2.96
CA SER D 88 36.96 4.14 -2.19
C SER D 88 37.98 2.99 -2.28
N VAL D 89 37.68 1.89 -1.58
CA VAL D 89 38.39 0.65 -1.81
C VAL D 89 37.44 -0.27 -2.51
N TYR D 90 37.91 -0.91 -3.58
CA TYR D 90 37.08 -1.75 -4.44
C TYR D 90 37.47 -3.19 -4.27
N PHE D 91 36.49 -4.03 -3.92
CA PHE D 91 36.72 -5.48 -3.87
C PHE D 91 36.04 -6.20 -5.05
N CYS D 92 36.73 -7.18 -5.59
CA CYS D 92 36.19 -8.05 -6.58
C CYS D 92 36.09 -9.43 -5.93
N ALA D 93 35.09 -10.22 -6.33
CA ALA D 93 35.04 -11.63 -5.91
C ALA D 93 34.51 -12.51 -7.01
N SER D 94 34.66 -13.82 -6.84
CA SER D 94 34.16 -14.83 -7.77
C SER D 94 33.54 -16.01 -7.01
N GLY D 95 32.91 -16.92 -7.75
CA GLY D 95 32.36 -18.14 -7.16
C GLY D 95 31.53 -18.92 -8.17
N ASP D 96 31.25 -20.19 -7.86
CA ASP D 96 30.51 -21.06 -8.76
C ASP D 96 29.03 -21.10 -8.41
N GLU D 97 28.42 -22.28 -8.51
CA GLU D 97 26.97 -22.39 -8.29
C GLU D 97 26.64 -22.35 -6.80
N GLY D 98 27.63 -22.67 -5.97
CA GLY D 98 27.49 -22.54 -4.50
C GLY D 98 27.25 -21.09 -4.09
N TYR D 99 27.01 -20.85 -2.80
CA TYR D 99 26.87 -19.48 -2.30
C TYR D 99 28.20 -18.74 -2.04
N THR D 100 29.23 -19.44 -1.53
CA THR D 100 30.50 -18.80 -1.18
C THR D 100 31.02 -17.91 -2.30
N GLN D 101 31.38 -16.68 -1.94
CA GLN D 101 32.13 -15.81 -2.83
C GLN D 101 33.56 -15.62 -2.33
N TYR D 102 34.54 -15.70 -3.22
CA TYR D 102 35.95 -15.52 -2.86
C TYR D 102 36.47 -14.10 -3.17
N PHE D 103 36.97 -13.41 -2.15
CA PHE D 103 37.29 -12.00 -2.34
C PHE D 103 38.75 -11.72 -2.69
N GLY D 104 38.96 -10.82 -3.65
CA GLY D 104 40.28 -10.28 -3.96
C GLY D 104 40.83 -9.39 -2.85
N PRO D 105 42.09 -8.96 -2.97
CA PRO D 105 42.79 -8.25 -1.89
C PRO D 105 42.42 -6.79 -1.76
N GLY D 106 41.67 -6.25 -2.71
CA GLY D 106 41.25 -4.85 -2.68
C GLY D 106 42.10 -3.91 -3.53
N THR D 107 41.49 -2.82 -3.97
CA THR D 107 42.17 -1.76 -4.71
C THR D 107 41.74 -0.42 -4.13
N ARG D 108 42.67 0.42 -3.69
CA ARG D 108 42.31 1.78 -3.27
C ARG D 108 42.35 2.71 -4.47
N LEU D 109 41.33 3.55 -4.58
CA LEU D 109 41.28 4.57 -5.63
C LEU D 109 41.13 5.94 -4.99
N LEU D 110 41.96 6.89 -5.44
CA LEU D 110 41.83 8.28 -5.04
C LEU D 110 41.62 9.17 -6.25
N VAL D 111 40.50 9.90 -6.27
CA VAL D 111 40.23 10.84 -7.34
C VAL D 111 40.46 12.27 -6.83
N LEU D 112 41.49 12.93 -7.36
CA LEU D 112 41.79 14.33 -7.01
C LEU D 112 41.22 15.27 -8.05
N GLU D 113 40.99 16.51 -7.63
CA GLU D 113 40.60 17.61 -8.53
C GLU D 113 41.70 17.91 -9.55
N ASP D 114 42.93 17.96 -9.06
CA ASP D 114 44.08 18.32 -9.87
C ASP D 114 45.25 17.48 -9.40
N LEU D 115 46.12 17.12 -10.33
CA LEU D 115 47.31 16.34 -9.97
C LEU D 115 48.56 17.21 -9.72
N ARG D 116 48.39 18.52 -9.63
CA ARG D 116 49.53 19.43 -9.52
C ARG D 116 50.34 19.32 -8.22
N ASN D 117 49.72 18.77 -7.17
CA ASN D 117 50.39 18.61 -5.88
C ASN D 117 51.15 17.30 -5.64
N VAL D 118 51.05 16.36 -6.58
CA VAL D 118 51.65 15.03 -6.41
C VAL D 118 53.18 15.06 -6.33
N THR D 119 53.71 14.48 -5.25
CA THR D 119 55.13 14.53 -4.92
C THR D 119 55.57 13.23 -4.25
N PRO D 120 56.66 12.62 -4.78
CA PRO D 120 57.24 11.42 -4.17
C PRO D 120 57.98 11.76 -2.88
N PRO D 121 58.14 10.79 -1.98
CA PRO D 121 58.78 11.10 -0.70
C PRO D 121 60.30 11.19 -0.78
N LYS D 122 60.89 11.68 0.32
CA LYS D 122 62.31 11.56 0.55
C LYS D 122 62.43 10.59 1.72
N VAL D 123 63.27 9.58 1.58
CA VAL D 123 63.34 8.54 2.59
C VAL D 123 64.66 8.66 3.34
N SER D 124 64.63 8.47 4.66
CA SER D 124 65.88 8.50 5.45
C SER D 124 65.89 7.48 6.55
N LEU D 125 67.04 6.82 6.71
CA LEU D 125 67.17 5.73 7.66
C LEU D 125 68.14 6.11 8.77
N PHE D 126 67.62 6.17 9.97
CA PHE D 126 68.39 6.58 11.13
C PHE D 126 68.87 5.35 11.84
N GLU D 127 70.17 5.29 12.10
CA GLU D 127 70.83 4.10 12.65
C GLU D 127 70.64 4.06 14.15
N PRO D 128 70.68 2.85 14.74
CA PRO D 128 70.47 2.64 16.18
C PRO D 128 71.37 3.47 17.08
N SER D 129 70.99 3.52 18.36
CA SER D 129 71.76 4.19 19.40
C SER D 129 72.65 3.20 20.13
N LYS D 130 73.95 3.52 20.24
CA LYS D 130 74.89 2.68 20.99
C LYS D 130 74.48 2.65 22.48
N ALA D 131 73.82 3.73 22.91
CA ALA D 131 73.21 3.81 24.23
C ALA D 131 72.17 2.70 24.39
N GLU D 132 71.25 2.63 23.43
CA GLU D 132 70.22 1.59 23.41
C GLU D 132 70.86 0.20 23.48
N ILE D 133 71.91 0.00 22.68
CA ILE D 133 72.56 -1.30 22.58
C ILE D 133 73.12 -1.78 23.93
N SER D 134 73.89 -0.91 24.59
CA SER D 134 74.40 -1.17 25.93
C SER D 134 73.24 -1.37 26.90
N HIS D 135 72.30 -0.41 26.88
CA HIS D 135 71.21 -0.39 27.85
C HIS D 135 70.22 -1.52 27.76
N THR D 136 69.94 -2.01 26.54
CA THR D 136 68.81 -2.93 26.33
C THR D 136 69.19 -4.22 25.66
N GLN D 137 70.40 -4.26 25.09
CA GLN D 137 70.84 -5.41 24.28
C GLN D 137 70.05 -5.56 22.98
N LYS D 138 69.42 -4.46 22.57
CA LYS D 138 68.58 -4.43 21.37
C LYS D 138 68.85 -3.19 20.51
N ALA D 139 68.55 -3.28 19.22
CA ALA D 139 68.79 -2.17 18.27
C ALA D 139 67.57 -1.79 17.43
N THR D 140 67.08 -0.57 17.64
CA THR D 140 65.93 -0.05 16.89
C THR D 140 66.41 0.85 15.75
N LEU D 141 66.13 0.44 14.51
CA LEU D 141 66.35 1.30 13.34
C LEU D 141 65.06 2.05 13.07
N VAL D 142 65.18 3.31 12.66
CA VAL D 142 64.02 4.14 12.33
C VAL D 142 64.08 4.68 10.92
N CYS D 143 62.96 4.55 10.22
CA CYS D 143 62.80 5.08 8.87
C CYS D 143 61.82 6.24 8.87
N LEU D 144 61.93 7.12 7.89
CA LEU D 144 61.21 8.35 7.88
C LEU D 144 61.02 8.80 6.45
N ALA D 145 59.78 8.76 6.02
CA ALA D 145 59.41 9.20 4.68
C ALA D 145 58.76 10.56 4.81
N THR D 146 59.11 11.49 3.94
CA THR D 146 58.71 12.88 4.15
C THR D 146 58.39 13.61 2.86
N GLY D 147 57.55 14.62 2.98
CA GLY D 147 57.30 15.57 1.90
C GLY D 147 56.57 14.97 0.73
N PHE D 148 55.74 13.95 0.98
CA PHE D 148 55.00 13.31 -0.11
C PHE D 148 53.49 13.60 -0.13
N TYR D 149 52.91 13.55 -1.32
CA TYR D 149 51.48 13.76 -1.52
C TYR D 149 51.01 13.07 -2.79
N PRO D 150 49.91 12.27 -2.72
CA PRO D 150 49.02 12.01 -1.59
C PRO D 150 49.56 10.99 -0.60
N ASP D 151 48.70 10.46 0.25
CA ASP D 151 49.12 9.56 1.34
C ASP D 151 49.07 8.08 0.96
N HIS D 152 49.14 7.80 -0.34
CA HIS D 152 49.14 6.43 -0.83
C HIS D 152 50.52 5.86 -0.95
N VAL D 153 51.01 5.30 0.15
CA VAL D 153 52.32 4.64 0.17
C VAL D 153 52.28 3.29 0.89
N GLU D 154 53.19 2.38 0.54
CA GLU D 154 53.41 1.18 1.32
C GLU D 154 54.87 1.15 1.74
N LEU D 155 55.13 1.01 3.03
CA LEU D 155 56.50 1.01 3.51
C LEU D 155 56.83 -0.39 4.01
N SER D 156 58.01 -0.88 3.63
CA SER D 156 58.47 -2.22 4.00
C SER D 156 59.92 -2.20 4.47
N TRP D 157 60.32 -3.24 5.20
CA TRP D 157 61.69 -3.39 5.66
C TRP D 157 62.30 -4.61 5.09
N TRP D 158 63.50 -4.44 4.56
CA TRP D 158 64.21 -5.52 3.89
C TRP D 158 65.54 -5.76 4.50
N VAL D 159 65.75 -6.96 5.02
CA VAL D 159 67.06 -7.32 5.52
C VAL D 159 67.63 -8.38 4.61
N ASN D 160 68.81 -8.05 4.04
CA ASN D 160 69.52 -8.85 3.03
C ASN D 160 68.72 -9.33 1.85
N GLY D 161 67.94 -8.43 1.25
CA GLY D 161 67.24 -8.76 0.03
C GLY D 161 65.95 -9.54 0.26
N LYS D 162 65.68 -9.88 1.52
CA LYS D 162 64.45 -10.57 1.87
C LYS D 162 63.62 -9.71 2.89
N GLU D 163 62.35 -9.49 2.58
CA GLU D 163 61.51 -8.59 3.38
C GLU D 163 61.31 -9.20 4.76
N VAL D 164 61.31 -8.34 5.79
CA VAL D 164 61.05 -8.80 7.16
C VAL D 164 59.75 -8.22 7.71
N HIS D 165 59.18 -8.90 8.70
CA HIS D 165 57.93 -8.44 9.31
C HIS D 165 58.03 -8.39 10.79
N SER D 166 58.72 -9.36 11.36
CA SER D 166 58.86 -9.45 12.79
C SER D 166 59.62 -8.23 13.31
N GLY D 167 59.27 -7.76 14.51
CA GLY D 167 59.93 -6.60 15.12
C GLY D 167 59.81 -5.33 14.30
N VAL D 168 58.73 -5.23 13.52
CA VAL D 168 58.46 -4.03 12.74
C VAL D 168 57.17 -3.39 13.22
N CYS D 169 57.07 -2.06 13.12
CA CYS D 169 55.78 -1.37 13.20
C CYS D 169 55.80 0.02 12.55
N THR D 170 54.82 0.26 11.70
CA THR D 170 54.65 1.52 10.98
C THR D 170 53.42 2.28 11.50
N ASP D 171 53.45 3.61 11.43
CA ASP D 171 52.32 4.40 11.89
C ASP D 171 51.10 3.97 11.09
N PRO D 172 49.91 3.97 11.75
CA PRO D 172 48.74 3.59 11.00
C PRO D 172 48.42 4.67 10.01
N GLN D 173 48.32 5.92 10.43
CA GLN D 173 48.10 7.00 9.45
C GLN D 173 49.32 7.92 9.32
N PRO D 174 49.53 8.48 8.12
CA PRO D 174 50.60 9.44 7.93
C PRO D 174 50.15 10.83 8.34
N LEU D 175 51.01 11.61 9.01
CA LEU D 175 50.67 12.95 9.48
C LEU D 175 50.91 14.08 8.47
N LYS D 176 50.14 15.16 8.60
CA LYS D 176 50.27 16.32 7.72
C LYS D 176 51.44 17.18 8.17
N GLU D 177 52.23 17.66 7.22
CA GLU D 177 53.44 18.43 7.53
C GLU D 177 53.10 19.88 7.81
N GLN D 178 52.21 20.43 6.99
CA GLN D 178 51.65 21.77 7.19
C GLN D 178 50.14 21.67 7.40
N PRO D 179 49.68 21.41 8.65
CA PRO D 179 48.24 21.23 8.87
C PRO D 179 47.48 22.48 8.44
N ALA D 180 48.12 23.64 8.61
CA ALA D 180 47.61 24.95 8.20
C ALA D 180 47.14 24.97 6.74
N LEU D 181 47.99 24.47 5.83
CA LEU D 181 47.68 24.45 4.40
C LEU D 181 46.61 23.42 4.05
N ASN D 182 45.91 23.69 2.94
CA ASN D 182 44.77 22.87 2.51
C ASN D 182 45.18 21.53 1.90
N ASP D 183 46.29 21.53 1.17
CA ASP D 183 46.78 20.33 0.48
C ASP D 183 48.12 19.86 1.02
N SER D 184 48.23 19.84 2.34
CA SER D 184 49.47 19.49 3.01
C SER D 184 50.11 18.22 2.47
N ARG D 185 51.43 18.28 2.34
CA ARG D 185 52.25 17.13 2.08
C ARG D 185 52.39 16.33 3.38
N TYR D 186 52.76 15.06 3.27
CA TYR D 186 52.74 14.15 4.42
C TYR D 186 54.10 13.62 4.84
N SER D 187 54.17 13.19 6.09
CA SER D 187 55.29 12.36 6.57
C SER D 187 54.78 11.06 7.22
N LEU D 188 55.61 10.02 7.22
CA LEU D 188 55.29 8.75 7.84
C LEU D 188 56.56 8.12 8.39
N SER D 189 56.48 7.49 9.55
CA SER D 189 57.66 6.89 10.19
C SER D 189 57.45 5.42 10.54
N SER D 190 58.55 4.65 10.56
CA SER D 190 58.49 3.22 10.90
C SER D 190 59.69 2.73 11.71
N ARG D 191 59.55 1.61 12.38
CA ARG D 191 60.64 1.11 13.18
C ARG D 191 60.83 -0.38 12.94
N LEU D 192 62.10 -0.79 12.94
CA LEU D 192 62.48 -2.19 12.87
C LEU D 192 63.45 -2.38 14.00
N ARG D 193 63.25 -3.44 14.76
CA ARG D 193 64.07 -3.69 15.95
C ARG D 193 64.70 -5.08 15.88
N VAL D 194 66.02 -5.13 15.97
CA VAL D 194 66.72 -6.42 16.00
C VAL D 194 67.56 -6.52 17.25
N SER D 195 68.17 -7.69 17.45
CA SER D 195 69.11 -7.90 18.56
C SER D 195 70.42 -7.22 18.25
N ALA D 196 71.12 -6.77 19.29
CA ALA D 196 72.36 -6.02 19.11
C ALA D 196 73.39 -6.81 18.31
N THR D 197 73.55 -8.09 18.62
CA THR D 197 74.47 -8.94 17.85
C THR D 197 74.11 -8.89 16.36
N PHE D 198 72.82 -8.91 16.05
CA PHE D 198 72.38 -8.91 14.66
C PHE D 198 72.75 -7.61 13.96
N TRP D 199 72.55 -6.48 14.64
CA TRP D 199 72.96 -5.19 14.08
C TRP D 199 74.45 -5.03 13.97
N GLN D 200 75.18 -5.58 14.93
CA GLN D 200 76.65 -5.46 14.99
C GLN D 200 77.37 -6.19 13.86
N ASN D 201 76.65 -7.05 13.15
CA ASN D 201 77.21 -7.82 12.05
C ASN D 201 77.30 -7.00 10.76
N PRO D 202 78.52 -6.75 10.27
CA PRO D 202 78.72 -5.90 9.08
C PRO D 202 78.33 -6.55 7.76
N ARG D 203 77.90 -7.79 7.81
CA ARG D 203 77.41 -8.48 6.63
C ARG D 203 75.89 -8.33 6.48
N ASN D 204 75.26 -7.74 7.49
CA ASN D 204 73.82 -7.54 7.49
C ASN D 204 73.44 -6.23 6.85
N HIS D 205 72.71 -6.31 5.75
CA HIS D 205 72.30 -5.15 5.01
C HIS D 205 70.86 -4.80 5.25
N PHE D 206 70.67 -3.61 5.83
CA PHE D 206 69.35 -3.09 6.21
C PHE D 206 68.86 -2.05 5.22
N ARG D 207 67.56 -2.13 4.90
CA ARG D 207 66.96 -1.23 3.92
C ARG D 207 65.51 -0.97 4.19
N CYS D 208 65.15 0.31 4.16
CA CYS D 208 63.81 0.80 4.34
C CYS D 208 63.26 1.19 2.99
N GLN D 209 62.26 0.46 2.50
CA GLN D 209 61.70 0.74 1.17
C GLN D 209 60.33 1.42 1.25
N VAL D 210 60.16 2.54 0.57
CA VAL D 210 58.82 3.14 0.42
C VAL D 210 58.35 3.11 -1.02
N GLN D 211 57.27 2.37 -1.26
CA GLN D 211 56.63 2.37 -2.56
C GLN D 211 55.66 3.55 -2.60
N PHE D 212 55.80 4.41 -3.61
CA PHE D 212 54.94 5.58 -3.78
C PHE D 212 54.03 5.41 -4.99
N TYR D 213 52.77 5.76 -4.84
CA TYR D 213 51.86 5.67 -5.96
C TYR D 213 51.52 7.07 -6.37
N GLY D 214 51.70 7.33 -7.66
CA GLY D 214 51.42 8.65 -8.20
C GLY D 214 50.94 8.51 -9.62
N LEU D 215 51.58 9.27 -10.50
CA LEU D 215 51.13 9.38 -11.88
C LEU D 215 51.54 8.19 -12.70
N SER D 216 50.67 7.85 -13.65
CA SER D 216 50.95 6.84 -14.65
C SER D 216 51.95 7.41 -15.63
N GLU D 217 52.47 6.56 -16.52
CA GLU D 217 53.30 7.01 -17.64
C GLU D 217 52.44 7.81 -18.63
N ASN D 218 51.15 7.52 -18.64
CA ASN D 218 50.19 8.11 -19.58
C ASN D 218 49.56 9.42 -19.11
N ASP D 219 49.91 9.88 -17.92
CA ASP D 219 49.41 11.16 -17.43
C ASP D 219 50.24 12.30 -18.03
N GLU D 220 49.61 13.46 -18.25
CA GLU D 220 50.31 14.64 -18.77
C GLU D 220 50.97 15.41 -17.63
N TRP D 221 52.09 16.08 -17.93
CA TRP D 221 52.82 16.86 -16.93
C TRP D 221 53.47 18.04 -17.58
N THR D 222 53.06 19.23 -17.14
CA THR D 222 53.54 20.47 -17.71
C THR D 222 54.63 21.08 -16.84
N GLN D 223 54.42 21.01 -15.52
CA GLN D 223 55.30 21.67 -14.55
C GLN D 223 56.79 21.37 -14.75
N ASP D 224 57.62 22.16 -14.08
CA ASP D 224 59.05 22.09 -14.32
C ASP D 224 59.72 20.94 -13.60
N ARG D 225 59.48 20.83 -12.29
CA ARG D 225 60.07 19.76 -11.48
C ARG D 225 59.71 18.37 -11.99
N ALA D 226 60.57 17.40 -11.68
CA ALA D 226 60.46 16.03 -12.19
C ALA D 226 59.07 15.41 -12.01
N LYS D 227 58.61 14.70 -13.04
CA LYS D 227 57.29 14.06 -13.06
C LYS D 227 57.13 13.01 -11.96
N PRO D 228 56.16 13.21 -11.06
CA PRO D 228 55.95 12.34 -9.89
C PRO D 228 55.27 11.01 -10.21
N VAL D 229 55.92 10.18 -11.03
CA VAL D 229 55.41 8.85 -11.32
C VAL D 229 55.48 7.91 -10.13
N THR D 230 54.74 6.81 -10.23
CA THR D 230 54.80 5.74 -9.26
C THR D 230 56.23 5.25 -9.21
N GLN D 231 56.82 5.28 -8.02
CA GLN D 231 58.19 4.80 -7.83
C GLN D 231 58.50 4.24 -6.46
N ILE D 232 59.64 3.56 -6.36
CA ILE D 232 60.17 3.12 -5.07
C ILE D 232 61.28 4.08 -4.67
N VAL D 233 61.30 4.46 -3.40
CA VAL D 233 62.32 5.34 -2.86
C VAL D 233 62.74 4.74 -1.56
N SER D 234 64.04 4.55 -1.36
CA SER D 234 64.53 3.83 -0.19
C SER D 234 65.81 4.41 0.35
N ALA D 235 66.14 4.00 1.56
CA ALA D 235 67.37 4.37 2.22
C ALA D 235 67.93 3.08 2.79
N GLU D 236 69.22 3.04 3.02
CA GLU D 236 69.86 1.79 3.40
C GLU D 236 71.01 1.97 4.38
N ALA D 237 71.39 0.91 5.07
CA ALA D 237 72.49 0.99 6.03
C ALA D 237 73.10 -0.39 6.27
N TRP D 238 74.38 -0.38 6.64
CA TRP D 238 75.09 -1.61 6.92
C TRP D 238 75.34 -1.75 8.40
N GLY D 239 75.09 -2.96 8.92
CA GLY D 239 75.36 -3.26 10.30
C GLY D 239 76.82 -3.05 10.66
N ARG D 240 77.08 -2.57 11.87
CA ARG D 240 78.44 -2.30 12.31
C ARG D 240 78.68 -2.69 13.77
N ALA D 241 79.90 -3.10 14.09
CA ALA D 241 80.22 -3.69 15.40
C ALA D 241 80.70 -2.69 16.47
N ASN E 7 -30.87 -23.68 24.67
CA ASN E 7 -31.03 -22.19 24.59
C ASN E 7 -29.70 -21.50 24.34
N TYR E 8 -29.35 -21.33 23.07
CA TYR E 8 -28.06 -20.72 22.67
C TYR E 8 -28.18 -19.23 22.43
N THR E 9 -27.10 -18.50 22.76
CA THR E 9 -27.00 -17.05 22.47
C THR E 9 -25.85 -16.71 21.52
N PHE E 10 -26.22 -16.10 20.40
CA PHE E 10 -25.29 -15.72 19.34
C PHE E 10 -24.85 -14.26 19.52
N ARG E 11 -23.55 -14.01 19.52
CA ARG E 11 -22.99 -12.69 19.79
C ARG E 11 -22.04 -12.23 18.71
N CYS E 12 -22.24 -11.00 18.23
CA CYS E 12 -21.23 -10.34 17.46
C CYS E 12 -20.71 -9.23 18.33
N LEU E 13 -19.41 -9.19 18.53
CA LEU E 13 -18.83 -8.17 19.40
C LEU E 13 -17.89 -7.25 18.64
N GLN E 14 -18.16 -5.95 18.68
CA GLN E 14 -17.29 -4.96 18.06
C GLN E 14 -16.61 -4.12 19.10
N MET E 15 -15.36 -3.74 18.83
CA MET E 15 -14.65 -2.78 19.67
C MET E 15 -13.83 -1.80 18.85
N SER E 16 -14.13 -0.51 19.00
CA SER E 16 -13.43 0.54 18.28
C SER E 16 -12.83 1.53 19.25
N SER E 17 -11.59 1.92 18.99
CA SER E 17 -10.90 2.95 19.78
C SER E 17 -10.49 4.09 18.87
N PHE E 18 -10.88 5.30 19.26
CA PHE E 18 -10.44 6.52 18.60
C PHE E 18 -9.49 7.28 19.51
N ALA E 19 -8.21 7.29 19.12
CA ALA E 19 -7.14 7.88 19.94
C ALA E 19 -7.20 9.40 19.98
N ASN E 20 -7.20 9.98 18.79
CA ASN E 20 -7.24 11.41 18.61
C ASN E 20 -7.95 11.64 17.28
N ARG E 21 -8.04 12.90 16.87
CA ARG E 21 -8.85 13.29 15.70
C ARG E 21 -8.56 12.55 14.37
N SER E 22 -7.45 11.80 14.30
CA SER E 22 -7.06 11.13 13.04
C SER E 22 -6.67 9.63 13.16
N TRP E 23 -6.42 9.14 14.37
CA TRP E 23 -6.00 7.75 14.56
C TRP E 23 -7.07 6.92 15.20
N SER E 24 -7.32 5.72 14.64
CA SER E 24 -8.32 4.80 15.20
C SER E 24 -8.23 3.38 14.65
N ARG E 25 -8.89 2.44 15.33
CA ARG E 25 -9.06 1.07 14.80
C ARG E 25 -10.36 0.40 15.29
N THR E 26 -10.71 -0.69 14.59
CA THR E 26 -11.94 -1.46 14.83
C THR E 26 -11.76 -2.97 14.60
N ASP E 27 -11.93 -3.74 15.68
CA ASP E 27 -11.79 -5.19 15.62
C ASP E 27 -13.08 -5.83 16.12
N SER E 28 -13.41 -7.03 15.63
CA SER E 28 -14.62 -7.77 16.05
C SER E 28 -14.35 -9.24 16.23
N VAL E 29 -15.31 -9.94 16.88
CA VAL E 29 -15.31 -11.41 17.10
C VAL E 29 -16.74 -11.93 17.29
N VAL E 30 -16.98 -13.19 16.94
CA VAL E 30 -18.34 -13.74 16.98
C VAL E 30 -18.45 -15.09 17.70
N TRP E 31 -19.44 -15.23 18.59
CA TRP E 31 -19.66 -16.47 19.36
C TRP E 31 -21.04 -17.06 19.18
N LEU E 32 -21.10 -18.38 19.02
CA LEU E 32 -22.33 -19.17 19.31
C LEU E 32 -22.05 -19.80 20.67
N GLY E 33 -22.88 -19.49 21.66
CA GLY E 33 -22.63 -19.90 23.04
C GLY E 33 -21.21 -19.58 23.48
N ASP E 34 -20.41 -20.61 23.73
CA ASP E 34 -19.03 -20.43 24.20
C ASP E 34 -17.96 -20.92 23.21
N LEU E 35 -18.35 -21.11 21.95
CA LEU E 35 -17.42 -21.46 20.88
C LEU E 35 -17.38 -20.33 19.82
N GLN E 36 -16.18 -19.85 19.49
CA GLN E 36 -15.95 -18.72 18.58
C GLN E 36 -16.10 -19.06 17.09
N THR E 37 -16.92 -18.31 16.38
CA THR E 37 -17.22 -18.64 14.99
C THR E 37 -16.51 -17.73 13.97
N HIS E 38 -16.31 -16.45 14.32
CA HIS E 38 -15.69 -15.50 13.39
C HIS E 38 -14.72 -14.54 14.04
N ARG E 39 -13.79 -14.04 13.23
CA ARG E 39 -12.88 -12.97 13.66
C ARG E 39 -12.78 -11.93 12.54
N TRP E 40 -12.79 -10.65 12.91
CA TRP E 40 -12.49 -9.62 11.93
C TRP E 40 -11.54 -8.60 12.45
N SER E 41 -10.28 -8.75 12.07
CA SER E 41 -9.24 -7.82 12.45
C SER E 41 -9.41 -6.50 11.71
N ASN E 42 -8.86 -5.43 12.29
CA ASN E 42 -8.82 -4.12 11.63
C ASN E 42 -7.99 -4.18 10.36
N ASP E 43 -6.88 -4.93 10.42
CA ASP E 43 -5.91 -5.09 9.32
C ASP E 43 -6.54 -5.83 8.16
N SER E 44 -7.35 -6.82 8.47
CA SER E 44 -7.98 -7.63 7.45
C SER E 44 -9.07 -6.85 6.71
N ALA E 45 -9.14 -7.03 5.40
CA ALA E 45 -10.20 -6.43 4.62
C ALA E 45 -11.44 -7.30 4.62
N THR E 46 -11.31 -8.57 4.95
CA THR E 46 -12.46 -9.47 4.96
C THR E 46 -12.60 -10.21 6.29
N ILE E 47 -13.83 -10.63 6.60
CA ILE E 47 -14.09 -11.42 7.81
C ILE E 47 -13.56 -12.83 7.63
N SER E 48 -13.15 -13.46 8.73
CA SER E 48 -12.61 -14.83 8.74
C SER E 48 -13.50 -15.82 9.50
N PHE E 49 -13.53 -17.06 9.01
CA PHE E 49 -14.18 -18.14 9.73
C PHE E 49 -13.19 -18.74 10.72
N THR E 50 -13.65 -19.10 11.91
CA THR E 50 -12.80 -19.78 12.91
C THR E 50 -13.30 -21.19 13.22
N LYS E 51 -14.30 -21.61 12.45
CA LYS E 51 -14.75 -23.00 12.41
C LYS E 51 -14.98 -23.37 10.95
N PRO E 52 -15.00 -24.67 10.63
CA PRO E 52 -15.33 -25.11 9.28
C PRO E 52 -16.79 -24.85 8.90
N TRP E 53 -17.67 -24.70 9.88
CA TRP E 53 -19.11 -24.56 9.62
C TRP E 53 -19.63 -23.15 9.81
N SER E 54 -18.70 -22.19 9.98
CA SER E 54 -19.03 -20.79 10.20
C SER E 54 -19.93 -20.12 9.17
N GLN E 55 -19.95 -20.60 7.94
CA GLN E 55 -20.83 -20.04 6.91
C GLN E 55 -22.31 -20.48 7.06
N GLY E 56 -22.58 -21.35 8.05
CA GLY E 56 -23.94 -21.87 8.30
C GLY E 56 -24.53 -22.49 7.05
N LYS E 57 -25.84 -22.34 6.86
CA LYS E 57 -26.49 -22.83 5.64
C LYS E 57 -26.60 -21.75 4.56
N LEU E 58 -25.75 -20.74 4.63
CA LEU E 58 -25.77 -19.67 3.64
C LEU E 58 -24.95 -20.05 2.41
N SER E 59 -25.42 -19.62 1.24
CA SER E 59 -24.70 -19.84 -0.01
C SER E 59 -23.50 -18.92 -0.07
N ASN E 60 -22.63 -19.17 -1.03
CA ASN E 60 -21.47 -18.32 -1.24
C ASN E 60 -21.84 -16.91 -1.66
N GLN E 61 -22.84 -16.79 -2.54
CA GLN E 61 -23.33 -15.50 -3.00
C GLN E 61 -23.96 -14.77 -1.81
N GLN E 62 -24.92 -15.41 -1.13
CA GLN E 62 -25.53 -14.87 0.09
C GLN E 62 -24.47 -14.30 1.05
N TRP E 63 -23.47 -15.11 1.38
CA TRP E 63 -22.43 -14.68 2.31
C TRP E 63 -21.67 -13.51 1.78
N GLU E 64 -21.24 -13.57 0.53
CA GLU E 64 -20.42 -12.49 -0.01
C GLU E 64 -21.18 -11.17 0.04
N LYS E 65 -22.49 -11.19 -0.25
CA LYS E 65 -23.33 -9.98 -0.14
C LYS E 65 -23.18 -9.44 1.29
N LEU E 66 -23.49 -10.30 2.26
CA LEU E 66 -23.44 -9.94 3.68
C LEU E 66 -22.12 -9.31 4.11
N GLN E 67 -21.01 -9.90 3.68
CA GLN E 67 -19.70 -9.37 4.03
C GLN E 67 -19.45 -7.96 3.49
N HIS E 68 -19.91 -7.73 2.26
CA HIS E 68 -19.67 -6.46 1.58
C HIS E 68 -20.36 -5.33 2.28
N MET E 69 -21.59 -5.61 2.72
CA MET E 69 -22.36 -4.68 3.52
C MET E 69 -21.54 -4.23 4.75
N PHE E 70 -21.04 -5.20 5.50
CA PHE E 70 -20.22 -4.91 6.67
C PHE E 70 -18.97 -4.12 6.35
N GLN E 71 -18.29 -4.52 5.28
CA GLN E 71 -17.07 -3.86 4.84
C GLN E 71 -17.34 -2.37 4.75
N VAL E 72 -18.40 -2.01 4.03
CA VAL E 72 -18.81 -0.62 3.85
C VAL E 72 -19.11 -0.02 5.20
N TYR E 73 -19.92 -0.74 5.98
CA TYR E 73 -20.26 -0.29 7.34
C TYR E 73 -19.03 0.18 8.14
N ARG E 74 -17.98 -0.65 8.18
CA ARG E 74 -16.83 -0.35 9.00
C ARG E 74 -16.22 1.01 8.68
N VAL E 75 -16.07 1.28 7.38
CA VAL E 75 -15.54 2.56 6.90
C VAL E 75 -16.52 3.67 7.28
N SER E 76 -17.80 3.44 7.00
CA SER E 76 -18.81 4.45 7.30
C SER E 76 -18.75 4.79 8.76
N PHE E 77 -18.88 3.76 9.59
CA PHE E 77 -18.88 3.92 11.03
C PHE E 77 -17.71 4.81 11.52
N THR E 78 -16.51 4.61 10.95
CA THR E 78 -15.36 5.38 11.41
C THR E 78 -15.58 6.87 11.27
N ARG E 79 -15.89 7.31 10.05
CA ARG E 79 -16.04 8.72 9.79
C ARG E 79 -17.19 9.29 10.61
N ASP E 80 -18.23 8.49 10.80
CA ASP E 80 -19.45 8.94 11.49
C ASP E 80 -19.21 9.28 12.96
N ILE E 81 -18.49 8.41 13.64
CA ILE E 81 -18.09 8.67 15.01
C ILE E 81 -17.29 9.96 15.01
N GLN E 82 -16.21 10.00 14.23
CA GLN E 82 -15.41 11.21 14.10
C GLN E 82 -16.20 12.52 13.87
N GLU E 83 -17.22 12.47 13.05
CA GLU E 83 -18.07 13.63 12.84
C GLU E 83 -18.92 13.92 14.07
N LEU E 84 -19.46 12.87 14.67
CA LEU E 84 -20.27 13.02 15.88
C LEU E 84 -19.49 13.67 17.03
N VAL E 85 -18.15 13.54 17.01
CA VAL E 85 -17.31 14.21 17.97
C VAL E 85 -17.32 15.72 17.69
N LYS E 86 -16.97 16.09 16.46
CA LYS E 86 -17.05 17.49 16.02
C LYS E 86 -18.39 18.09 16.38
N MET E 87 -19.40 17.23 16.48
CA MET E 87 -20.77 17.71 16.66
C MET E 87 -21.06 17.98 18.13
N MET E 88 -20.19 17.48 19.01
CA MET E 88 -20.33 17.68 20.45
C MET E 88 -19.36 18.73 20.92
N SER E 89 -18.09 18.57 20.51
CA SER E 89 -16.96 19.31 21.08
C SER E 89 -17.25 20.82 21.23
N PRO E 90 -16.76 21.44 22.33
CA PRO E 90 -15.81 20.85 23.29
C PRO E 90 -16.42 19.88 24.32
N LYS E 91 -17.75 19.73 24.31
CA LYS E 91 -18.45 18.84 25.22
C LYS E 91 -17.88 17.40 25.30
N GLU E 92 -17.37 16.89 24.17
CA GLU E 92 -16.75 15.54 24.15
C GLU E 92 -15.30 15.55 23.71
N ASP E 93 -14.55 14.52 24.12
CA ASP E 93 -13.11 14.50 23.88
C ASP E 93 -12.43 13.14 23.98
N TYR E 94 -11.38 13.00 23.15
CA TYR E 94 -10.58 11.77 23.01
C TYR E 94 -9.77 11.45 24.27
N PRO E 95 -9.31 10.19 24.41
CA PRO E 95 -9.55 9.07 23.52
C PRO E 95 -10.97 8.54 23.71
N ILE E 96 -11.52 7.95 22.65
CA ILE E 96 -12.88 7.44 22.71
C ILE E 96 -12.93 5.95 22.46
N GLU E 97 -13.78 5.28 23.24
CA GLU E 97 -13.86 3.82 23.24
C GLU E 97 -15.29 3.37 23.03
N ILE E 98 -15.55 2.70 21.90
CA ILE E 98 -16.90 2.21 21.66
C ILE E 98 -16.99 0.72 21.46
N GLN E 99 -17.98 0.11 22.10
CA GLN E 99 -18.24 -1.30 21.94
C GLN E 99 -19.68 -1.49 21.54
N LEU E 100 -19.92 -2.51 20.71
CA LEU E 100 -21.27 -2.94 20.38
C LEU E 100 -21.37 -4.43 20.56
N SER E 101 -22.47 -4.88 21.18
CA SER E 101 -22.78 -6.30 21.30
C SER E 101 -24.13 -6.53 20.66
N ALA E 102 -24.19 -7.47 19.71
CA ALA E 102 -25.43 -7.70 18.98
C ALA E 102 -25.56 -9.15 18.59
N GLY E 103 -26.79 -9.64 18.56
CA GLY E 103 -27.08 -10.99 18.15
C GLY E 103 -28.50 -11.40 18.48
N CYS E 104 -28.75 -12.70 18.43
CA CYS E 104 -30.08 -13.24 18.73
C CYS E 104 -29.93 -14.48 19.59
N GLU E 105 -30.85 -14.64 20.52
CA GLU E 105 -30.87 -15.79 21.42
C GLU E 105 -32.01 -16.75 21.06
N MET E 106 -31.68 -18.04 20.91
CA MET E 106 -32.60 -19.04 20.35
C MET E 106 -33.45 -19.80 21.39
N TYR E 107 -34.72 -20.04 21.05
CA TYR E 107 -35.66 -20.74 21.95
C TYR E 107 -36.31 -21.96 21.28
N PRO E 108 -37.04 -22.80 22.05
CA PRO E 108 -37.80 -23.91 21.47
C PRO E 108 -38.81 -23.50 20.38
N GLY E 109 -38.86 -24.28 19.30
CA GLY E 109 -39.75 -24.00 18.18
C GLY E 109 -39.08 -23.12 17.14
N ASN E 110 -39.56 -21.89 17.03
CA ASN E 110 -38.99 -20.92 16.10
C ASN E 110 -38.66 -19.59 16.78
N ALA E 111 -39.01 -19.50 18.07
CA ALA E 111 -38.89 -18.25 18.83
C ALA E 111 -37.45 -17.80 19.10
N SER E 112 -37.19 -16.51 18.84
CA SER E 112 -35.91 -15.86 19.18
C SER E 112 -36.11 -14.37 19.51
N GLU E 113 -35.11 -13.79 20.18
CA GLU E 113 -35.13 -12.39 20.50
C GLU E 113 -33.75 -11.78 20.21
N SER E 114 -33.73 -10.76 19.35
CA SER E 114 -32.50 -10.07 18.95
C SER E 114 -32.22 -8.80 19.76
N PHE E 115 -30.96 -8.39 19.76
CA PHE E 115 -30.53 -7.22 20.51
C PHE E 115 -29.35 -6.50 19.83
N LEU E 116 -29.25 -5.20 20.07
CA LEU E 116 -28.10 -4.42 19.64
C LEU E 116 -27.86 -3.38 20.73
N HIS E 117 -26.72 -3.53 21.41
CA HIS E 117 -26.40 -2.77 22.62
C HIS E 117 -25.07 -2.10 22.47
N VAL E 118 -25.02 -0.79 22.71
CA VAL E 118 -23.83 -0.02 22.48
C VAL E 118 -23.30 0.58 23.76
N ALA E 119 -21.99 0.55 23.92
CA ALA E 119 -21.41 1.11 25.12
C ALA E 119 -20.39 2.17 24.76
N PHE E 120 -20.53 3.32 25.40
CA PHE E 120 -19.65 4.45 25.19
C PHE E 120 -18.75 4.60 26.39
N GLN E 121 -17.44 4.60 26.14
CA GLN E 121 -16.46 4.70 27.21
C GLN E 121 -16.77 3.73 28.36
N GLY E 122 -17.01 2.46 28.03
CA GLY E 122 -17.13 1.41 29.03
C GLY E 122 -18.47 1.30 29.74
N LYS E 123 -19.41 2.18 29.40
CA LYS E 123 -20.74 2.14 30.01
C LYS E 123 -21.84 2.01 28.96
N TYR E 124 -22.82 1.17 29.23
CA TYR E 124 -23.93 0.88 28.31
C TYR E 124 -24.83 2.10 28.19
N VAL E 125 -25.07 2.59 26.97
CA VAL E 125 -25.77 3.90 26.77
C VAL E 125 -26.87 3.92 25.73
N VAL E 126 -26.71 3.16 24.65
CA VAL E 126 -27.65 3.15 23.52
C VAL E 126 -27.99 1.73 23.07
N ARG E 127 -29.24 1.54 22.67
CA ARG E 127 -29.65 0.25 22.13
C ARG E 127 -30.51 0.46 20.93
N PHE E 128 -30.64 -0.55 20.09
CA PHE E 128 -31.60 -0.44 19.00
C PHE E 128 -32.84 -1.19 19.43
N TRP E 129 -33.97 -0.51 19.37
CA TRP E 129 -35.17 -1.12 19.89
C TRP E 129 -36.36 -0.81 19.02
N GLY E 130 -36.89 -1.84 18.38
CA GLY E 130 -38.09 -1.70 17.61
C GLY E 130 -37.73 -1.22 16.24
N THR E 131 -37.82 0.09 16.01
CA THR E 131 -37.56 0.62 14.69
C THR E 131 -36.63 1.83 14.72
N SER E 132 -35.92 2.02 15.83
CA SER E 132 -35.04 3.17 15.98
C SER E 132 -34.10 3.03 17.15
N TRP E 133 -33.12 3.93 17.18
CA TRP E 133 -32.13 3.99 18.25
C TRP E 133 -32.72 4.75 19.37
N GLN E 134 -32.51 4.25 20.58
CA GLN E 134 -32.93 4.96 21.77
C GLN E 134 -31.80 4.92 22.81
N THR E 135 -31.86 5.85 23.76
CA THR E 135 -30.92 5.84 24.89
C THR E 135 -31.52 5.07 26.06
N VAL E 136 -30.68 4.39 26.83
CA VAL E 136 -31.13 3.62 27.96
C VAL E 136 -31.02 4.45 29.24
N PRO E 137 -31.65 3.99 30.35
CA PRO E 137 -31.61 4.78 31.58
C PRO E 137 -30.17 4.97 32.05
N GLY E 138 -29.88 6.16 32.58
CA GLY E 138 -28.54 6.48 33.05
C GLY E 138 -27.66 7.19 32.03
N ALA E 139 -28.07 7.20 30.76
CA ALA E 139 -27.27 7.77 29.67
C ALA E 139 -27.17 9.27 29.79
N PRO E 140 -25.99 9.84 29.43
CA PRO E 140 -25.81 11.30 29.43
C PRO E 140 -26.68 11.98 28.39
N SER E 141 -27.28 13.12 28.77
CA SER E 141 -28.29 13.82 27.94
C SER E 141 -27.83 14.28 26.56
N TRP E 142 -26.56 14.60 26.43
CA TRP E 142 -26.08 15.13 25.18
C TRP E 142 -26.22 14.13 24.08
N LEU E 143 -26.33 12.86 24.45
CA LEU E 143 -26.47 11.79 23.48
C LEU E 143 -27.75 11.88 22.66
N ASP E 144 -28.70 12.66 23.11
CA ASP E 144 -29.96 12.81 22.38
C ASP E 144 -29.74 13.29 20.94
N LEU E 145 -28.78 14.19 20.76
CA LEU E 145 -28.53 14.76 19.44
C LEU E 145 -27.98 13.73 18.46
N PRO E 146 -26.86 13.05 18.81
CA PRO E 146 -26.47 11.92 17.96
C PRO E 146 -27.63 10.96 17.66
N ILE E 147 -28.33 10.45 18.67
CA ILE E 147 -29.49 9.58 18.43
C ILE E 147 -30.46 10.14 17.38
N LYS E 148 -30.68 11.46 17.41
CA LYS E 148 -31.61 12.09 16.50
C LYS E 148 -31.13 11.99 15.06
N VAL E 149 -29.82 12.14 14.88
CA VAL E 149 -29.16 12.05 13.57
C VAL E 149 -29.15 10.61 13.08
N LEU E 150 -28.70 9.69 13.94
CA LEU E 150 -28.80 8.26 13.63
C LEU E 150 -30.23 7.87 13.21
N ASN E 151 -31.22 8.34 13.95
CA ASN E 151 -32.60 8.08 13.57
C ASN E 151 -33.04 8.83 12.33
N ALA E 152 -32.30 9.88 11.94
CA ALA E 152 -32.66 10.58 10.71
C ALA E 152 -32.54 9.63 9.53
N ASP E 153 -31.62 8.67 9.61
CA ASP E 153 -31.15 7.89 8.48
C ASP E 153 -32.00 6.66 8.30
N GLN E 154 -33.01 6.77 7.43
CA GLN E 154 -33.97 5.69 7.22
C GLN E 154 -33.40 4.44 6.56
N GLY E 155 -32.46 4.62 5.63
CA GLY E 155 -31.73 3.50 5.05
C GLY E 155 -31.19 2.57 6.11
N THR E 156 -30.28 3.07 6.94
CA THR E 156 -29.68 2.32 8.05
C THR E 156 -30.72 1.65 8.91
N SER E 157 -31.77 2.36 9.29
CA SER E 157 -32.81 1.77 10.15
C SER E 157 -33.44 0.49 9.56
N ALA E 158 -33.97 0.61 8.34
CA ALA E 158 -34.44 -0.50 7.53
C ALA E 158 -33.46 -1.68 7.57
N THR E 159 -32.23 -1.43 7.14
CA THR E 159 -31.19 -2.45 7.13
C THR E 159 -31.07 -3.14 8.49
N VAL E 160 -31.10 -2.36 9.57
CA VAL E 160 -30.84 -2.91 10.90
C VAL E 160 -32.03 -3.76 11.41
N GLN E 161 -33.26 -3.30 11.16
CA GLN E 161 -34.45 -4.10 11.48
C GLN E 161 -34.39 -5.45 10.77
N MET E 162 -33.97 -5.44 9.50
CA MET E 162 -33.84 -6.64 8.69
C MET E 162 -32.83 -7.63 9.25
N LEU E 163 -31.65 -7.16 9.63
CA LEU E 163 -30.64 -8.05 10.20
C LEU E 163 -31.11 -8.61 11.54
N LEU E 164 -31.78 -7.77 12.34
CA LEU E 164 -32.15 -8.17 13.67
C LEU E 164 -33.41 -9.01 13.71
N ASN E 165 -34.40 -8.69 12.88
CA ASN E 165 -35.63 -9.48 12.81
C ASN E 165 -35.46 -10.79 12.06
N ASP E 166 -34.90 -10.72 10.84
CA ASP E 166 -34.88 -11.84 9.90
C ASP E 166 -33.53 -12.54 9.79
N THR E 167 -32.52 -11.82 9.32
CA THR E 167 -31.21 -12.39 8.98
C THR E 167 -30.55 -13.15 10.12
N CYS E 168 -30.47 -12.54 11.32
CA CYS E 168 -29.83 -13.16 12.48
C CYS E 168 -30.43 -14.54 12.81
N PRO E 169 -31.74 -14.61 13.17
CA PRO E 169 -32.33 -15.91 13.46
C PRO E 169 -32.10 -16.91 12.34
N LEU E 170 -32.56 -16.59 11.13
CA LEU E 170 -32.39 -17.48 9.98
C LEU E 170 -30.97 -18.06 9.93
N PHE E 171 -29.98 -17.20 10.14
CA PHE E 171 -28.59 -17.61 10.07
C PHE E 171 -28.17 -18.54 11.21
N VAL E 172 -28.71 -18.29 12.39
CA VAL E 172 -28.36 -19.10 13.56
C VAL E 172 -29.02 -20.50 13.50
N ARG E 173 -30.31 -20.53 13.12
CA ARG E 173 -31.03 -21.79 12.85
C ARG E 173 -30.21 -22.69 11.93
N GLY E 174 -29.55 -22.07 10.95
CA GLY E 174 -28.66 -22.77 10.01
C GLY E 174 -27.28 -23.06 10.57
N LEU E 175 -26.74 -22.14 11.36
CA LEU E 175 -25.47 -22.33 12.05
C LEU E 175 -25.54 -23.48 13.04
N LEU E 176 -26.70 -23.65 13.67
CA LEU E 176 -26.93 -24.70 14.67
C LEU E 176 -26.91 -26.11 14.07
N GLU E 177 -27.45 -26.25 12.86
CA GLU E 177 -27.41 -27.52 12.13
C GLU E 177 -25.99 -27.88 11.75
N ALA E 178 -25.33 -26.95 11.07
CA ALA E 178 -24.03 -27.20 10.48
C ALA E 178 -22.89 -27.41 11.49
N GLY E 179 -23.10 -27.03 12.73
CA GLY E 179 -22.07 -27.21 13.73
C GLY E 179 -22.49 -28.04 14.92
N LYS E 180 -23.58 -28.82 14.76
CA LYS E 180 -24.18 -29.62 15.85
C LYS E 180 -23.18 -30.59 16.48
N SER E 181 -22.34 -31.20 15.64
CA SER E 181 -21.32 -32.13 16.09
C SER E 181 -20.37 -31.52 17.11
N ASP E 182 -19.93 -30.28 16.86
CA ASP E 182 -19.01 -29.60 17.77
C ASP E 182 -19.70 -29.06 19.01
N LEU E 183 -20.95 -28.64 18.82
CA LEU E 183 -21.72 -28.07 19.91
C LEU E 183 -22.09 -29.14 20.94
N GLU E 184 -22.48 -30.31 20.45
CA GLU E 184 -22.88 -31.40 21.33
C GLU E 184 -21.70 -32.32 21.67
N LYS E 185 -20.49 -31.94 21.24
CA LYS E 185 -19.28 -32.70 21.55
C LYS E 185 -19.09 -32.84 23.06
N GLN E 186 -18.64 -34.02 23.47
CA GLN E 186 -18.43 -34.32 24.87
C GLN E 186 -16.94 -34.48 25.17
N GLU E 187 -16.44 -33.71 26.13
CA GLU E 187 -15.03 -33.80 26.55
C GLU E 187 -14.92 -34.10 28.04
N LYS E 188 -14.11 -35.11 28.36
CA LYS E 188 -14.02 -35.62 29.72
C LYS E 188 -13.00 -34.85 30.57
N PRO E 189 -13.45 -34.36 31.74
CA PRO E 189 -12.61 -33.61 32.70
C PRO E 189 -11.44 -34.42 33.25
N VAL E 190 -10.33 -33.74 33.50
CA VAL E 190 -9.18 -34.37 34.16
C VAL E 190 -8.96 -33.61 35.47
N ALA E 191 -8.96 -34.35 36.59
CA ALA E 191 -8.85 -33.75 37.92
C ALA E 191 -7.57 -34.10 38.65
N TRP E 192 -6.98 -33.11 39.31
CA TRP E 192 -5.87 -33.32 40.23
C TRP E 192 -6.03 -32.46 41.47
N LEU E 193 -5.28 -32.83 42.51
CA LEU E 193 -5.35 -32.13 43.80
C LEU E 193 -4.00 -31.54 44.24
N SER E 194 -4.06 -30.61 45.18
CA SER E 194 -2.90 -29.98 45.81
C SER E 194 -3.44 -29.12 46.96
N SER E 195 -2.53 -28.49 47.70
CA SER E 195 -2.92 -27.59 48.79
C SER E 195 -1.88 -26.51 49.03
N VAL E 196 -2.33 -25.36 49.54
CA VAL E 196 -1.43 -24.23 49.80
C VAL E 196 -1.56 -23.71 51.24
N PRO E 197 -0.42 -23.33 51.87
CA PRO E 197 -0.41 -22.92 53.29
C PRO E 197 -1.22 -21.65 53.57
N ARG E 204 -4.96 -25.38 55.98
CA ARG E 204 -4.45 -25.53 54.62
C ARG E 204 -5.58 -25.67 53.61
N GLN E 205 -5.61 -24.78 52.61
CA GLN E 205 -6.62 -24.80 51.56
C GLN E 205 -6.25 -25.83 50.51
N LEU E 206 -7.10 -26.86 50.36
CA LEU E 206 -6.93 -27.89 49.35
C LEU E 206 -7.62 -27.50 48.06
N VAL E 207 -6.96 -27.78 46.94
CA VAL E 207 -7.48 -27.43 45.62
C VAL E 207 -7.78 -28.68 44.79
N CYS E 208 -8.97 -28.69 44.19
CA CYS E 208 -9.38 -29.70 43.23
C CYS E 208 -9.39 -29.07 41.84
N HIS E 209 -8.28 -29.20 41.11
CA HIS E 209 -8.16 -28.64 39.76
C HIS E 209 -8.91 -29.49 38.77
N VAL E 210 -9.88 -28.90 38.07
CA VAL E 210 -10.58 -29.63 37.00
C VAL E 210 -10.38 -28.93 35.65
N SER E 211 -9.95 -29.68 34.64
CA SER E 211 -9.53 -29.09 33.37
C SER E 211 -9.81 -29.98 32.17
N GLY E 212 -10.37 -29.39 31.13
CA GLY E 212 -10.57 -30.09 29.87
C GLY E 212 -11.98 -30.53 29.57
N PHE E 213 -12.94 -30.07 30.36
CA PHE E 213 -14.32 -30.51 30.21
C PHE E 213 -15.16 -29.58 29.32
N TYR E 214 -16.04 -30.20 28.54
CA TYR E 214 -17.00 -29.50 27.71
C TYR E 214 -18.24 -30.37 27.53
N PRO E 215 -19.46 -29.77 27.57
CA PRO E 215 -19.85 -28.38 27.83
C PRO E 215 -19.55 -27.89 29.27
N LYS E 216 -19.91 -26.63 29.55
CA LYS E 216 -19.55 -25.95 30.81
C LYS E 216 -20.35 -26.37 32.04
N PRO E 217 -21.60 -26.88 31.86
CA PRO E 217 -22.30 -27.34 33.07
C PRO E 217 -21.51 -28.47 33.71
N VAL E 218 -21.14 -28.29 34.97
CA VAL E 218 -20.33 -29.25 35.69
C VAL E 218 -20.71 -29.24 37.17
N TRP E 219 -20.53 -30.37 37.85
CA TRP E 219 -20.78 -30.45 39.27
C TRP E 219 -19.55 -30.96 39.96
N VAL E 220 -18.93 -30.10 40.76
CA VAL E 220 -17.71 -30.47 41.48
C VAL E 220 -17.92 -30.23 42.96
N MET E 221 -17.87 -31.32 43.74
CA MET E 221 -18.05 -31.24 45.18
C MET E 221 -17.03 -32.08 45.95
N TRP E 222 -16.59 -31.54 47.09
CA TRP E 222 -15.75 -32.27 48.03
C TRP E 222 -16.58 -33.19 48.89
N MET E 223 -16.07 -34.39 49.15
CA MET E 223 -16.83 -35.40 49.88
C MET E 223 -16.00 -36.05 50.99
N ARG E 224 -16.62 -36.24 52.15
CA ARG E 224 -16.11 -37.13 53.20
C ARG E 224 -17.00 -38.36 53.13
N GLY E 225 -16.67 -39.25 52.19
CA GLY E 225 -17.50 -40.42 51.87
C GLY E 225 -18.78 -40.01 51.16
N ASP E 226 -19.79 -39.64 51.95
CA ASP E 226 -21.11 -39.24 51.45
C ASP E 226 -21.54 -37.88 52.01
N GLN E 227 -20.83 -37.42 53.03
CA GLN E 227 -21.07 -36.11 53.64
C GLN E 227 -20.62 -34.98 52.69
N GLU E 228 -21.59 -34.36 52.02
CA GLU E 228 -21.32 -33.25 51.11
C GLU E 228 -20.74 -32.05 51.85
N GLN E 229 -19.45 -31.81 51.60
CA GLN E 229 -18.74 -30.71 52.26
C GLN E 229 -19.27 -29.34 51.82
N GLN E 230 -19.70 -28.55 52.78
CA GLN E 230 -20.31 -27.26 52.52
C GLN E 230 -19.27 -26.14 52.47
N GLY E 231 -18.09 -26.40 53.01
CA GLY E 231 -16.98 -25.45 53.00
C GLY E 231 -16.30 -25.33 51.65
N THR E 232 -16.81 -26.06 50.66
CA THR E 232 -16.29 -26.05 49.29
C THR E 232 -16.54 -24.67 48.64
N HIS E 233 -15.47 -24.07 48.11
CA HIS E 233 -15.54 -22.76 47.47
C HIS E 233 -15.18 -22.89 46.00
N ARG E 234 -16.20 -22.81 45.12
CA ARG E 234 -16.00 -22.93 43.66
C ARG E 234 -15.47 -21.63 43.05
N GLY E 235 -14.59 -21.77 42.06
CA GLY E 235 -13.96 -20.61 41.40
C GLY E 235 -14.73 -20.18 40.17
N ASP E 236 -14.06 -19.40 39.31
CA ASP E 236 -14.66 -18.97 38.04
C ASP E 236 -14.22 -19.92 36.93
N PHE E 237 -15.08 -20.11 35.94
CA PHE E 237 -14.73 -20.91 34.79
C PHE E 237 -13.69 -20.18 33.94
N LEU E 238 -12.53 -20.81 33.76
CA LEU E 238 -11.45 -20.24 32.97
C LEU E 238 -11.27 -21.07 31.69
N PRO E 239 -10.89 -20.42 30.58
CA PRO E 239 -10.77 -21.15 29.31
C PRO E 239 -9.41 -21.79 29.04
N ASN E 240 -9.40 -22.82 28.20
CA ASN E 240 -8.15 -23.40 27.68
C ASN E 240 -8.10 -23.16 26.17
N ALA E 241 -6.89 -22.96 25.64
CA ALA E 241 -6.68 -22.69 24.22
C ALA E 241 -7.45 -23.61 23.27
N ASP E 242 -7.56 -24.89 23.62
CA ASP E 242 -8.27 -25.86 22.77
C ASP E 242 -9.79 -25.80 22.92
N GLU E 243 -10.26 -24.69 23.49
CA GLU E 243 -11.68 -24.43 23.71
C GLU E 243 -12.36 -25.44 24.63
N THR E 244 -11.68 -25.80 25.72
CA THR E 244 -12.24 -26.57 26.83
C THR E 244 -12.22 -25.71 28.10
N TRP E 245 -12.94 -26.17 29.12
CA TRP E 245 -13.10 -25.40 30.35
C TRP E 245 -12.26 -25.90 31.47
N TYR E 246 -11.70 -24.95 32.22
CA TYR E 246 -10.98 -25.22 33.45
C TYR E 246 -11.71 -24.55 34.62
N LEU E 247 -11.84 -25.26 35.73
CA LEU E 247 -12.39 -24.73 36.98
C LEU E 247 -11.65 -25.33 38.17
N GLN E 248 -11.70 -24.66 39.31
CA GLN E 248 -11.16 -25.23 40.54
C GLN E 248 -12.03 -24.98 41.78
N ALA E 249 -11.93 -25.90 42.75
CA ALA E 249 -12.65 -25.84 44.02
C ALA E 249 -11.69 -25.92 45.23
N THR E 250 -11.73 -24.90 46.08
CA THR E 250 -10.88 -24.83 47.28
C THR E 250 -11.66 -25.16 48.56
N LEU E 251 -11.04 -25.93 49.44
CA LEU E 251 -11.61 -26.24 50.74
C LEU E 251 -10.67 -25.82 51.87
N ASP E 252 -11.18 -25.00 52.78
CA ASP E 252 -10.42 -24.53 53.95
C ASP E 252 -10.49 -25.56 55.08
N VAL E 253 -9.37 -26.24 55.35
CA VAL E 253 -9.33 -27.33 56.33
C VAL E 253 -8.20 -27.21 57.36
N GLU E 254 -8.40 -27.85 58.52
CA GLU E 254 -7.42 -27.92 59.61
C GLU E 254 -6.39 -29.04 59.37
N ALA E 255 -5.15 -28.78 59.80
CA ALA E 255 -4.02 -29.67 59.57
C ALA E 255 -4.26 -31.07 60.14
N GLY E 256 -4.15 -32.08 59.27
CA GLY E 256 -4.32 -33.47 59.67
C GLY E 256 -5.40 -34.21 58.91
N GLU E 257 -6.51 -33.50 58.62
CA GLU E 257 -7.67 -34.10 57.97
C GLU E 257 -7.53 -34.26 56.44
N GLU E 258 -6.29 -34.31 55.95
CA GLU E 258 -5.98 -34.46 54.52
C GLU E 258 -6.40 -35.82 53.98
N ALA E 259 -6.02 -36.88 54.71
CA ALA E 259 -6.36 -38.25 54.36
C ALA E 259 -7.85 -38.51 54.60
N GLY E 260 -8.50 -39.15 53.62
CA GLY E 260 -9.92 -39.47 53.71
C GLY E 260 -10.78 -38.70 52.73
N LEU E 261 -10.65 -37.37 52.74
CA LEU E 261 -11.42 -36.49 51.86
C LEU E 261 -11.11 -36.73 50.38
N ALA E 262 -12.17 -36.66 49.56
CA ALA E 262 -12.05 -36.92 48.12
C ALA E 262 -12.89 -35.94 47.28
N CYS E 263 -12.46 -35.73 46.03
CA CYS E 263 -13.18 -34.86 45.10
C CYS E 263 -14.09 -35.70 44.21
N ARG E 264 -15.36 -35.33 44.13
CA ARG E 264 -16.29 -36.01 43.22
C ARG E 264 -16.75 -35.08 42.10
N VAL E 265 -16.84 -35.63 40.90
CA VAL E 265 -17.14 -34.83 39.70
C VAL E 265 -18.29 -35.45 38.91
N LYS E 266 -19.34 -34.66 38.69
CA LYS E 266 -20.44 -35.05 37.81
C LYS E 266 -20.35 -34.28 36.48
N HIS E 267 -20.33 -35.03 35.38
CA HIS E 267 -20.29 -34.44 34.03
C HIS E 267 -20.92 -35.38 33.02
N SER E 268 -21.53 -34.80 31.99
CA SER E 268 -22.22 -35.54 30.93
C SER E 268 -21.30 -36.39 30.05
N SER E 269 -20.01 -36.05 30.05
CA SER E 269 -19.00 -36.75 29.25
C SER E 269 -18.65 -38.12 29.83
N LEU E 270 -18.93 -38.29 31.13
CA LEU E 270 -18.60 -39.51 31.88
C LEU E 270 -19.67 -40.61 31.72
N GLY E 271 -20.93 -40.22 31.85
CA GLY E 271 -22.06 -41.12 31.60
C GLY E 271 -22.30 -42.15 32.70
N GLY E 272 -22.33 -41.67 33.95
CA GLY E 272 -22.54 -42.53 35.12
C GLY E 272 -21.27 -42.77 35.92
N GLN E 273 -20.12 -42.87 35.24
CA GLN E 273 -18.84 -43.10 35.89
C GLN E 273 -18.23 -41.79 36.38
N ASP E 274 -18.57 -41.41 37.62
CA ASP E 274 -18.06 -40.18 38.21
C ASP E 274 -16.58 -40.26 38.56
N ILE E 275 -15.85 -39.17 38.29
CA ILE E 275 -14.47 -39.08 38.73
C ILE E 275 -14.47 -38.94 40.24
N ILE E 276 -13.62 -39.73 40.89
CA ILE E 276 -13.45 -39.70 42.33
C ILE E 276 -11.98 -39.98 42.65
N LEU E 277 -11.29 -38.98 43.20
CA LEU E 277 -9.86 -39.05 43.47
C LEU E 277 -9.58 -38.70 44.92
N TYR E 278 -8.89 -39.60 45.64
CA TYR E 278 -8.65 -39.46 47.09
C TYR E 278 -7.29 -38.82 47.39
N TRP E 279 -7.19 -38.14 48.54
CA TRP E 279 -5.91 -37.60 49.00
C TRP E 279 -5.13 -38.67 49.70
N GLN F 2 -11.27 3.75 34.43
CA GLN F 2 -10.26 2.70 34.12
C GLN F 2 -10.41 1.47 35.03
N LYS F 3 -10.68 0.32 34.40
CA LYS F 3 -10.75 -0.96 35.11
C LYS F 3 -9.33 -1.53 35.23
N THR F 4 -9.03 -2.12 36.40
CA THR F 4 -7.68 -2.64 36.69
C THR F 4 -7.59 -4.19 36.59
N PRO F 5 -6.64 -4.72 35.80
CA PRO F 5 -6.66 -6.11 35.32
C PRO F 5 -6.48 -7.20 36.38
N GLN F 6 -7.10 -8.36 36.16
CA GLN F 6 -6.92 -9.53 37.01
C GLN F 6 -6.29 -10.67 36.22
N ILE F 7 -5.15 -11.18 36.72
CA ILE F 7 -4.36 -12.22 36.03
C ILE F 7 -4.54 -13.60 36.69
N GLN F 8 -4.62 -14.65 35.88
CA GLN F 8 -4.80 -16.01 36.40
C GLN F 8 -4.03 -17.07 35.60
N VAL F 9 -2.89 -17.49 36.15
CA VAL F 9 -2.05 -18.47 35.49
C VAL F 9 -2.46 -19.88 35.94
N TYR F 10 -2.38 -20.83 35.03
CA TYR F 10 -2.77 -22.21 35.27
C TYR F 10 -2.36 -23.12 34.11
N SER F 11 -2.44 -24.44 34.29
CA SER F 11 -2.04 -25.39 33.24
C SER F 11 -3.19 -26.20 32.65
N ARG F 12 -2.98 -26.68 31.43
CA ARG F 12 -4.01 -27.41 30.70
C ARG F 12 -4.23 -28.80 31.27
N HIS F 13 -3.12 -29.55 31.41
CA HIS F 13 -3.11 -30.90 31.98
C HIS F 13 -2.53 -30.89 33.39
N PRO F 14 -2.66 -32.00 34.13
CA PRO F 14 -1.99 -32.09 35.44
C PRO F 14 -0.48 -31.85 35.34
N PRO F 15 0.09 -31.08 36.28
CA PRO F 15 1.51 -30.76 36.22
C PRO F 15 2.39 -31.90 36.71
N GLU F 16 3.13 -32.52 35.78
CA GLU F 16 4.12 -33.55 36.11
C GLU F 16 5.50 -33.05 35.66
N ASN F 17 6.43 -32.94 36.61
CA ASN F 17 7.77 -32.46 36.30
C ASN F 17 8.43 -33.22 35.15
N GLY F 18 8.85 -32.48 34.13
CA GLY F 18 9.55 -33.08 32.98
C GLY F 18 8.68 -33.46 31.80
N LYS F 19 7.36 -33.48 32.00
CA LYS F 19 6.41 -33.80 30.93
C LYS F 19 5.84 -32.53 30.26
N PRO F 20 5.87 -32.47 28.91
CA PRO F 20 5.37 -31.30 28.18
C PRO F 20 3.90 -31.04 28.50
N ASN F 21 3.51 -29.76 28.41
CA ASN F 21 2.19 -29.32 28.82
C ASN F 21 1.85 -27.95 28.19
N ILE F 22 0.73 -27.36 28.58
CA ILE F 22 0.37 -25.98 28.19
C ILE F 22 0.09 -25.13 29.43
N LEU F 23 0.72 -23.95 29.47
CA LEU F 23 0.49 -22.97 30.51
C LEU F 23 -0.46 -21.87 29.99
N ASN F 24 -1.37 -21.44 30.86
CA ASN F 24 -2.39 -20.46 30.54
C ASN F 24 -2.24 -19.18 31.35
N CYS F 25 -1.96 -18.07 30.66
CA CYS F 25 -2.15 -16.74 31.25
C CYS F 25 -3.46 -16.14 30.74
N TYR F 26 -4.32 -15.72 31.67
CA TYR F 26 -5.66 -15.28 31.32
C TYR F 26 -6.02 -14.00 32.07
N VAL F 27 -5.93 -12.88 31.35
CA VAL F 27 -6.19 -11.54 31.89
C VAL F 27 -7.62 -11.07 31.60
N THR F 28 -8.23 -10.41 32.60
CA THR F 28 -9.65 -10.06 32.55
C THR F 28 -9.91 -8.76 33.28
N GLN F 29 -11.17 -8.33 33.24
CA GLN F 29 -11.69 -7.14 33.94
C GLN F 29 -10.80 -5.88 33.80
N PHE F 30 -10.36 -5.61 32.58
CA PHE F 30 -9.59 -4.38 32.29
C PHE F 30 -10.26 -3.45 31.28
N HIS F 31 -9.96 -2.16 31.40
CA HIS F 31 -10.42 -1.12 30.49
C HIS F 31 -9.53 0.07 30.69
N PRO F 32 -9.06 0.70 29.59
CA PRO F 32 -9.24 0.48 28.15
C PRO F 32 -8.53 -0.76 27.60
N PRO F 33 -8.94 -1.24 26.42
CA PRO F 33 -8.44 -2.47 25.82
C PRO F 33 -7.01 -2.48 25.31
N HIS F 34 -6.23 -1.44 25.55
CA HIS F 34 -4.81 -1.54 25.18
C HIS F 34 -3.95 -2.14 26.29
N ILE F 35 -3.28 -3.24 25.96
CA ILE F 35 -2.56 -4.03 26.97
C ILE F 35 -1.32 -4.74 26.39
N GLU F 36 -0.24 -4.79 27.18
CA GLU F 36 0.94 -5.59 26.82
C GLU F 36 1.06 -6.79 27.75
N ILE F 37 1.21 -7.98 27.17
CA ILE F 37 1.26 -9.24 27.93
C ILE F 37 2.44 -10.12 27.51
N GLN F 38 3.30 -10.46 28.48
CA GLN F 38 4.42 -11.41 28.28
C GLN F 38 4.34 -12.61 29.22
N MET F 39 4.68 -13.78 28.70
CA MET F 39 4.86 -14.97 29.52
C MET F 39 6.36 -15.26 29.68
N LEU F 40 6.79 -15.45 30.93
CA LEU F 40 8.22 -15.51 31.26
C LEU F 40 8.67 -16.87 31.80
N LYS F 41 9.79 -17.37 31.26
CA LYS F 41 10.47 -18.54 31.82
C LYS F 41 11.75 -18.08 32.50
N ASN F 42 11.75 -18.10 33.84
CA ASN F 42 12.86 -17.58 34.65
C ASN F 42 13.10 -16.08 34.46
N GLY F 43 12.02 -15.32 34.29
CA GLY F 43 12.15 -13.87 34.11
C GLY F 43 12.64 -13.45 32.74
N LYS F 44 12.74 -14.43 31.83
CA LYS F 44 13.07 -14.18 30.42
C LYS F 44 11.85 -14.41 29.49
N LYS F 45 11.67 -13.52 28.52
CA LYS F 45 10.50 -13.53 27.64
C LYS F 45 10.49 -14.67 26.60
N ILE F 46 9.57 -15.61 26.76
CA ILE F 46 9.38 -16.70 25.79
C ILE F 46 8.96 -16.09 24.44
N PRO F 47 9.61 -16.50 23.33
CA PRO F 47 9.38 -15.88 22.02
C PRO F 47 7.99 -16.12 21.40
N LYS F 48 7.69 -17.35 21.01
CA LYS F 48 6.46 -17.64 20.26
C LYS F 48 5.26 -17.94 21.16
N VAL F 49 4.72 -16.89 21.80
CA VAL F 49 3.54 -17.02 22.66
C VAL F 49 2.24 -16.75 21.88
N GLU F 50 1.28 -17.65 22.00
CA GLU F 50 0.01 -17.52 21.31
C GLU F 50 -1.01 -16.70 22.11
N MET F 51 -1.77 -15.88 21.39
CA MET F 51 -2.78 -15.00 21.96
C MET F 51 -4.09 -15.24 21.26
N SER F 52 -5.16 -15.40 22.03
CA SER F 52 -6.50 -15.43 21.47
C SER F 52 -6.96 -14.00 21.17
N ASP F 53 -8.06 -13.89 20.42
CA ASP F 53 -8.63 -12.60 20.06
C ASP F 53 -9.26 -11.97 21.28
N MET F 54 -9.11 -10.66 21.41
CA MET F 54 -9.74 -9.97 22.54
C MET F 54 -11.26 -10.02 22.38
N SER F 55 -11.97 -9.99 23.50
CA SER F 55 -13.42 -10.05 23.53
C SER F 55 -13.84 -9.40 24.85
N PHE F 56 -15.13 -9.41 25.17
CA PHE F 56 -15.57 -8.82 26.44
C PHE F 56 -16.81 -9.48 27.01
N SER F 57 -16.98 -9.37 28.33
CA SER F 57 -18.09 -10.02 29.03
C SER F 57 -19.35 -9.17 29.03
N LYS F 58 -20.47 -9.76 29.44
CA LYS F 58 -21.76 -9.08 29.47
C LYS F 58 -21.69 -7.77 30.27
N ASP F 59 -20.68 -7.62 31.13
CA ASP F 59 -20.51 -6.39 31.90
C ASP F 59 -19.52 -5.43 31.23
N TRP F 60 -19.17 -5.75 29.98
CA TRP F 60 -18.32 -4.89 29.14
C TRP F 60 -16.85 -4.97 29.40
N SER F 61 -16.43 -5.80 30.34
CA SER F 61 -15.00 -5.91 30.63
C SER F 61 -14.25 -6.86 29.68
N PHE F 62 -13.08 -6.39 29.24
CA PHE F 62 -12.26 -7.08 28.24
C PHE F 62 -11.52 -8.23 28.86
N TYR F 63 -11.37 -9.31 28.11
CA TYR F 63 -10.58 -10.46 28.55
C TYR F 63 -9.76 -11.05 27.38
N ILE F 64 -8.60 -11.63 27.70
CA ILE F 64 -7.75 -12.22 26.67
C ILE F 64 -6.94 -13.41 27.21
N LEU F 65 -6.81 -14.46 26.41
CA LEU F 65 -6.06 -15.63 26.82
C LEU F 65 -4.73 -15.72 26.09
N ALA F 66 -3.65 -15.74 26.88
CA ALA F 66 -2.31 -15.98 26.37
C ALA F 66 -1.88 -17.40 26.77
N HIS F 67 -1.22 -18.11 25.87
CA HIS F 67 -0.81 -19.49 26.15
C HIS F 67 0.43 -19.92 25.42
N THR F 68 1.21 -20.77 26.09
CA THR F 68 2.44 -21.31 25.55
C THR F 68 2.66 -22.77 25.99
N GLU F 69 3.44 -23.52 25.19
CA GLU F 69 3.89 -24.86 25.58
C GLU F 69 5.01 -24.75 26.61
N PHE F 70 4.93 -25.54 27.67
CA PHE F 70 6.02 -25.62 28.66
C PHE F 70 6.25 -27.03 29.21
N THR F 71 7.43 -27.24 29.79
CA THR F 71 7.80 -28.51 30.41
C THR F 71 8.25 -28.22 31.85
N PRO F 72 7.32 -28.29 32.82
CA PRO F 72 7.60 -27.91 34.21
C PRO F 72 8.71 -28.74 34.85
N THR F 73 9.50 -28.09 35.70
CA THR F 73 10.57 -28.75 36.46
C THR F 73 10.62 -28.09 37.83
N GLU F 74 11.02 -28.84 38.85
CA GLU F 74 11.09 -28.31 40.22
C GLU F 74 11.93 -27.03 40.30
N THR F 75 12.89 -26.90 39.38
CA THR F 75 13.82 -25.77 39.33
C THR F 75 13.21 -24.50 38.73
N ASP F 76 12.66 -24.61 37.51
CA ASP F 76 12.21 -23.47 36.69
C ASP F 76 10.99 -22.71 37.21
N THR F 77 11.04 -21.38 37.09
CA THR F 77 9.88 -20.51 37.39
C THR F 77 9.19 -19.99 36.11
N TYR F 78 7.87 -19.92 36.16
CA TYR F 78 7.05 -19.41 35.06
C TYR F 78 6.12 -18.29 35.51
N ALA F 79 6.10 -17.19 34.76
CA ALA F 79 5.35 -15.98 35.14
C ALA F 79 4.63 -15.26 33.98
N CYS F 80 3.85 -14.23 34.35
CA CYS F 80 3.09 -13.42 33.39
C CYS F 80 3.13 -11.93 33.72
N ARG F 81 3.87 -11.16 32.92
CA ARG F 81 3.98 -9.71 33.11
C ARG F 81 3.00 -8.97 32.20
N VAL F 82 2.24 -8.06 32.80
CA VAL F 82 1.22 -7.28 32.11
C VAL F 82 1.38 -5.78 32.37
N LYS F 83 1.68 -5.04 31.30
CA LYS F 83 1.72 -3.57 31.35
C LYS F 83 0.37 -2.99 30.90
N HIS F 84 -0.20 -2.11 31.73
CA HIS F 84 -1.49 -1.50 31.46
C HIS F 84 -1.60 -0.12 32.05
N ALA F 85 -2.34 0.74 31.36
CA ALA F 85 -2.54 2.15 31.73
C ALA F 85 -3.02 2.36 33.16
N SER F 86 -3.84 1.44 33.68
CA SER F 86 -4.39 1.56 35.04
C SER F 86 -3.41 1.19 36.18
N MET F 87 -2.17 0.85 35.81
CA MET F 87 -1.12 0.56 36.78
C MET F 87 0.16 1.33 36.41
N ALA F 88 0.77 1.99 37.40
CA ALA F 88 2.09 2.64 37.21
C ALA F 88 3.19 1.58 37.12
N GLU F 89 3.05 0.53 37.93
CA GLU F 89 4.03 -0.55 37.95
C GLU F 89 3.46 -1.78 37.23
N PRO F 90 4.22 -2.34 36.27
CA PRO F 90 3.86 -3.63 35.65
C PRO F 90 3.53 -4.69 36.71
N LYS F 91 2.49 -5.49 36.48
CA LYS F 91 2.13 -6.55 37.42
C LYS F 91 2.63 -7.90 36.93
N THR F 92 3.22 -8.67 37.83
CA THR F 92 3.71 -10.01 37.50
C THR F 92 3.06 -11.03 38.42
N VAL F 93 2.62 -12.14 37.82
CA VAL F 93 2.00 -13.25 38.54
C VAL F 93 2.74 -14.54 38.16
N TYR F 94 3.22 -15.27 39.17
CA TYR F 94 3.97 -16.52 38.96
C TYR F 94 3.08 -17.74 39.07
N TRP F 95 3.39 -18.73 38.25
CA TRP F 95 2.67 -20.00 38.26
C TRP F 95 2.96 -20.74 39.54
N ASP F 96 1.94 -21.42 40.04
CA ASP F 96 2.01 -22.10 41.32
C ASP F 96 1.20 -23.38 41.20
N ARG F 97 1.81 -24.53 41.47
CA ARG F 97 1.14 -25.83 41.22
C ARG F 97 0.01 -26.22 42.18
N THR G 3 -13.11 13.52 -7.91
CA THR G 3 -14.18 13.40 -8.96
C THR G 3 -14.72 11.95 -9.14
N GLN G 4 -15.57 11.58 -8.20
CA GLN G 4 -16.24 10.30 -8.24
C GLN G 4 -17.60 10.42 -8.95
N VAL G 5 -17.93 11.63 -9.43
CA VAL G 5 -19.18 11.87 -10.14
C VAL G 5 -18.87 12.35 -11.56
N GLU G 6 -19.29 11.59 -12.56
CA GLU G 6 -18.98 11.94 -13.94
C GLU G 6 -20.24 12.07 -14.78
N GLN G 7 -20.41 13.25 -15.40
CA GLN G 7 -21.56 13.55 -16.26
C GLN G 7 -21.21 13.50 -17.74
N SER G 8 -22.14 13.03 -18.56
CA SER G 8 -21.99 13.01 -20.02
C SER G 8 -23.35 13.18 -20.69
N PRO G 9 -23.41 13.83 -21.87
CA PRO G 9 -22.33 14.54 -22.55
C PRO G 9 -21.95 15.75 -21.75
N GLN G 10 -20.80 16.33 -22.10
CA GLN G 10 -20.32 17.58 -21.54
C GLN G 10 -21.27 18.73 -21.88
N SER G 11 -21.63 18.85 -23.14
CA SER G 11 -22.63 19.82 -23.59
C SER G 11 -23.30 19.26 -24.83
N LEU G 12 -24.48 19.80 -25.17
CA LEU G 12 -25.22 19.36 -26.35
C LEU G 12 -26.19 20.43 -26.79
N VAL G 13 -26.58 20.40 -28.07
CA VAL G 13 -27.47 21.41 -28.65
C VAL G 13 -28.67 20.75 -29.30
N VAL G 14 -29.88 21.19 -28.93
CA VAL G 14 -31.10 20.58 -29.49
C VAL G 14 -32.11 21.60 -29.97
N ARG G 15 -33.01 21.12 -30.83
CA ARG G 15 -34.07 21.95 -31.35
C ARG G 15 -35.28 21.79 -30.47
N GLN G 16 -35.92 22.92 -30.23
CA GLN G 16 -37.10 22.97 -29.43
C GLN G 16 -38.05 21.83 -29.76
N GLY G 17 -38.52 21.12 -28.74
CA GLY G 17 -39.55 20.10 -28.94
C GLY G 17 -38.98 18.71 -29.11
N GLU G 18 -37.67 18.63 -29.30
CA GLU G 18 -37.00 17.35 -29.31
C GLU G 18 -36.79 16.88 -27.90
N ASN G 19 -36.49 15.60 -27.73
CA ASN G 19 -36.15 15.06 -26.41
C ASN G 19 -34.65 14.92 -26.20
N CYS G 20 -34.23 14.81 -24.94
CA CYS G 20 -32.82 14.55 -24.68
C CYS G 20 -32.65 13.79 -23.39
N VAL G 21 -31.49 13.11 -23.29
CA VAL G 21 -31.18 12.24 -22.18
C VAL G 21 -29.83 12.64 -21.67
N LEU G 22 -29.70 12.74 -20.35
CA LEU G 22 -28.46 13.10 -19.74
C LEU G 22 -28.05 12.01 -18.76
N GLN G 23 -26.75 11.75 -18.73
CA GLN G 23 -26.11 10.63 -18.02
C GLN G 23 -25.38 11.12 -16.78
N CYS G 24 -25.30 10.23 -15.80
CA CYS G 24 -24.54 10.41 -14.60
C CYS G 24 -24.04 9.04 -14.16
N ASN G 25 -22.73 8.92 -14.00
CA ASN G 25 -22.10 7.72 -13.50
C ASN G 25 -21.17 8.13 -12.40
N TYR G 26 -21.12 7.31 -11.36
CA TYR G 26 -20.47 7.72 -10.13
C TYR G 26 -19.90 6.51 -9.41
N SER G 27 -18.93 6.75 -8.54
CA SER G 27 -18.30 5.68 -7.77
C SER G 27 -18.35 5.93 -6.27
N VAL G 28 -18.91 7.08 -5.86
CA VAL G 28 -19.17 7.37 -4.45
C VAL G 28 -19.70 6.15 -3.67
N THR G 29 -19.10 5.87 -2.50
CA THR G 29 -19.56 4.77 -1.65
C THR G 29 -19.70 5.20 -0.19
N PRO G 30 -20.86 4.96 0.44
CA PRO G 30 -22.10 4.45 -0.11
C PRO G 30 -22.84 5.53 -0.89
N ASP G 31 -23.97 5.16 -1.47
CA ASP G 31 -24.74 6.05 -2.33
C ASP G 31 -26.18 5.98 -1.86
N ASN G 32 -26.49 6.81 -0.88
CA ASN G 32 -27.79 6.79 -0.27
C ASN G 32 -28.87 7.33 -1.22
N HIS G 33 -28.54 8.41 -1.92
CA HIS G 33 -29.49 9.07 -2.81
C HIS G 33 -28.75 9.88 -3.86
N LEU G 34 -29.45 10.17 -4.96
CA LEU G 34 -28.89 10.93 -6.08
C LEU G 34 -29.92 11.96 -6.45
N ARG G 35 -29.46 13.19 -6.75
CA ARG G 35 -30.34 14.31 -6.94
C ARG G 35 -29.93 15.10 -8.15
N TRP G 36 -30.91 15.58 -8.94
CA TRP G 36 -30.64 16.38 -10.15
C TRP G 36 -30.97 17.83 -9.94
N PHE G 37 -30.04 18.71 -10.26
CA PHE G 37 -30.24 20.16 -10.15
C PHE G 37 -30.25 20.81 -11.52
N LYS G 38 -31.08 21.84 -11.66
CA LYS G 38 -31.04 22.72 -12.85
C LYS G 38 -30.41 24.04 -12.43
N GLN G 39 -29.42 24.52 -13.18
CA GLN G 39 -28.84 25.85 -12.89
C GLN G 39 -28.86 26.78 -14.10
N ASP G 40 -29.69 27.82 -14.07
CA ASP G 40 -29.71 28.84 -15.14
C ASP G 40 -28.43 29.67 -15.06
N THR G 41 -27.97 30.16 -16.21
CA THR G 41 -26.74 30.92 -16.27
C THR G 41 -26.85 32.06 -15.30
N GLY G 42 -25.81 32.21 -14.47
CA GLY G 42 -25.81 33.20 -13.40
C GLY G 42 -26.70 32.92 -12.19
N LYS G 43 -27.83 32.25 -12.39
CA LYS G 43 -28.71 31.90 -11.28
C LYS G 43 -28.12 30.81 -10.33
N GLY G 44 -28.99 30.25 -9.49
CA GLY G 44 -28.58 29.23 -8.51
C GLY G 44 -29.17 27.88 -8.82
N LEU G 45 -29.19 27.01 -7.81
CA LEU G 45 -29.48 25.59 -8.00
C LEU G 45 -30.91 25.20 -7.68
N VAL G 46 -31.71 24.91 -8.70
CA VAL G 46 -33.08 24.42 -8.46
C VAL G 46 -33.14 22.90 -8.50
N SER G 47 -33.57 22.26 -7.42
CA SER G 47 -33.76 20.80 -7.41
C SER G 47 -34.88 20.37 -8.35
N LEU G 48 -34.64 19.32 -9.15
CA LEU G 48 -35.65 18.83 -10.08
C LEU G 48 -36.23 17.49 -9.62
N THR G 49 -35.39 16.67 -9.01
CA THR G 49 -35.82 15.35 -8.57
C THR G 49 -34.75 14.72 -7.66
N VAL G 50 -35.17 13.72 -6.88
CA VAL G 50 -34.25 12.96 -6.04
C VAL G 50 -34.61 11.48 -6.03
N LEU G 51 -33.65 10.63 -6.38
CA LEU G 51 -33.86 9.19 -6.46
C LEU G 51 -33.21 8.51 -5.25
N VAL G 52 -33.84 7.48 -4.71
CA VAL G 52 -33.38 6.89 -3.45
C VAL G 52 -33.31 5.35 -3.40
N ASP G 53 -34.09 4.66 -4.22
CA ASP G 53 -34.12 3.20 -4.15
C ASP G 53 -33.06 2.53 -4.99
N GLN G 54 -32.94 1.21 -4.86
CA GLN G 54 -31.90 0.43 -5.56
C GLN G 54 -32.13 0.47 -7.08
N LYS G 55 -33.41 0.39 -7.47
CA LYS G 55 -33.84 0.60 -8.83
C LYS G 55 -34.99 1.57 -8.68
N ASP G 56 -34.78 2.80 -9.10
CA ASP G 56 -35.71 3.87 -8.81
C ASP G 56 -36.06 4.60 -10.08
N LYS G 57 -37.27 5.14 -10.12
CA LYS G 57 -37.78 5.97 -11.22
C LYS G 57 -38.62 7.12 -10.64
N THR G 58 -38.45 8.32 -11.16
CA THR G 58 -39.24 9.46 -10.68
C THR G 58 -39.68 10.23 -11.88
N SER G 59 -40.63 11.14 -11.69
CA SER G 59 -41.05 12.08 -12.75
C SER G 59 -41.62 13.37 -12.18
N ASN G 60 -41.23 14.48 -12.78
CA ASN G 60 -41.63 15.78 -12.32
C ASN G 60 -41.87 16.64 -13.56
N GLY G 61 -43.11 16.62 -14.04
CA GLY G 61 -43.46 17.35 -15.26
C GLY G 61 -42.83 16.66 -16.46
N ARG G 62 -42.17 17.45 -17.29
CA ARG G 62 -41.48 16.92 -18.48
C ARG G 62 -40.13 16.27 -18.12
N TYR G 63 -39.75 16.36 -16.85
CA TYR G 63 -38.55 15.71 -16.35
C TYR G 63 -38.91 14.33 -15.83
N SER G 64 -38.05 13.36 -16.10
CA SER G 64 -38.14 12.06 -15.46
C SER G 64 -36.74 11.52 -15.35
N ALA G 65 -36.53 10.62 -14.40
CA ALA G 65 -35.20 10.15 -14.09
C ALA G 65 -35.22 8.73 -13.57
N THR G 66 -34.12 8.03 -13.78
CA THR G 66 -33.96 6.66 -13.32
C THR G 66 -32.70 6.56 -12.47
N LEU G 67 -32.70 5.66 -11.49
CA LEU G 67 -31.50 5.33 -10.78
C LEU G 67 -31.39 3.83 -10.68
N ASP G 68 -30.20 3.30 -10.98
CA ASP G 68 -29.85 1.90 -10.78
C ASP G 68 -28.52 1.82 -10.02
N LYS G 69 -28.64 1.51 -8.74
CA LYS G 69 -27.51 1.50 -7.82
C LYS G 69 -26.48 0.38 -8.05
N ASP G 70 -26.88 -0.73 -8.66
CA ASP G 70 -25.89 -1.76 -9.01
C ASP G 70 -24.97 -1.22 -10.08
N ALA G 71 -25.56 -0.57 -11.08
CA ALA G 71 -24.78 0.02 -12.13
C ALA G 71 -24.10 1.30 -11.69
N LYS G 72 -24.55 1.88 -10.58
CA LYS G 72 -24.09 3.22 -10.13
C LYS G 72 -24.17 4.23 -11.29
N HIS G 73 -25.38 4.36 -11.82
CA HIS G 73 -25.64 5.09 -13.02
C HIS G 73 -27.03 5.66 -12.98
N SER G 74 -27.20 6.88 -13.49
CA SER G 74 -28.49 7.57 -13.52
C SER G 74 -28.69 8.32 -14.81
N THR G 75 -29.92 8.39 -15.29
CA THR G 75 -30.20 9.23 -16.45
C THR G 75 -31.34 10.21 -16.18
N LEU G 76 -31.24 11.40 -16.77
CA LEU G 76 -32.31 12.38 -16.72
C LEU G 76 -32.85 12.60 -18.12
N HIS G 77 -34.16 12.38 -18.29
CA HIS G 77 -34.84 12.57 -19.57
C HIS G 77 -35.63 13.84 -19.54
N ILE G 78 -35.50 14.65 -20.58
CA ILE G 78 -36.36 15.81 -20.73
C ILE G 78 -37.23 15.58 -21.95
N THR G 79 -38.55 15.58 -21.76
CA THR G 79 -39.49 15.41 -22.86
C THR G 79 -39.89 16.77 -23.38
N ALA G 80 -39.96 16.91 -24.71
CA ALA G 80 -40.40 18.16 -25.34
C ALA G 80 -39.70 19.40 -24.78
N THR G 81 -38.44 19.58 -25.14
CA THR G 81 -37.63 20.67 -24.61
C THR G 81 -38.18 22.02 -25.01
N LEU G 82 -38.09 22.99 -24.10
CA LEU G 82 -38.51 24.35 -24.41
C LEU G 82 -37.29 25.21 -24.30
N LEU G 83 -37.38 26.41 -24.84
CA LEU G 83 -36.27 27.36 -24.79
C LEU G 83 -35.74 27.56 -23.38
N ASP G 84 -36.65 27.73 -22.40
CA ASP G 84 -36.30 27.83 -20.96
C ASP G 84 -35.41 26.69 -20.38
N ASP G 85 -35.38 25.53 -21.05
CA ASP G 85 -34.57 24.41 -20.60
C ASP G 85 -33.08 24.63 -20.81
N THR G 86 -32.73 25.68 -21.53
CA THR G 86 -31.35 26.09 -21.69
C THR G 86 -30.71 26.41 -20.34
N ALA G 87 -29.90 25.47 -19.87
CA ALA G 87 -29.38 25.51 -18.52
C ALA G 87 -28.20 24.54 -18.38
N THR G 88 -27.57 24.50 -17.22
CA THR G 88 -26.64 23.43 -16.91
C THR G 88 -27.30 22.49 -15.94
N TYR G 89 -27.14 21.18 -16.15
CA TYR G 89 -27.76 20.19 -15.27
C TYR G 89 -26.73 19.46 -14.45
N ILE G 90 -26.91 19.46 -13.14
CA ILE G 90 -25.90 18.97 -12.21
C ILE G 90 -26.35 17.74 -11.43
N CYS G 91 -25.49 16.72 -11.42
CA CYS G 91 -25.73 15.46 -10.73
C CYS G 91 -25.13 15.47 -9.33
N VAL G 92 -25.91 15.15 -8.31
CA VAL G 92 -25.33 15.14 -6.96
C VAL G 92 -25.66 13.88 -6.17
N VAL G 93 -24.61 13.26 -5.65
CA VAL G 93 -24.69 12.03 -4.88
C VAL G 93 -24.31 12.24 -3.41
N GLY G 94 -25.23 11.93 -2.51
CA GLY G 94 -24.97 12.00 -1.07
C GLY G 94 -24.74 10.60 -0.50
N ASP G 95 -23.76 10.49 0.40
CA ASP G 95 -23.27 9.21 0.90
C ASP G 95 -23.84 8.73 2.23
N ARG G 96 -24.81 9.46 2.78
CA ARG G 96 -25.57 9.05 3.97
C ARG G 96 -26.98 9.57 3.87
N GLY G 97 -27.86 9.02 4.70
CA GLY G 97 -29.24 9.43 4.68
C GLY G 97 -29.53 10.32 5.85
N SER G 98 -28.52 11.07 6.27
CA SER G 98 -28.66 12.04 7.35
C SER G 98 -27.69 13.23 7.15
N ALA G 99 -27.65 14.13 8.12
CA ALA G 99 -26.73 15.26 8.04
C ALA G 99 -25.27 14.85 8.16
N LEU G 100 -25.05 13.57 8.47
CA LEU G 100 -23.68 13.02 8.53
C LEU G 100 -23.03 12.83 7.16
N GLY G 101 -23.79 13.07 6.10
CA GLY G 101 -23.35 12.81 4.75
C GLY G 101 -22.57 13.95 4.12
N ARG G 102 -21.90 13.64 3.01
CA ARG G 102 -21.21 14.61 2.23
C ARG G 102 -21.78 14.50 0.81
N LEU G 103 -21.96 15.63 0.15
CA LEU G 103 -22.44 15.66 -1.20
C LEU G 103 -21.26 15.60 -2.15
N HIS G 104 -21.46 14.89 -3.27
CA HIS G 104 -20.46 14.71 -4.31
C HIS G 104 -21.05 15.20 -5.61
N PHE G 105 -20.46 16.27 -6.14
CA PHE G 105 -21.02 17.05 -7.24
C PHE G 105 -20.37 16.70 -8.56
N GLY G 106 -21.17 16.47 -9.60
CA GLY G 106 -20.65 16.41 -10.97
C GLY G 106 -20.48 17.83 -11.48
N ALA G 107 -19.69 18.03 -12.53
CA ALA G 107 -19.50 19.39 -13.04
C ALA G 107 -20.57 19.82 -14.07
N GLY G 108 -21.60 19.01 -14.24
CA GLY G 108 -22.76 19.45 -15.03
C GLY G 108 -22.68 19.13 -16.50
N THR G 109 -23.83 19.20 -17.17
CA THR G 109 -23.94 19.06 -18.61
C THR G 109 -24.63 20.33 -19.09
N GLN G 110 -24.07 20.94 -20.11
CA GLN G 110 -24.58 22.20 -20.62
C GLN G 110 -25.57 21.90 -21.72
N LEU G 111 -26.78 22.43 -21.58
CA LEU G 111 -27.80 22.24 -22.60
C LEU G 111 -28.14 23.57 -23.25
N ILE G 112 -28.27 23.56 -24.58
CA ILE G 112 -28.83 24.70 -25.31
C ILE G 112 -29.99 24.24 -26.19
N VAL G 113 -31.18 24.79 -25.95
CA VAL G 113 -32.34 24.49 -26.77
C VAL G 113 -32.43 25.60 -27.81
N ILE G 114 -32.61 25.21 -29.07
CA ILE G 114 -32.72 26.15 -30.18
C ILE G 114 -34.20 26.49 -30.43
N PRO G 115 -34.55 27.81 -30.42
CA PRO G 115 -35.96 28.18 -30.45
C PRO G 115 -36.58 27.93 -31.83
N ASP G 116 -37.86 27.62 -31.83
CA ASP G 116 -38.61 27.32 -33.06
C ASP G 116 -39.21 28.61 -33.65
N ILE G 117 -38.61 29.15 -34.70
CA ILE G 117 -39.14 30.39 -35.30
C ILE G 117 -40.19 30.10 -36.37
N GLN G 118 -41.43 30.48 -36.07
CA GLN G 118 -42.60 30.16 -36.90
C GLN G 118 -42.64 30.95 -38.21
N ASN G 119 -42.83 32.27 -38.11
CA ASN G 119 -42.97 33.12 -39.29
C ASN G 119 -41.85 34.15 -39.40
N PRO G 120 -40.64 33.74 -39.86
CA PRO G 120 -39.50 34.67 -39.97
C PRO G 120 -39.84 35.87 -40.85
N ASP G 121 -39.15 36.98 -40.66
CA ASP G 121 -39.44 38.21 -41.37
C ASP G 121 -38.28 39.19 -41.24
N PRO G 122 -37.06 38.76 -41.63
CA PRO G 122 -35.82 39.50 -41.36
C PRO G 122 -35.89 40.95 -41.78
N ALA G 123 -35.37 41.83 -40.94
CA ALA G 123 -35.30 43.27 -41.23
C ALA G 123 -34.15 43.91 -40.49
N VAL G 124 -33.70 45.07 -40.99
CA VAL G 124 -32.72 45.86 -40.25
C VAL G 124 -33.31 47.25 -40.03
N TYR G 125 -33.53 47.60 -38.76
CA TYR G 125 -34.07 48.91 -38.38
C TYR G 125 -33.03 49.85 -37.74
N GLN G 126 -33.35 51.15 -37.76
CA GLN G 126 -32.51 52.14 -37.09
C GLN G 126 -33.28 52.77 -35.92
N LEU G 127 -32.59 52.87 -34.78
CA LEU G 127 -33.20 53.32 -33.54
C LEU G 127 -32.34 54.43 -32.97
N ARG G 128 -32.98 55.54 -32.58
CA ARG G 128 -32.24 56.76 -32.15
C ARG G 128 -32.23 57.01 -30.64
N ASP G 129 -31.09 57.49 -30.14
CA ASP G 129 -30.96 57.83 -28.71
C ASP G 129 -32.05 58.81 -28.28
N SER G 130 -32.71 58.48 -27.17
CA SER G 130 -33.80 59.29 -26.66
C SER G 130 -33.36 60.63 -26.08
N LYS G 131 -32.21 60.67 -25.41
CA LYS G 131 -31.72 61.93 -24.83
C LYS G 131 -30.85 62.73 -25.80
N SER G 132 -30.22 62.03 -26.75
CA SER G 132 -29.24 62.66 -27.64
C SER G 132 -29.39 62.14 -29.08
N SER G 133 -30.48 62.55 -29.72
CA SER G 133 -30.96 62.00 -31.02
C SER G 133 -29.95 61.81 -32.17
N ASP G 134 -28.76 62.40 -32.06
CA ASP G 134 -27.71 62.21 -33.08
C ASP G 134 -27.17 60.79 -33.10
N LYS G 135 -26.86 60.27 -31.91
CA LYS G 135 -26.37 58.92 -31.75
C LYS G 135 -27.48 57.89 -32.03
N SER G 136 -27.16 56.81 -32.75
CA SER G 136 -28.12 55.71 -32.97
C SER G 136 -27.51 54.31 -33.13
N VAL G 137 -28.40 53.31 -33.26
CA VAL G 137 -28.02 51.90 -33.42
C VAL G 137 -28.82 51.21 -34.56
N CYS G 138 -28.22 50.18 -35.17
CA CYS G 138 -28.89 49.35 -36.16
C CYS G 138 -29.24 47.95 -35.60
N LEU G 139 -30.48 47.53 -35.81
CA LEU G 139 -31.02 46.31 -35.21
C LEU G 139 -31.48 45.27 -36.23
N PHE G 140 -30.69 44.21 -36.37
CA PHE G 140 -31.07 43.09 -37.20
C PHE G 140 -32.02 42.25 -36.37
N THR G 141 -33.21 41.97 -36.89
CA THR G 141 -34.21 41.25 -36.09
C THR G 141 -35.16 40.34 -36.89
N ASP G 142 -35.94 39.54 -36.17
CA ASP G 142 -37.03 38.74 -36.73
C ASP G 142 -36.61 37.66 -37.74
N PHE G 143 -35.32 37.31 -37.76
CA PHE G 143 -34.82 36.24 -38.62
C PHE G 143 -34.85 34.84 -37.98
N ASP G 144 -34.74 33.79 -38.80
CA ASP G 144 -34.78 32.40 -38.33
C ASP G 144 -33.40 31.91 -37.86
N SER G 145 -33.37 30.69 -37.33
CA SER G 145 -32.19 30.15 -36.66
C SER G 145 -31.08 29.66 -37.59
N GLN G 146 -31.45 29.34 -38.83
CA GLN G 146 -30.45 29.00 -39.86
C GLN G 146 -29.51 30.17 -40.20
N THR G 147 -29.71 31.32 -39.55
CA THR G 147 -28.91 32.51 -39.80
C THR G 147 -27.89 32.75 -38.69
N ASN G 148 -26.61 32.82 -39.07
CA ASN G 148 -25.54 33.16 -38.16
C ASN G 148 -25.14 34.61 -38.29
N VAL G 149 -24.60 35.17 -37.21
CA VAL G 149 -24.18 36.58 -37.16
C VAL G 149 -22.70 36.67 -36.77
N SER G 150 -21.90 37.25 -37.65
CA SER G 150 -20.47 37.36 -37.44
C SER G 150 -20.13 38.65 -36.74
N GLN G 151 -19.06 38.64 -35.94
CA GLN G 151 -18.50 39.86 -35.36
C GLN G 151 -18.13 40.86 -36.47
N SER G 152 -17.52 41.99 -36.12
CA SER G 152 -17.26 43.04 -37.10
C SER G 152 -15.86 43.01 -37.72
N LYS G 153 -15.78 43.43 -38.97
CA LYS G 153 -14.51 43.61 -39.68
C LYS G 153 -13.67 44.74 -39.05
N ASP G 154 -14.31 45.88 -38.77
CA ASP G 154 -13.64 47.03 -38.16
C ASP G 154 -13.66 46.97 -36.63
N SER G 155 -12.56 47.39 -35.99
CA SER G 155 -12.45 47.34 -34.54
C SER G 155 -13.16 48.51 -33.86
N ASP G 156 -13.62 49.46 -34.68
CA ASP G 156 -14.33 50.65 -34.19
C ASP G 156 -15.84 50.49 -34.36
N VAL G 157 -16.25 49.34 -34.87
CA VAL G 157 -17.67 48.99 -35.01
C VAL G 157 -17.98 47.82 -34.07
N TYR G 158 -19.15 47.86 -33.44
CA TYR G 158 -19.54 46.83 -32.47
C TYR G 158 -20.80 46.04 -32.86
N ILE G 159 -20.75 44.72 -32.70
CA ILE G 159 -21.88 43.85 -33.01
C ILE G 159 -21.97 42.75 -31.97
N THR G 160 -23.17 42.61 -31.40
CA THR G 160 -23.47 41.64 -30.36
C THR G 160 -23.87 40.34 -31.01
N ASP G 161 -23.91 39.27 -30.23
CA ASP G 161 -24.35 37.98 -30.75
C ASP G 161 -25.88 37.83 -30.76
N LYS G 162 -26.39 36.95 -31.62
CA LYS G 162 -27.82 36.61 -31.66
C LYS G 162 -28.35 36.44 -30.24
N CYS G 163 -29.55 36.91 -29.99
CA CYS G 163 -30.19 36.78 -28.70
C CYS G 163 -31.67 36.53 -28.96
N VAL G 164 -32.30 35.59 -28.24
CA VAL G 164 -33.75 35.33 -28.45
C VAL G 164 -34.64 35.85 -27.30
N LEU G 165 -35.79 36.43 -27.66
CA LEU G 165 -36.75 36.98 -26.69
C LEU G 165 -38.11 36.35 -26.89
N ASP G 166 -38.83 36.13 -25.80
CA ASP G 166 -40.11 35.46 -25.85
C ASP G 166 -41.18 36.41 -25.31
N MET G 167 -42.03 36.87 -26.23
CA MET G 167 -43.19 37.66 -25.87
C MET G 167 -44.21 36.66 -25.38
N ARG G 168 -44.09 36.36 -24.09
CA ARG G 168 -44.76 35.25 -23.44
C ARG G 168 -46.27 35.27 -23.71
N SER G 169 -46.96 36.31 -23.25
CA SER G 169 -48.42 36.37 -23.34
C SER G 169 -49.00 36.36 -24.76
N MET G 170 -48.16 36.58 -25.76
CA MET G 170 -48.59 36.51 -27.17
C MET G 170 -48.13 35.24 -27.87
N ASP G 171 -47.39 34.40 -27.14
CA ASP G 171 -46.73 33.20 -27.69
C ASP G 171 -45.91 33.50 -28.94
N PHE G 172 -44.96 34.43 -28.82
CA PHE G 172 -44.20 34.89 -29.96
C PHE G 172 -42.72 35.04 -29.60
N LYS G 173 -41.85 34.45 -30.43
CA LYS G 173 -40.40 34.49 -30.25
C LYS G 173 -39.68 35.18 -31.40
N SER G 174 -38.57 35.86 -31.12
CA SER G 174 -37.80 36.51 -32.20
C SER G 174 -36.31 36.67 -31.88
N ASN G 175 -35.48 36.46 -32.89
CA ASN G 175 -34.04 36.68 -32.78
C ASN G 175 -33.65 38.12 -33.06
N SER G 176 -32.50 38.55 -32.55
CA SER G 176 -32.10 39.94 -32.67
C SER G 176 -30.62 40.15 -32.44
N ALA G 177 -30.02 41.05 -33.19
CA ALA G 177 -28.66 41.49 -32.93
C ALA G 177 -28.52 43.00 -33.12
N VAL G 178 -27.55 43.58 -32.44
CA VAL G 178 -27.45 45.02 -32.34
C VAL G 178 -26.06 45.49 -32.79
N ALA G 179 -26.04 46.48 -33.68
CA ALA G 179 -24.78 47.05 -34.17
C ALA G 179 -24.70 48.57 -34.00
N TRP G 180 -23.54 49.04 -33.56
CA TRP G 180 -23.31 50.47 -33.41
C TRP G 180 -21.87 50.84 -33.65
N SER G 181 -21.66 52.08 -34.10
CA SER G 181 -20.34 52.68 -34.27
C SER G 181 -20.39 54.20 -34.05
N ASN G 182 -19.23 54.78 -33.74
CA ASN G 182 -19.06 56.22 -33.73
C ASN G 182 -18.45 56.68 -35.07
N LYS G 183 -17.44 55.95 -35.55
CA LYS G 183 -16.82 56.20 -36.85
C LYS G 183 -17.53 55.46 -37.98
N ASP G 185 -19.44 57.59 -41.04
CA ASP G 185 -19.29 56.60 -42.12
C ASP G 185 -19.81 55.20 -41.75
N PHE G 186 -20.96 55.17 -41.07
CA PHE G 186 -21.61 53.94 -40.62
C PHE G 186 -23.14 54.03 -40.75
N ALA G 187 -23.71 53.24 -41.65
CA ALA G 187 -25.14 53.25 -41.89
C ALA G 187 -25.73 51.83 -41.95
N CYS G 188 -27.03 51.74 -41.73
CA CYS G 188 -27.67 50.45 -41.46
C CYS G 188 -27.63 49.43 -42.60
N ALA G 189 -27.66 49.92 -43.85
CA ALA G 189 -27.57 49.02 -45.00
C ALA G 189 -26.14 48.47 -45.19
N ASN G 190 -25.15 49.18 -44.66
CA ASN G 190 -23.74 48.76 -44.68
C ASN G 190 -23.28 48.06 -43.39
N ALA G 191 -24.20 47.93 -42.44
CA ALA G 191 -23.86 47.49 -41.09
C ALA G 191 -23.56 46.00 -40.97
N PHE G 192 -24.45 45.18 -41.50
CA PHE G 192 -24.33 43.73 -41.41
C PHE G 192 -23.89 43.09 -42.74
N ASN G 193 -22.88 43.67 -43.36
CA ASN G 193 -22.30 43.09 -44.58
C ASN G 193 -21.59 41.79 -44.29
N ASN G 194 -20.81 41.79 -43.22
CA ASN G 194 -19.99 40.66 -42.83
C ASN G 194 -20.76 39.39 -42.38
N SER G 195 -22.09 39.43 -42.49
CA SER G 195 -22.95 38.32 -42.08
C SER G 195 -23.79 37.81 -43.25
N ILE G 196 -23.87 36.48 -43.38
CA ILE G 196 -24.70 35.87 -44.43
C ILE G 196 -26.18 36.05 -44.11
N ILE G 197 -26.73 37.15 -44.61
CA ILE G 197 -28.10 37.55 -44.33
C ILE G 197 -29.02 37.16 -45.49
N PRO G 198 -30.24 36.68 -45.18
CA PRO G 198 -31.23 36.36 -46.24
C PRO G 198 -31.38 37.45 -47.30
N GLU G 199 -31.69 37.03 -48.52
CA GLU G 199 -31.84 37.95 -49.65
C GLU G 199 -33.14 38.77 -49.58
N ASP G 200 -34.08 38.38 -48.72
CA ASP G 200 -35.37 39.06 -48.61
C ASP G 200 -35.46 39.97 -47.38
N THR G 201 -34.30 40.30 -46.80
CA THR G 201 -34.23 41.16 -45.62
C THR G 201 -34.76 42.56 -45.94
N PHE G 202 -35.77 42.99 -45.17
CA PHE G 202 -36.41 44.31 -45.33
C PHE G 202 -35.52 45.44 -44.82
N PHE G 203 -35.22 46.40 -45.69
CA PHE G 203 -34.52 47.64 -45.33
C PHE G 203 -35.39 48.83 -45.72
N PRO G 204 -35.92 49.59 -44.72
CA PRO G 204 -36.92 50.62 -44.99
C PRO G 204 -36.35 52.01 -45.37
N SER G 205 -37.24 52.93 -45.74
CA SER G 205 -36.93 54.35 -46.00
C SER G 205 -36.32 54.56 -47.39
N ALA H 3 -37.95 26.76 3.08
CA ALA H 3 -36.64 26.77 3.76
C ALA H 3 -35.66 27.69 3.02
N ALA H 4 -35.62 28.96 3.41
CA ALA H 4 -34.86 30.00 2.71
C ALA H 4 -33.41 30.15 3.18
N VAL H 5 -32.51 30.45 2.25
CA VAL H 5 -31.11 30.81 2.59
C VAL H 5 -30.67 32.04 1.78
N THR H 6 -30.21 33.08 2.46
CA THR H 6 -29.83 34.35 1.82
C THR H 6 -28.33 34.63 1.96
N GLN H 7 -27.74 35.27 0.95
CA GLN H 7 -26.33 35.66 1.01
C GLN H 7 -26.16 37.15 0.75
N SER H 8 -25.19 37.77 1.39
CA SER H 8 -24.82 39.15 1.09
C SER H 8 -23.31 39.30 1.12
N PRO H 9 -22.75 40.06 0.17
CA PRO H 9 -23.39 40.69 -0.97
C PRO H 9 -23.68 39.63 -2.01
N ARG H 10 -24.28 40.02 -3.12
CA ARG H 10 -24.59 39.06 -4.15
C ARG H 10 -23.48 39.11 -5.18
N ASN H 11 -22.68 40.17 -5.08
CA ASN H 11 -21.63 40.48 -6.07
C ASN H 11 -20.62 41.45 -5.45
N LYS H 12 -19.32 41.18 -5.62
CA LYS H 12 -18.28 41.95 -4.93
C LYS H 12 -16.94 42.03 -5.66
N VAL H 13 -16.44 43.26 -5.81
CA VAL H 13 -15.11 43.53 -6.35
C VAL H 13 -14.14 43.90 -5.22
N ALA H 14 -12.97 43.25 -5.19
CA ALA H 14 -11.97 43.46 -4.15
C ALA H 14 -10.58 43.40 -4.74
N VAL H 15 -9.57 43.77 -3.95
CA VAL H 15 -8.21 43.89 -4.46
C VAL H 15 -7.27 42.90 -3.77
N THR H 16 -6.29 42.39 -4.52
CA THR H 16 -5.26 41.50 -3.95
C THR H 16 -4.81 42.11 -2.63
N GLY H 17 -4.61 41.27 -1.62
CA GLY H 17 -4.21 41.75 -0.30
C GLY H 17 -5.32 42.35 0.55
N GLY H 18 -6.46 42.67 -0.07
CA GLY H 18 -7.63 43.15 0.70
C GLY H 18 -8.33 42.11 1.58
N LYS H 19 -9.36 42.54 2.30
CA LYS H 19 -10.11 41.65 3.20
C LYS H 19 -11.59 41.58 2.81
N VAL H 20 -12.05 40.37 2.51
CA VAL H 20 -13.45 40.14 2.10
C VAL H 20 -14.26 39.30 3.11
N THR H 21 -15.51 39.68 3.33
CA THR H 21 -16.40 38.88 4.16
C THR H 21 -17.63 38.51 3.34
N LEU H 22 -17.83 37.21 3.14
CA LEU H 22 -19.07 36.73 2.57
C LEU H 22 -19.95 36.20 3.70
N SER H 23 -21.24 36.51 3.64
CA SER H 23 -22.14 36.22 4.77
C SER H 23 -23.36 35.43 4.34
N CYS H 24 -23.77 34.52 5.22
CA CYS H 24 -24.92 33.69 4.96
C CYS H 24 -25.92 33.74 6.08
N ASN H 25 -27.18 33.98 5.74
CA ASN H 25 -28.24 34.02 6.72
C ASN H 25 -29.35 33.03 6.45
N GLN H 26 -29.72 32.30 7.51
CA GLN H 26 -30.75 31.29 7.47
C GLN H 26 -31.63 31.44 8.71
N THR H 27 -32.94 31.52 8.50
CA THR H 27 -33.90 31.62 9.62
C THR H 27 -34.70 30.33 9.78
N ASN H 28 -34.09 29.20 9.43
CA ASN H 28 -34.78 27.90 9.43
C ASN H 28 -34.56 27.17 10.74
N ASN H 29 -33.77 27.78 11.61
CA ASN H 29 -33.24 27.14 12.81
C ASN H 29 -32.51 25.83 12.47
N HIS H 30 -31.76 25.83 11.38
CA HIS H 30 -30.93 24.69 11.04
C HIS H 30 -29.66 24.74 11.84
N ASN H 31 -29.30 23.62 12.46
CA ASN H 31 -28.02 23.52 13.16
C ASN H 31 -26.79 23.67 12.27
N ASN H 32 -26.90 23.24 11.02
CA ASN H 32 -25.74 22.99 10.16
C ASN H 32 -25.69 23.90 8.93
N MET H 33 -24.51 24.43 8.64
CA MET H 33 -24.32 25.35 7.52
C MET H 33 -22.99 25.04 6.81
N TYR H 34 -22.95 25.27 5.49
CA TYR H 34 -21.82 24.83 4.67
C TYR H 34 -21.43 25.87 3.62
N TRP H 35 -20.12 26.07 3.40
CA TRP H 35 -19.65 27.01 2.36
C TRP H 35 -18.98 26.28 1.25
N TYR H 36 -19.48 26.51 0.04
CA TYR H 36 -18.92 25.94 -1.17
C TYR H 36 -18.48 27.00 -2.20
N ARG H 37 -17.53 26.63 -3.07
CA ARG H 37 -17.25 27.43 -4.28
C ARG H 37 -17.46 26.64 -5.57
N GLN H 38 -18.07 27.31 -6.56
CA GLN H 38 -18.27 26.73 -7.89
C GLN H 38 -17.31 27.33 -8.90
N ASP H 39 -16.58 26.46 -9.61
CA ASP H 39 -15.63 26.88 -10.68
C ASP H 39 -15.79 25.99 -11.91
N THR H 40 -15.71 26.56 -13.11
CA THR H 40 -15.91 25.74 -14.32
C THR H 40 -14.94 24.56 -14.38
N GLY H 41 -15.44 23.45 -14.94
CA GLY H 41 -14.72 22.18 -14.98
C GLY H 41 -14.56 21.57 -13.60
N HIS H 42 -15.40 21.99 -12.67
CA HIS H 42 -15.43 21.45 -11.31
C HIS H 42 -16.83 21.48 -10.79
N GLY H 43 -17.18 20.53 -9.95
CA GLY H 43 -18.40 20.64 -9.18
C GLY H 43 -18.14 21.53 -7.97
N LEU H 44 -19.19 21.79 -7.19
CA LEU H 44 -19.03 22.48 -5.93
C LEU H 44 -18.06 21.71 -5.02
N ARG H 45 -17.15 22.44 -4.42
CA ARG H 45 -16.24 21.89 -3.45
C ARG H 45 -16.45 22.57 -2.11
N LEU H 46 -16.40 21.80 -1.02
CA LEU H 46 -16.67 22.34 0.30
C LEU H 46 -15.44 23.05 0.88
N ILE H 47 -15.63 24.27 1.38
CA ILE H 47 -14.52 24.98 2.03
C ILE H 47 -14.55 24.81 3.56
N HIS H 48 -15.67 25.18 4.16
CA HIS H 48 -15.85 25.09 5.59
C HIS H 48 -17.28 24.74 5.89
N TYR H 49 -17.50 24.08 7.02
CA TYR H 49 -18.84 23.90 7.48
C TYR H 49 -18.92 24.09 9.00
N SER H 50 -20.13 24.02 9.55
CA SER H 50 -20.35 24.30 10.95
C SER H 50 -21.58 23.59 11.49
N TYR H 51 -21.40 22.87 12.60
CA TYR H 51 -22.51 22.15 13.27
C TYR H 51 -23.32 22.95 14.31
N GLY H 52 -22.95 24.21 14.52
CA GLY H 52 -23.66 25.05 15.48
C GLY H 52 -22.89 26.30 15.87
N ALA H 53 -23.54 27.15 16.66
CA ALA H 53 -22.94 28.41 17.09
C ALA H 53 -21.54 28.20 17.69
N GLY H 54 -20.62 29.06 17.31
CA GLY H 54 -19.28 29.07 17.89
C GLY H 54 -18.46 27.86 17.57
N SER H 55 -18.66 27.32 16.36
CA SER H 55 -17.94 26.15 15.86
C SER H 55 -17.67 26.36 14.38
N THR H 56 -16.50 25.96 13.92
CA THR H 56 -16.25 25.87 12.48
C THR H 56 -15.38 24.67 12.19
N GLU H 57 -15.57 24.07 11.03
CA GLU H 57 -14.86 22.85 10.67
C GLU H 57 -14.27 22.98 9.28
N LYS H 58 -13.02 22.56 9.14
CA LYS H 58 -12.35 22.60 7.85
C LYS H 58 -13.03 21.60 6.92
N GLY H 59 -13.24 22.02 5.68
CA GLY H 59 -13.80 21.16 4.64
C GLY H 59 -12.71 20.50 3.82
N ASP H 60 -12.90 20.47 2.50
CA ASP H 60 -11.98 19.78 1.59
C ASP H 60 -10.94 20.69 1.04
N ILE H 61 -11.32 21.95 0.79
CA ILE H 61 -10.37 22.95 0.29
C ILE H 61 -10.32 24.22 1.16
N PRO H 62 -9.87 24.07 2.43
CA PRO H 62 -10.04 25.17 3.39
C PRO H 62 -8.97 26.28 3.28
N ASP H 63 -7.87 26.00 2.58
CA ASP H 63 -6.74 26.92 2.46
C ASP H 63 -7.03 28.34 1.91
N GLY H 64 -6.71 29.34 2.71
CA GLY H 64 -6.86 30.71 2.27
C GLY H 64 -8.17 31.28 2.74
N TYR H 65 -9.03 30.41 3.26
CA TYR H 65 -10.29 30.86 3.83
C TYR H 65 -10.26 30.62 5.33
N LYS H 66 -11.05 31.40 6.06
CA LYS H 66 -11.32 31.15 7.48
C LYS H 66 -12.79 31.48 7.63
N ALA H 67 -13.45 30.79 8.56
CA ALA H 67 -14.90 30.86 8.67
C ALA H 67 -15.30 31.24 10.07
N SER H 68 -16.50 31.80 10.24
CA SER H 68 -16.99 32.17 11.58
C SER H 68 -18.50 31.96 11.74
N ARG H 69 -18.89 31.27 12.82
CA ARG H 69 -20.30 31.03 13.10
C ARG H 69 -20.69 31.76 14.40
N PRO H 70 -20.90 33.08 14.32
CA PRO H 70 -21.31 33.85 15.49
C PRO H 70 -22.58 33.35 16.17
N SER H 71 -23.52 32.83 15.39
CA SER H 71 -24.82 32.40 15.90
C SER H 71 -25.45 31.35 14.98
N GLN H 72 -26.59 30.81 15.40
CA GLN H 72 -27.32 29.81 14.64
C GLN H 72 -27.71 30.38 13.29
N GLU H 73 -28.07 31.66 13.27
CA GLU H 73 -28.64 32.29 12.08
C GLU H 73 -27.59 32.71 11.04
N ASN H 74 -26.35 32.96 11.45
CA ASN H 74 -25.33 33.47 10.54
C ASN H 74 -24.00 32.69 10.46
N PHE H 75 -23.53 32.49 9.23
CA PHE H 75 -22.29 31.81 8.98
C PHE H 75 -21.49 32.65 8.00
N SER H 76 -20.23 32.90 8.33
CA SER H 76 -19.41 33.80 7.54
C SER H 76 -18.14 33.19 6.97
N LEU H 77 -17.86 33.56 5.73
CA LEU H 77 -16.63 33.18 5.09
C LEU H 77 -15.75 34.42 4.99
N ILE H 78 -14.51 34.28 5.46
CA ILE H 78 -13.58 35.40 5.55
C ILE H 78 -12.28 35.13 4.79
N LEU H 79 -12.09 35.85 3.71
CA LEU H 79 -10.81 35.87 3.01
C LEU H 79 -10.00 37.02 3.58
N GLU H 80 -8.92 36.70 4.28
CA GLU H 80 -8.15 37.72 4.97
C GLU H 80 -7.18 38.43 4.05
N LEU H 81 -6.47 37.67 3.23
CA LEU H 81 -5.54 38.25 2.25
C LEU H 81 -5.91 37.78 0.87
N ALA H 82 -6.90 38.44 0.30
CA ALA H 82 -7.51 38.05 -0.99
C ALA H 82 -6.49 37.90 -2.10
N THR H 83 -6.73 36.90 -2.93
CA THR H 83 -5.86 36.61 -4.06
C THR H 83 -6.73 36.42 -5.30
N PRO H 84 -6.16 36.64 -6.49
CA PRO H 84 -6.93 36.45 -7.73
C PRO H 84 -7.53 35.05 -7.89
N SER H 85 -6.87 34.03 -7.35
CA SER H 85 -7.34 32.64 -7.40
C SER H 85 -8.67 32.39 -6.66
N GLN H 86 -8.96 33.24 -5.69
CA GLN H 86 -10.23 33.18 -4.98
C GLN H 86 -11.38 33.85 -5.76
N THR H 87 -11.16 34.13 -7.04
CA THR H 87 -12.24 34.61 -7.90
C THR H 87 -13.11 33.41 -8.24
N SER H 88 -14.40 33.52 -7.93
CA SER H 88 -15.31 32.36 -7.96
C SER H 88 -16.76 32.78 -7.66
N VAL H 89 -17.68 31.82 -7.77
CA VAL H 89 -19.02 32.00 -7.23
C VAL H 89 -19.10 31.16 -5.98
N TYR H 90 -19.60 31.75 -4.89
CA TYR H 90 -19.65 31.08 -3.59
C TYR H 90 -21.08 30.76 -3.25
N PHE H 91 -21.35 29.48 -2.97
CA PHE H 91 -22.66 29.10 -2.44
C PHE H 91 -22.59 28.73 -0.98
N CYS H 92 -23.65 29.12 -0.27
CA CYS H 92 -23.84 28.75 1.11
C CYS H 92 -25.08 27.87 1.18
N ALA H 93 -25.09 26.91 2.11
CA ALA H 93 -26.28 26.06 2.33
C ALA H 93 -26.43 25.72 3.80
N SER H 94 -27.65 25.28 4.17
CA SER H 94 -27.97 24.85 5.53
C SER H 94 -28.83 23.59 5.49
N GLY H 95 -29.09 23.03 6.67
CA GLY H 95 -29.97 21.86 6.81
C GLY H 95 -29.90 21.27 8.20
N ASP H 96 -30.89 20.45 8.54
CA ASP H 96 -31.00 19.83 9.87
C ASP H 96 -30.38 18.45 9.88
N GLU H 97 -31.00 17.51 10.60
CA GLU H 97 -30.41 16.20 10.75
C GLU H 97 -30.64 15.33 9.52
N GLY H 98 -31.58 15.74 8.67
CA GLY H 98 -31.77 15.07 7.38
C GLY H 98 -30.56 15.22 6.48
N TYR H 99 -30.59 14.63 5.30
CA TYR H 99 -29.51 14.85 4.33
C TYR H 99 -29.63 16.15 3.51
N THR H 100 -30.86 16.53 3.16
CA THR H 100 -31.11 17.69 2.30
C THR H 100 -30.36 18.96 2.71
N GLN H 101 -29.63 19.56 1.78
CA GLN H 101 -29.00 20.87 2.02
C GLN H 101 -29.69 21.93 1.16
N TYR H 102 -30.07 23.03 1.79
CA TYR H 102 -30.77 24.13 1.10
C TYR H 102 -29.81 25.26 0.66
N PHE H 103 -29.72 25.51 -0.64
CA PHE H 103 -28.68 26.40 -1.15
C PHE H 103 -29.12 27.84 -1.33
N GLY H 104 -28.27 28.77 -0.91
CA GLY H 104 -28.49 30.18 -1.17
C GLY H 104 -28.25 30.50 -2.63
N PRO H 105 -28.48 31.77 -3.00
CA PRO H 105 -28.53 32.19 -4.41
C PRO H 105 -27.16 32.44 -5.05
N GLY H 106 -26.08 32.37 -4.25
CA GLY H 106 -24.74 32.56 -4.78
C GLY H 106 -24.20 33.98 -4.66
N THR H 107 -22.88 34.09 -4.62
CA THR H 107 -22.17 35.37 -4.53
C THR H 107 -21.00 35.29 -5.47
N ARG H 108 -20.95 36.21 -6.44
CA ARG H 108 -19.78 36.37 -7.31
C ARG H 108 -18.69 37.22 -6.64
N LEU H 109 -17.45 36.73 -6.66
CA LEU H 109 -16.32 37.49 -6.17
C LEU H 109 -15.30 37.65 -7.26
N LEU H 110 -14.83 38.90 -7.42
CA LEU H 110 -13.70 39.20 -8.30
C LEU H 110 -12.57 39.90 -7.56
N VAL H 111 -11.39 39.28 -7.56
CA VAL H 111 -10.20 39.86 -6.98
C VAL H 111 -9.29 40.39 -8.09
N LEU H 112 -9.17 41.71 -8.18
CA LEU H 112 -8.28 42.37 -9.12
C LEU H 112 -6.95 42.73 -8.46
N GLU H 113 -5.92 42.86 -9.30
CA GLU H 113 -4.59 43.31 -8.85
C GLU H 113 -4.65 44.73 -8.33
N ASP H 114 -5.38 45.58 -9.07
CA ASP H 114 -5.48 46.99 -8.77
C ASP H 114 -6.87 47.45 -9.13
N LEU H 115 -7.41 48.40 -8.37
CA LEU H 115 -8.74 48.94 -8.63
C LEU H 115 -8.74 50.20 -9.52
N ARG H 116 -7.58 50.53 -10.10
CA ARG H 116 -7.40 51.77 -10.86
C ARG H 116 -8.26 51.87 -12.13
N ASN H 117 -8.68 50.73 -12.67
CA ASN H 117 -9.47 50.70 -13.89
C ASN H 117 -10.99 50.75 -13.74
N VAL H 118 -11.48 50.70 -12.50
CA VAL H 118 -12.93 50.59 -12.22
C VAL H 118 -13.70 51.83 -12.67
N THR H 119 -14.75 51.60 -13.44
CA THR H 119 -15.50 52.66 -14.12
C THR H 119 -16.95 52.22 -14.34
N PRO H 120 -17.92 52.99 -13.81
CA PRO H 120 -19.35 52.76 -14.02
C PRO H 120 -19.76 52.95 -15.48
N PRO H 121 -20.90 52.38 -15.89
CA PRO H 121 -21.31 52.53 -17.28
C PRO H 121 -21.98 53.88 -17.61
N LYS H 122 -22.16 54.13 -18.91
CA LYS H 122 -23.04 55.16 -19.38
C LYS H 122 -24.17 54.40 -20.09
N VAL H 123 -25.41 54.71 -19.74
CA VAL H 123 -26.54 53.93 -20.20
C VAL H 123 -27.37 54.73 -21.18
N SER H 124 -27.81 54.12 -22.27
CA SER H 124 -28.61 54.85 -23.26
C SER H 124 -29.73 53.98 -23.79
N LEU H 125 -30.89 54.59 -23.92
CA LEU H 125 -32.08 53.90 -24.36
C LEU H 125 -32.55 54.42 -25.73
N PHE H 126 -32.48 53.54 -26.72
CA PHE H 126 -32.84 53.87 -28.06
C PHE H 126 -34.28 53.46 -28.29
N GLU H 127 -35.05 54.40 -28.83
CA GLU H 127 -36.50 54.26 -29.00
C GLU H 127 -36.83 53.47 -30.26
N PRO H 128 -37.99 52.78 -30.27
CA PRO H 128 -38.37 51.93 -31.39
C PRO H 128 -38.35 52.66 -32.74
N SER H 129 -38.43 51.87 -33.81
CA SER H 129 -38.54 52.36 -35.18
C SER H 129 -40.01 52.37 -35.62
N LYS H 130 -40.45 53.51 -36.17
CA LYS H 130 -41.81 53.63 -36.70
C LYS H 130 -42.01 52.69 -37.89
N ALA H 131 -40.90 52.36 -38.56
CA ALA H 131 -40.87 51.32 -39.60
C ALA H 131 -41.29 49.96 -39.04
N GLU H 132 -40.62 49.54 -37.97
CA GLU H 132 -40.94 48.31 -37.26
C GLU H 132 -42.43 48.29 -36.89
N ILE H 133 -42.92 49.42 -36.39
CA ILE H 133 -44.29 49.53 -35.90
C ILE H 133 -45.32 49.24 -37.00
N SER H 134 -45.17 49.92 -38.13
CA SER H 134 -45.98 49.67 -39.32
C SER H 134 -45.78 48.23 -39.83
N HIS H 135 -44.51 47.85 -39.98
CA HIS H 135 -44.15 46.56 -40.57
C HIS H 135 -44.52 45.33 -39.77
N THR H 136 -44.51 45.42 -38.44
CA THR H 136 -44.63 44.23 -37.59
C THR H 136 -45.74 44.30 -36.55
N GLN H 137 -46.26 45.50 -36.32
CA GLN H 137 -47.21 45.76 -35.25
C GLN H 137 -46.59 45.55 -33.87
N LYS H 138 -45.28 45.62 -33.81
CA LYS H 138 -44.51 45.46 -32.57
C LYS H 138 -43.40 46.55 -32.41
N ALA H 139 -42.99 46.81 -31.16
CA ALA H 139 -41.98 47.82 -30.86
C ALA H 139 -40.84 47.30 -29.98
N THR H 140 -39.64 47.30 -30.55
CA THR H 140 -38.42 46.85 -29.85
C THR H 140 -37.65 48.07 -29.32
N LEU H 141 -37.53 48.16 -28.01
CA LEU H 141 -36.67 49.14 -27.35
C LEU H 141 -35.32 48.50 -27.13
N VAL H 142 -34.25 49.24 -27.41
CA VAL H 142 -32.90 48.72 -27.15
C VAL H 142 -32.13 49.58 -26.17
N CYS H 143 -31.46 48.91 -25.23
CA CYS H 143 -30.64 49.53 -24.20
C CYS H 143 -29.20 49.22 -24.44
N LEU H 144 -28.33 50.10 -23.99
CA LEU H 144 -26.92 49.97 -24.25
C LEU H 144 -26.11 50.55 -23.11
N ALA H 145 -25.32 49.70 -22.48
CA ALA H 145 -24.44 50.13 -21.40
C ALA H 145 -23.02 50.07 -21.92
N THR H 146 -22.23 51.09 -21.62
CA THR H 146 -20.94 51.27 -22.28
C THR H 146 -19.84 51.81 -21.37
N GLY H 147 -18.60 51.49 -21.74
CA GLY H 147 -17.44 52.01 -21.07
C GLY H 147 -17.29 51.65 -19.60
N PHE H 148 -17.78 50.47 -19.22
CA PHE H 148 -17.64 50.06 -17.83
C PHE H 148 -16.59 48.98 -17.61
N TYR H 149 -16.05 48.92 -16.39
CA TYR H 149 -15.07 47.91 -15.98
C TYR H 149 -15.11 47.76 -14.45
N PRO H 150 -15.17 46.51 -13.94
CA PRO H 150 -15.19 45.21 -14.64
C PRO H 150 -16.56 44.86 -15.23
N ASP H 151 -16.76 43.59 -15.57
CA ASP H 151 -17.99 43.17 -16.23
C ASP H 151 -19.11 42.74 -15.28
N HIS H 152 -19.02 43.15 -14.02
CA HIS H 152 -20.04 42.81 -13.03
C HIS H 152 -21.19 43.77 -13.00
N VAL H 153 -22.14 43.56 -13.91
CA VAL H 153 -23.39 44.32 -13.93
C VAL H 153 -24.62 43.43 -14.01
N GLU H 154 -25.77 43.92 -13.51
CA GLU H 154 -27.09 43.28 -13.75
C GLU H 154 -27.93 44.30 -14.45
N LEU H 155 -28.49 43.92 -15.60
CA LEU H 155 -29.34 44.83 -16.34
C LEU H 155 -30.81 44.36 -16.28
N SER H 156 -31.74 45.27 -15.95
CA SER H 156 -33.17 44.96 -15.85
C SER H 156 -33.98 45.99 -16.61
N TRP H 157 -35.21 45.61 -16.95
CA TRP H 157 -36.20 46.52 -17.57
C TRP H 157 -37.38 46.78 -16.67
N TRP H 158 -37.76 48.04 -16.58
CA TRP H 158 -38.82 48.44 -15.70
C TRP H 158 -39.84 49.18 -16.47
N VAL H 159 -41.07 48.67 -16.46
CA VAL H 159 -42.19 49.40 -17.03
C VAL H 159 -43.13 49.84 -15.92
N ASN H 160 -43.38 51.15 -15.88
CA ASN H 160 -44.16 51.79 -14.82
C ASN H 160 -43.82 51.38 -13.38
N GLY H 161 -42.53 51.36 -13.08
CA GLY H 161 -42.05 51.18 -11.71
C GLY H 161 -42.05 49.72 -11.32
N LYS H 162 -42.55 48.88 -12.21
CA LYS H 162 -42.56 47.44 -11.95
C LYS H 162 -41.71 46.69 -13.00
N GLU H 163 -40.78 45.86 -12.51
CA GLU H 163 -39.80 45.22 -13.40
C GLU H 163 -40.48 44.23 -14.30
N VAL H 164 -40.10 44.20 -15.58
CA VAL H 164 -40.67 43.24 -16.53
C VAL H 164 -39.64 42.21 -16.96
N HIS H 165 -40.13 41.06 -17.41
CA HIS H 165 -39.27 39.96 -17.82
C HIS H 165 -39.65 39.44 -19.17
N SER H 166 -40.95 39.29 -19.40
CA SER H 166 -41.42 38.83 -20.70
C SER H 166 -41.00 39.77 -21.84
N GLY H 167 -40.77 39.19 -23.01
CA GLY H 167 -40.28 39.96 -24.15
C GLY H 167 -38.99 40.72 -23.92
N VAL H 168 -38.15 40.23 -23.01
CA VAL H 168 -36.80 40.80 -22.81
C VAL H 168 -35.75 39.78 -23.25
N CYS H 169 -34.59 40.27 -23.72
CA CYS H 169 -33.36 39.47 -23.71
C CYS H 169 -32.07 40.31 -23.71
N THR H 170 -31.14 39.90 -22.87
CA THR H 170 -29.85 40.57 -22.69
C THR H 170 -28.73 39.65 -23.11
N ASP H 171 -27.65 40.22 -23.63
CA ASP H 171 -26.51 39.44 -24.09
C ASP H 171 -25.99 38.59 -22.95
N PRO H 172 -25.56 37.35 -23.25
CA PRO H 172 -25.07 36.50 -22.18
C PRO H 172 -23.77 37.05 -21.64
N GLN H 173 -22.83 37.35 -22.51
CA GLN H 173 -21.57 37.93 -22.03
C GLN H 173 -21.46 39.36 -22.55
N PRO H 174 -20.81 40.26 -21.79
CA PRO H 174 -20.51 41.62 -22.27
C PRO H 174 -19.24 41.64 -23.10
N LEU H 175 -19.24 42.41 -24.19
CA LEU H 175 -18.08 42.44 -25.09
C LEU H 175 -17.00 43.48 -24.72
N LYS H 176 -15.75 43.20 -25.11
CA LYS H 176 -14.63 44.13 -24.89
C LYS H 176 -14.62 45.26 -25.90
N GLU H 177 -14.41 46.49 -25.43
CA GLU H 177 -14.50 47.66 -26.30
C GLU H 177 -13.22 47.82 -27.09
N GLN H 178 -12.10 47.64 -26.39
CA GLN H 178 -10.76 47.64 -26.98
C GLN H 178 -10.14 46.27 -26.75
N PRO H 179 -10.42 45.30 -27.64
CA PRO H 179 -9.88 43.95 -27.42
C PRO H 179 -8.35 43.98 -27.40
N ALA H 180 -7.78 44.89 -28.19
CA ALA H 180 -6.35 45.17 -28.24
C ALA H 180 -5.72 45.40 -26.86
N LEU H 181 -6.36 46.27 -26.07
CA LEU H 181 -5.89 46.59 -24.72
C LEU H 181 -6.06 45.44 -23.71
N ASN H 182 -5.19 45.40 -22.70
CA ASN H 182 -5.16 44.33 -21.70
C ASN H 182 -6.33 44.38 -20.70
N ASP H 183 -6.72 45.60 -20.31
CA ASP H 183 -7.79 45.81 -19.32
C ASP H 183 -9.03 46.48 -19.90
N SER H 184 -9.42 46.04 -21.10
CA SER H 184 -10.46 46.66 -21.87
C SER H 184 -11.69 46.92 -21.02
N ARG H 185 -12.30 48.08 -21.24
CA ARG H 185 -13.61 48.39 -20.72
C ARG H 185 -14.65 47.69 -21.58
N TYR H 186 -15.86 47.51 -21.03
CA TYR H 186 -16.88 46.68 -21.66
C TYR H 186 -18.12 47.43 -22.12
N SER H 187 -18.81 46.86 -23.12
CA SER H 187 -20.22 47.18 -23.42
C SER H 187 -21.16 45.96 -23.35
N LEU H 188 -22.45 46.23 -23.13
CA LEU H 188 -23.50 45.21 -23.04
C LEU H 188 -24.79 45.80 -23.57
N SER H 189 -25.55 45.01 -24.31
CA SER H 189 -26.81 45.48 -24.88
C SER H 189 -27.99 44.60 -24.47
N SER H 190 -29.21 45.16 -24.50
CA SER H 190 -30.42 44.42 -24.18
C SER H 190 -31.63 44.90 -24.94
N ARG H 191 -32.65 44.06 -25.07
CA ARG H 191 -33.83 44.44 -25.81
C ARG H 191 -35.07 44.06 -25.03
N LEU H 192 -36.07 44.94 -25.14
CA LEU H 192 -37.40 44.75 -24.60
C LEU H 192 -38.31 44.99 -25.76
N ARG H 193 -39.30 44.14 -25.95
CA ARG H 193 -40.21 44.26 -27.07
C ARG H 193 -41.65 44.19 -26.59
N VAL H 194 -42.41 45.22 -26.96
CA VAL H 194 -43.83 45.29 -26.60
C VAL H 194 -44.67 45.42 -27.87
N SER H 195 -45.99 45.33 -27.72
CA SER H 195 -46.92 45.61 -28.82
C SER H 195 -46.92 47.11 -29.13
N ALA H 196 -47.21 47.46 -30.39
CA ALA H 196 -47.18 48.86 -30.78
C ALA H 196 -48.18 49.72 -29.98
N THR H 197 -49.40 49.21 -29.78
CA THR H 197 -50.38 49.94 -28.98
C THR H 197 -49.81 50.26 -27.61
N PHE H 198 -49.10 49.30 -27.01
CA PHE H 198 -48.49 49.51 -25.70
C PHE H 198 -47.42 50.62 -25.70
N TRP H 199 -46.59 50.66 -26.74
CA TRP H 199 -45.60 51.71 -26.86
C TRP H 199 -46.22 53.05 -27.19
N GLN H 200 -47.30 53.03 -27.95
CA GLN H 200 -47.95 54.26 -28.41
C GLN H 200 -48.67 55.02 -27.30
N ASN H 201 -48.82 54.37 -26.15
CA ASN H 201 -49.46 54.96 -25.00
C ASN H 201 -48.51 55.88 -24.19
N PRO H 202 -48.80 57.21 -24.18
CA PRO H 202 -47.92 58.19 -23.53
C PRO H 202 -47.92 58.15 -22.00
N ARG H 203 -48.70 57.24 -21.44
CA ARG H 203 -48.72 57.04 -19.99
C ARG H 203 -47.80 55.89 -19.59
N ASN H 204 -47.29 55.19 -20.58
CA ASN H 204 -46.32 54.12 -20.33
C ASN H 204 -44.87 54.59 -20.20
N HIS H 205 -44.32 54.39 -19.01
CA HIS H 205 -42.96 54.83 -18.73
C HIS H 205 -41.97 53.72 -18.76
N PHE H 206 -41.01 53.82 -19.69
CA PHE H 206 -40.04 52.77 -19.97
C PHE H 206 -38.68 53.14 -19.41
N ARG H 207 -38.04 52.18 -18.74
CA ARG H 207 -36.74 52.44 -18.12
C ARG H 207 -35.78 51.24 -18.13
N CYS H 208 -34.56 51.51 -18.56
CA CYS H 208 -33.52 50.52 -18.63
C CYS H 208 -32.61 50.77 -17.47
N GLN H 209 -32.54 49.82 -16.54
CA GLN H 209 -31.72 49.98 -15.34
C GLN H 209 -30.49 49.10 -15.34
N VAL H 210 -29.31 49.68 -15.19
CA VAL H 210 -28.09 48.89 -15.00
C VAL H 210 -27.55 49.10 -13.62
N GLN H 211 -27.42 47.99 -12.88
CA GLN H 211 -26.78 47.99 -11.57
C GLN H 211 -25.32 47.62 -11.73
N PHE H 212 -24.45 48.52 -11.26
CA PHE H 212 -23.01 48.39 -11.42
C PHE H 212 -22.42 48.05 -10.08
N TYR H 213 -21.49 47.10 -10.07
CA TYR H 213 -20.78 46.75 -8.86
C TYR H 213 -19.35 47.20 -8.97
N GLY H 214 -18.91 47.96 -7.99
CA GLY H 214 -17.54 48.46 -7.96
C GLY H 214 -17.08 48.64 -6.53
N LEU H 215 -16.60 49.85 -6.22
CA LEU H 215 -15.96 50.10 -4.95
C LEU H 215 -16.95 50.30 -3.82
N SER H 216 -16.57 49.77 -2.66
CA SER H 216 -17.26 50.04 -1.41
C SER H 216 -17.04 51.50 -1.04
N GLU H 217 -17.78 51.97 -0.04
CA GLU H 217 -17.56 53.28 0.58
C GLU H 217 -16.24 53.29 1.34
N ASN H 218 -15.81 52.12 1.78
CA ASN H 218 -14.58 51.97 2.57
C ASN H 218 -13.30 51.78 1.76
N ASP H 219 -13.40 51.76 0.43
CA ASP H 219 -12.22 51.64 -0.42
C ASP H 219 -11.58 53.01 -0.56
N GLU H 220 -10.26 53.04 -0.70
CA GLU H 220 -9.53 54.30 -0.90
C GLU H 220 -9.53 54.70 -2.39
N TRP H 221 -9.45 56.00 -2.64
CA TRP H 221 -9.44 56.53 -4.02
C TRP H 221 -8.64 57.80 -4.11
N THR H 222 -7.55 57.74 -4.87
CA THR H 222 -6.63 58.86 -5.01
C THR H 222 -6.91 59.65 -6.28
N GLN H 223 -7.22 58.92 -7.36
CA GLN H 223 -7.38 59.51 -8.69
C GLN H 223 -8.35 60.68 -8.74
N ASP H 224 -8.31 61.41 -9.85
CA ASP H 224 -8.99 62.67 -9.97
C ASP H 224 -10.48 62.49 -10.28
N ARG H 225 -10.78 61.73 -11.33
CA ARG H 225 -12.18 61.45 -11.71
C ARG H 225 -12.99 60.81 -10.57
N ALA H 226 -14.30 61.06 -10.60
CA ALA H 226 -15.24 60.58 -9.58
C ALA H 226 -15.07 59.12 -9.17
N LYS H 227 -15.22 58.86 -7.86
CA LYS H 227 -15.04 57.52 -7.27
C LYS H 227 -16.08 56.49 -7.74
N PRO H 228 -15.63 55.39 -8.41
CA PRO H 228 -16.51 54.42 -9.05
C PRO H 228 -17.15 53.43 -8.06
N VAL H 229 -17.99 53.96 -7.19
CA VAL H 229 -18.73 53.14 -6.26
C VAL H 229 -19.85 52.36 -6.94
N THR H 230 -20.33 51.35 -6.22
CA THR H 230 -21.46 50.55 -6.62
C THR H 230 -22.65 51.47 -6.75
N GLN H 231 -23.23 51.51 -7.94
CA GLN H 231 -24.36 52.37 -8.20
C GLN H 231 -25.30 51.79 -9.25
N ILE H 232 -26.48 52.41 -9.35
CA ILE H 232 -27.37 52.16 -10.47
C ILE H 232 -27.21 53.32 -11.46
N VAL H 233 -27.27 52.99 -12.75
CA VAL H 233 -27.23 54.00 -13.80
C VAL H 233 -28.25 53.54 -14.79
N SER H 234 -29.10 54.45 -15.26
CA SER H 234 -30.23 54.08 -16.11
C SER H 234 -30.58 55.13 -17.12
N ALA H 235 -31.40 54.73 -18.08
CA ALA H 235 -31.93 55.62 -19.08
C ALA H 235 -33.43 55.35 -19.14
N GLU H 236 -34.19 56.32 -19.65
CA GLU H 236 -35.65 56.21 -19.64
C GLU H 236 -36.32 56.86 -20.86
N ALA H 237 -37.56 56.48 -21.11
CA ALA H 237 -38.31 57.04 -22.20
C ALA H 237 -39.81 56.86 -22.00
N TRP H 238 -40.59 57.75 -22.59
CA TRP H 238 -42.05 57.72 -22.50
C TRP H 238 -42.65 57.29 -23.78
N GLY H 239 -43.68 56.44 -23.69
CA GLY H 239 -44.40 55.98 -24.86
C GLY H 239 -45.01 57.15 -25.62
N ARG H 240 -45.05 57.04 -26.94
CA ARG H 240 -45.64 58.10 -27.77
C ARG H 240 -46.46 57.53 -28.94
N ALA H 241 -47.49 58.26 -29.35
CA ALA H 241 -48.45 57.75 -30.34
C ALA H 241 -48.11 58.09 -31.80
C1 NAG I . 2.21 -9.60 -8.17
C2 NAG I . 2.09 -8.20 -8.78
C3 NAG I . 3.39 -7.42 -8.63
C4 NAG I . 3.71 -7.24 -7.15
C5 NAG I . 3.71 -8.61 -6.44
C6 NAG I . 3.64 -8.42 -4.91
C7 NAG I . 0.95 -7.33 -10.78
C8 NAG I . 0.58 -7.59 -12.21
N2 NAG I . 1.66 -8.31 -10.16
O3 NAG I . 3.37 -6.16 -9.25
O4 NAG I . 4.95 -6.57 -7.07
O5 NAG I . 2.66 -9.51 -6.83
O6 NAG I . 2.31 -8.61 -4.45
O7 NAG I . 0.62 -6.28 -10.26
C1 NAG I . 5.01 -5.60 -6.00
C2 NAG I . 6.46 -5.25 -5.68
C3 NAG I . 6.62 -4.07 -4.72
C4 NAG I . 5.49 -3.04 -4.76
C5 NAG I . 4.13 -3.65 -5.12
C6 NAG I . 3.06 -2.60 -5.36
C7 NAG I . 8.29 -6.81 -5.36
C8 NAG I . 8.79 -8.01 -4.60
N2 NAG I . 7.08 -6.38 -5.04
O3 NAG I . 7.85 -3.48 -5.01
O4 NAG I . 5.40 -2.40 -3.50
O5 NAG I . 4.28 -4.43 -6.29
O6 NAG I . 2.98 -2.27 -6.73
O7 NAG I . 8.97 -6.28 -6.24
C1 NAG J . 11.66 -38.83 0.03
C2 NAG J . 12.88 -39.37 0.77
C3 NAG J . 13.91 -39.77 -0.30
C4 NAG J . 13.39 -40.75 -1.36
C5 NAG J . 12.15 -40.01 -1.96
C6 NAG J . 11.38 -40.52 -3.21
C7 NAG J . 13.02 -38.01 2.89
C8 NAG J . 13.88 -37.05 3.67
N2 NAG J . 13.50 -38.44 1.70
O3 NAG J . 15.02 -40.28 0.38
O4 NAG J . 14.40 -40.95 -2.34
O5 NAG J . 11.20 -39.76 -0.94
O6 NAG J . 11.72 -41.82 -3.60
O7 NAG J . 11.94 -38.35 3.36
C1 NAG J . 15.52 -41.82 -2.05
C2 NAG J . 16.19 -42.24 -3.36
C3 NAG J . 17.53 -43.00 -3.20
C4 NAG J . 18.34 -42.69 -1.94
C5 NAG J . 17.44 -42.26 -0.77
C6 NAG J . 18.25 -41.82 0.45
C7 NAG J . 14.68 -42.54 -5.23
C8 NAG J . 13.68 -43.41 -5.93
N2 NAG J . 15.23 -43.02 -4.11
O3 NAG J . 18.35 -42.66 -4.31
O4 NAG J . 19.07 -43.84 -1.57
O5 NAG J . 16.53 -41.26 -1.24
O6 NAG J . 18.33 -40.41 0.53
O7 NAG J . 14.96 -41.44 -5.71
C1 NAG K . -38.79 -5.67 13.45
C2 NAG K . -39.90 -4.97 12.67
C3 NAG K . -40.56 -3.84 13.47
C4 NAG K . -40.93 -4.19 14.91
C5 NAG K . -39.80 -5.00 15.55
C6 NAG K . -40.20 -5.56 16.92
C7 NAG K . -39.39 -5.12 10.25
C8 NAG K . -38.89 -4.36 9.05
N2 NAG K . -39.44 -4.44 11.41
O3 NAG K . -41.71 -3.39 12.78
O4 NAG K . -41.10 -3.00 15.67
O5 NAG K . -39.34 -6.06 14.71
O6 NAG K . -39.06 -6.09 17.55
O7 NAG K . -39.70 -6.29 10.14
C1 NAG K . -42.46 -2.67 15.96
C2 NAG K . -42.51 -1.81 17.23
C3 NAG K . -43.91 -1.27 17.50
C4 NAG K . -44.59 -0.70 16.27
C5 NAG K . -44.47 -1.75 15.15
C6 NAG K . -45.21 -1.40 13.86
C7 NAG K . -41.20 -2.25 19.30
C8 NAG K . -40.87 -3.27 20.35
N2 NAG K . -42.05 -2.64 18.35
O3 NAG K . -43.85 -0.28 18.51
O4 NAG K . -45.95 -0.33 16.53
O5 NAG K . -43.09 -1.98 14.91
O6 NAG K . -44.34 -0.81 12.92
O7 NAG K . -40.70 -1.12 19.36
C1 NAG L . 6.63 -4.70 -19.23
C2 NAG L . 6.86 -3.28 -19.75
C3 NAG L . 5.72 -2.36 -19.34
C4 NAG L . 4.38 -2.96 -19.82
C5 NAG L . 4.25 -4.37 -19.25
C6 NAG L . 2.88 -4.98 -19.54
C7 NAG L . 9.17 -2.44 -20.06
C8 NAG L . 10.38 -1.88 -19.37
N2 NAG L . 8.13 -2.72 -19.27
O3 NAG L . 5.99 -1.09 -19.86
O4 NAG L . 3.26 -2.19 -19.43
O5 NAG L . 5.36 -5.17 -19.69
O6 NAG L . 2.95 -6.17 -20.30
O7 NAG L . 9.16 -2.62 -21.29
C1 49X M . 16.41 -19.87 0.13
CBB 49X M . 14.76 -20.21 -16.71
CBA 49X M . 13.62 -20.91 -15.95
CAZ 49X M . 14.14 -22.12 -15.14
CAY 49X M . 13.10 -23.25 -15.12
CAX 49X M . 13.41 -24.21 -13.97
CAW 49X M . 12.51 -23.93 -12.76
CAV 49X M . 12.24 -25.22 -12.02
CAU 49X M . 12.04 -24.95 -10.55
CAT 49X M . 11.39 -23.58 -10.31
CAS 49X M . 10.72 -23.50 -8.93
CAR 49X M . 11.32 -24.49 -7.90
CAQ 49X M . 11.36 -23.92 -6.48
CAP 49X M . 12.47 -22.88 -6.35
CAO 49X M . 12.88 -22.70 -4.90
CAN 49X M . 13.87 -21.53 -4.88
OBN 49X M . 13.25 -20.29 -5.25
CAM 49X M . 14.55 -21.29 -3.56
OBL 49X M . 15.39 -20.21 -3.90
CAL 49X M . 13.62 -20.86 -2.40
CAK 49X M . 14.38 -20.06 -1.31
CAH 49X M . 15.58 -20.55 -0.78
OG 49X M . 15.78 -19.34 1.34
CG 49X M . 15.03 -20.42 1.97
CG5 49X M . 14.00 -19.91 2.96
OG6 49X M . 13.78 -20.96 3.86
CG4 49X M . 16.00 -21.53 2.48
OG5 49X M . 16.75 -21.09 3.61
CG3 49X M . 16.95 -22.02 1.37
OG4 49X M . 17.96 -22.81 2.00
CG2 49X M . 17.54 -20.83 0.58
OG3 49X M . 18.30 -21.23 -0.57
NBC 49X M . 12.98 -22.06 -1.81
CBD 49X M . 11.96 -21.97 -0.96
OBM 49X M . 11.49 -20.91 -0.53
CBE 49X M . 11.41 -23.31 -0.51
CBF 49X M . 9.95 -23.45 -0.92
CBG 49X M . 9.66 -24.87 -1.44
CBH 49X M . 9.21 -24.88 -2.90
CBI 49X M . 7.78 -25.39 -3.06
CBJ 49X M . 7.21 -24.97 -4.41
CBK 49X M . 6.33 -26.07 -5.02
CBO 49X M . 4.99 -25.51 -5.55
CBR 49X M . 4.52 -24.23 -5.20
CBS 49X M . 3.31 -23.73 -5.67
CBT 49X M . 2.53 -24.53 -6.51
CBU 49X M . 2.97 -25.81 -6.87
CBV 49X M . 4.19 -26.30 -6.38
C1 NAG N . -2.70 9.92 17.72
C2 NAG N . -1.40 10.71 17.41
C3 NAG N . -0.15 9.84 17.18
C4 NAG N . -0.14 8.50 17.94
C5 NAG N . -1.52 7.86 17.87
C6 NAG N . -1.57 6.48 18.55
C7 NAG N . -1.79 12.95 16.44
C8 NAG N . -1.97 13.77 15.18
N2 NAG N . -1.59 11.64 16.29
O3 NAG N . 0.98 10.56 17.62
O4 NAG N . 0.86 7.65 17.42
O5 NAG N . -2.44 8.75 18.47
O6 NAG N . -1.55 6.61 19.96
O7 NAG N . -1.82 13.52 17.55
C1 NAG O . -7.39 0.18 10.71
C2 NAG O . -6.18 1.12 10.78
C3 NAG O . -6.42 2.41 10.00
C4 NAG O . -6.64 2.01 8.55
C5 NAG O . -7.95 1.22 8.57
C6 NAG O . -8.38 0.79 7.17
C7 NAG O . -4.68 1.02 12.68
C8 NAG O . -4.39 1.47 14.08
N2 NAG O . -5.80 1.47 12.14
O3 NAG O . -5.33 3.28 10.17
O4 NAG O . -6.69 3.12 7.68
O5 NAG O . -7.76 0.03 9.35
O6 NAG O . -8.27 -0.62 7.10
O7 NAG O . -3.89 0.27 12.10
C1 49X P . -25.44 5.10 4.83
CBB 49X P . -19.89 10.25 19.66
CBA 49X P . -20.47 8.88 20.07
CAZ 49X P . -21.93 8.75 19.61
CAY 49X P . -22.48 7.35 19.88
CAX 49X P . -22.91 6.68 18.58
CAW 49X P . -22.93 5.16 18.80
CAV 49X P . -24.31 4.53 18.60
CAU 49X P . -24.21 3.29 17.71
CAT 49X P . -23.22 3.57 16.57
CAS 49X P . -23.35 2.57 15.44
CAR 49X P . -24.49 2.96 14.50
CAQ 49X P . -24.45 2.10 13.25
CAP 49X P . -23.67 2.82 12.18
CAO 49X P . -24.66 3.45 11.21
CAN 49X P . -24.03 4.64 10.51
OBN 49X P . -22.63 4.49 10.37
CAM 49X P . -24.61 4.78 9.13
OBL 49X P . -24.20 6.08 8.70
CAL 49X P . -24.14 3.63 8.15
CAK 49X P . -24.16 4.09 6.68
CAH 49X P . -25.35 4.57 6.12
OG 49X P . -25.16 4.24 3.70
CG 49X P . -25.94 3.07 3.74
CG5 49X P . -25.23 2.20 2.74
OG6 49X P . -26.28 1.53 2.11
CG4 49X P . -27.41 3.46 3.46
OG5 49X P . -27.53 3.92 2.12
CG3 49X P . -27.88 4.53 4.47
OG4 49X P . -29.17 5.07 4.13
CG2 49X P . -26.85 5.67 4.59
OG3 49X P . -27.13 6.54 5.68
NBC 49X P . -25.03 2.47 8.32
CBD 49X P . -24.70 1.30 7.80
OBM 49X P . -23.66 1.11 7.16
CBE 49X P . -25.71 0.18 8.08
CBF 49X P . -25.00 -1.14 8.43
CBG 49X P . -25.66 -1.86 9.61
CBH 49X P . -24.87 -1.65 10.91
CBI 49X P . -24.55 -2.96 11.67
CBJ 49X P . -23.59 -2.70 12.86
CBK 49X P . -24.00 -3.43 14.13
CBO 49X P . -22.92 -4.37 14.70
CBR 49X P . -22.01 -5.04 13.88
CBS 49X P . -21.04 -5.90 14.42
CBT 49X P . -20.98 -6.13 15.79
CBU 49X P . -21.89 -5.47 16.61
CBV 49X P . -22.85 -4.61 16.07
#